data_2HCU
# 
_entry.id   2HCU 
# 
_audit_conform.dict_name       mmcif_pdbx.dic 
_audit_conform.dict_version    5.388 
_audit_conform.dict_location   http://mmcif.pdb.org/dictionaries/ascii/mmcif_pdbx.dic 
# 
loop_
_database_2.database_id 
_database_2.database_code 
_database_2.pdbx_database_accession 
_database_2.pdbx_DOI 
PDB   2HCU         pdb_00002hcu 10.2210/pdb2hcu/pdb 
RCSB  RCSB038205   ?            ?                   
WWPDB D_1000038205 ?            ?                   
# 
loop_
_pdbx_audit_revision_history.ordinal 
_pdbx_audit_revision_history.data_content_type 
_pdbx_audit_revision_history.major_revision 
_pdbx_audit_revision_history.minor_revision 
_pdbx_audit_revision_history.revision_date 
1 'Structure model' 1 0 2006-07-04 
2 'Structure model' 1 1 2008-05-01 
3 'Structure model' 1 2 2011-07-13 
4 'Structure model' 1 3 2017-10-18 
5 'Structure model' 1 4 2024-03-13 
# 
_pdbx_audit_revision_details.ordinal             1 
_pdbx_audit_revision_details.revision_ordinal    1 
_pdbx_audit_revision_details.data_content_type   'Structure model' 
_pdbx_audit_revision_details.provider            repository 
_pdbx_audit_revision_details.type                'Initial release' 
_pdbx_audit_revision_details.description         ? 
_pdbx_audit_revision_details.details             ? 
# 
loop_
_pdbx_audit_revision_group.ordinal 
_pdbx_audit_revision_group.revision_ordinal 
_pdbx_audit_revision_group.data_content_type 
_pdbx_audit_revision_group.group 
1 2 'Structure model' 'Version format compliance' 
2 3 'Structure model' 'Version format compliance' 
3 4 'Structure model' 'Refinement description'    
4 5 'Structure model' 'Data collection'           
5 5 'Structure model' 'Database references'       
6 5 'Structure model' 'Derived calculations'      
# 
loop_
_pdbx_audit_revision_category.ordinal 
_pdbx_audit_revision_category.revision_ordinal 
_pdbx_audit_revision_category.data_content_type 
_pdbx_audit_revision_category.category 
1 4 'Structure model' software           
2 5 'Structure model' chem_comp_atom     
3 5 'Structure model' chem_comp_bond     
4 5 'Structure model' database_2         
5 5 'Structure model' struct_ref_seq_dif 
6 5 'Structure model' struct_site        
# 
loop_
_pdbx_audit_revision_item.ordinal 
_pdbx_audit_revision_item.revision_ordinal 
_pdbx_audit_revision_item.data_content_type 
_pdbx_audit_revision_item.item 
1 4 'Structure model' '_software.classification'            
2 4 'Structure model' '_software.name'                      
3 5 'Structure model' '_database_2.pdbx_DOI'                
4 5 'Structure model' '_database_2.pdbx_database_accession' 
5 5 'Structure model' '_struct_ref_seq_dif.details'         
6 5 'Structure model' '_struct_site.pdbx_auth_asym_id'      
7 5 'Structure model' '_struct_site.pdbx_auth_comp_id'      
8 5 'Structure model' '_struct_site.pdbx_auth_seq_id'       
# 
_pdbx_database_status.status_code                     REL 
_pdbx_database_status.entry_id                        2HCU 
_pdbx_database_status.recvd_initial_deposition_date   2006-06-19 
_pdbx_database_status.deposit_site                    RCSB 
_pdbx_database_status.process_site                    PDBJ 
_pdbx_database_status.status_code_sf                  REL 
_pdbx_database_status.status_code_mr                  ? 
_pdbx_database_status.SG_entry                        ? 
_pdbx_database_status.pdb_format_compatible           Y 
_pdbx_database_status.status_code_cs                  ? 
_pdbx_database_status.methods_development_category    ? 
_pdbx_database_status.status_code_nmr_data            ? 
# 
loop_
_audit_author.name 
_audit_author.pdbx_ordinal 
'Gao, Z.Q.'   1 
'Hou, H.F.'   2 
'Li, L.F.'    3 
'Liang, Y.H.' 4 
'Su, X.D.'    5 
'Dong, Y.H.'  6 
# 
_citation.id                        primary 
_citation.title                     'Crystal Structure Of Smu.1381 (or LeuD) from Streptococcus Mutans' 
_citation.journal_abbrev            'To be Published' 
_citation.journal_volume            ? 
_citation.page_first                ? 
_citation.page_last                 ? 
_citation.year                      ? 
_citation.journal_id_ASTM           ? 
_citation.country                   ? 
_citation.journal_id_ISSN           ? 
_citation.journal_id_CSD            0353 
_citation.book_publisher            ? 
_citation.pdbx_database_id_PubMed   ? 
_citation.pdbx_database_id_DOI      ? 
# 
loop_
_citation_author.citation_id 
_citation_author.name 
_citation_author.ordinal 
_citation_author.identifier_ORCID 
primary 'Gao, Z.Q.'   1  ? 
primary 'Hou, H.F.'   2  ? 
primary 'Xu, R.'      3  ? 
primary 'Li, L.Q.'    4  ? 
primary 'Xu, J.H.'    5  ? 
primary 'Li, L.F.'    6  ? 
primary 'Liang, Y.H.' 7  ? 
primary 'Su, X.D.'    8  ? 
primary 'Liu, P.'     9  ? 
primary 'Dong, Y.H.'  10 ? 
# 
loop_
_entity.id 
_entity.type 
_entity.src_method 
_entity.pdbx_description 
_entity.formula_weight 
_entity.pdbx_number_of_molecules 
_entity.pdbx_ec 
_entity.pdbx_mutation 
_entity.pdbx_fragment 
_entity.details 
1 polymer     man '3-isopropylmalate dehydratase small subunit' 24375.229 1   4.2.1.33 ? ? ? 
2 non-polymer syn 'SULFATE ION'                                 96.063    3   ?        ? ? ? 
3 water       nat water                                         18.015    117 ?        ? ? ? 
# 
_entity_name_com.entity_id   1 
_entity_name_com.name        'Isopropylmalate isomerase, Alpha-IPM isomerase, IPMI' 
# 
_entity_poly.entity_id                      1 
_entity_poly.type                           'polypeptide(L)' 
_entity_poly.nstd_linkage                   no 
_entity_poly.nstd_monomer                   no 
_entity_poly.pdbx_seq_one_letter_code       
;GSHMASMTGGQQMGRGSMEEFTIYTGTTVPLMNDNIDTDQILPKQFLKLIDKKGFGKYLMYEWRYLDNNYTENPDFIFNQ
PEYREASILITGDNFGAGSSREHAAWALADYGFKVIVAGSFGDIHYNNDLNNGILPIIQPKEVRDKLAKLKPTDEVTVNL
FEQKIYSPVGDFSFDIDGEWKHKLLNGLDDIGITLQYEDLIAQYEQNRPSYWH
;
_entity_poly.pdbx_seq_one_letter_code_can   
;GSHMASMTGGQQMGRGSMEEFTIYTGTTVPLMNDNIDTDQILPKQFLKLIDKKGFGKYLMYEWRYLDNNYTENPDFIFNQ
PEYREASILITGDNFGAGSSREHAAWALADYGFKVIVAGSFGDIHYNNDLNNGILPIIQPKEVRDKLAKLKPTDEVTVNL
FEQKIYSPVGDFSFDIDGEWKHKLLNGLDDIGITLQYEDLIAQYEQNRPSYWH
;
_entity_poly.pdbx_strand_id                 A 
_entity_poly.pdbx_target_identifier         ? 
# 
loop_
_pdbx_entity_nonpoly.entity_id 
_pdbx_entity_nonpoly.name 
_pdbx_entity_nonpoly.comp_id 
2 'SULFATE ION' SO4 
3 water         HOH 
# 
loop_
_entity_poly_seq.entity_id 
_entity_poly_seq.num 
_entity_poly_seq.mon_id 
_entity_poly_seq.hetero 
1 1   GLY n 
1 2   SER n 
1 3   HIS n 
1 4   MET n 
1 5   ALA n 
1 6   SER n 
1 7   MET n 
1 8   THR n 
1 9   GLY n 
1 10  GLY n 
1 11  GLN n 
1 12  GLN n 
1 13  MET n 
1 14  GLY n 
1 15  ARG n 
1 16  GLY n 
1 17  SER n 
1 18  MET n 
1 19  GLU n 
1 20  GLU n 
1 21  PHE n 
1 22  THR n 
1 23  ILE n 
1 24  TYR n 
1 25  THR n 
1 26  GLY n 
1 27  THR n 
1 28  THR n 
1 29  VAL n 
1 30  PRO n 
1 31  LEU n 
1 32  MET n 
1 33  ASN n 
1 34  ASP n 
1 35  ASN n 
1 36  ILE n 
1 37  ASP n 
1 38  THR n 
1 39  ASP n 
1 40  GLN n 
1 41  ILE n 
1 42  LEU n 
1 43  PRO n 
1 44  LYS n 
1 45  GLN n 
1 46  PHE n 
1 47  LEU n 
1 48  LYS n 
1 49  LEU n 
1 50  ILE n 
1 51  ASP n 
1 52  LYS n 
1 53  LYS n 
1 54  GLY n 
1 55  PHE n 
1 56  GLY n 
1 57  LYS n 
1 58  TYR n 
1 59  LEU n 
1 60  MET n 
1 61  TYR n 
1 62  GLU n 
1 63  TRP n 
1 64  ARG n 
1 65  TYR n 
1 66  LEU n 
1 67  ASP n 
1 68  ASN n 
1 69  ASN n 
1 70  TYR n 
1 71  THR n 
1 72  GLU n 
1 73  ASN n 
1 74  PRO n 
1 75  ASP n 
1 76  PHE n 
1 77  ILE n 
1 78  PHE n 
1 79  ASN n 
1 80  GLN n 
1 81  PRO n 
1 82  GLU n 
1 83  TYR n 
1 84  ARG n 
1 85  GLU n 
1 86  ALA n 
1 87  SER n 
1 88  ILE n 
1 89  LEU n 
1 90  ILE n 
1 91  THR n 
1 92  GLY n 
1 93  ASP n 
1 94  ASN n 
1 95  PHE n 
1 96  GLY n 
1 97  ALA n 
1 98  GLY n 
1 99  SER n 
1 100 SER n 
1 101 ARG n 
1 102 GLU n 
1 103 HIS n 
1 104 ALA n 
1 105 ALA n 
1 106 TRP n 
1 107 ALA n 
1 108 LEU n 
1 109 ALA n 
1 110 ASP n 
1 111 TYR n 
1 112 GLY n 
1 113 PHE n 
1 114 LYS n 
1 115 VAL n 
1 116 ILE n 
1 117 VAL n 
1 118 ALA n 
1 119 GLY n 
1 120 SER n 
1 121 PHE n 
1 122 GLY n 
1 123 ASP n 
1 124 ILE n 
1 125 HIS n 
1 126 TYR n 
1 127 ASN n 
1 128 ASN n 
1 129 ASP n 
1 130 LEU n 
1 131 ASN n 
1 132 ASN n 
1 133 GLY n 
1 134 ILE n 
1 135 LEU n 
1 136 PRO n 
1 137 ILE n 
1 138 ILE n 
1 139 GLN n 
1 140 PRO n 
1 141 LYS n 
1 142 GLU n 
1 143 VAL n 
1 144 ARG n 
1 145 ASP n 
1 146 LYS n 
1 147 LEU n 
1 148 ALA n 
1 149 LYS n 
1 150 LEU n 
1 151 LYS n 
1 152 PRO n 
1 153 THR n 
1 154 ASP n 
1 155 GLU n 
1 156 VAL n 
1 157 THR n 
1 158 VAL n 
1 159 ASN n 
1 160 LEU n 
1 161 PHE n 
1 162 GLU n 
1 163 GLN n 
1 164 LYS n 
1 165 ILE n 
1 166 TYR n 
1 167 SER n 
1 168 PRO n 
1 169 VAL n 
1 170 GLY n 
1 171 ASP n 
1 172 PHE n 
1 173 SER n 
1 174 PHE n 
1 175 ASP n 
1 176 ILE n 
1 177 ASP n 
1 178 GLY n 
1 179 GLU n 
1 180 TRP n 
1 181 LYS n 
1 182 HIS n 
1 183 LYS n 
1 184 LEU n 
1 185 LEU n 
1 186 ASN n 
1 187 GLY n 
1 188 LEU n 
1 189 ASP n 
1 190 ASP n 
1 191 ILE n 
1 192 GLY n 
1 193 ILE n 
1 194 THR n 
1 195 LEU n 
1 196 GLN n 
1 197 TYR n 
1 198 GLU n 
1 199 ASP n 
1 200 LEU n 
1 201 ILE n 
1 202 ALA n 
1 203 GLN n 
1 204 TYR n 
1 205 GLU n 
1 206 GLN n 
1 207 ASN n 
1 208 ARG n 
1 209 PRO n 
1 210 SER n 
1 211 TYR n 
1 212 TRP n 
1 213 HIS n 
# 
_entity_src_gen.entity_id                          1 
_entity_src_gen.pdbx_src_id                        1 
_entity_src_gen.pdbx_alt_source_flag               sample 
_entity_src_gen.pdbx_seq_type                      ? 
_entity_src_gen.pdbx_beg_seq_num                   ? 
_entity_src_gen.pdbx_end_seq_num                   ? 
_entity_src_gen.gene_src_common_name               ? 
_entity_src_gen.gene_src_genus                     Streptococcus 
_entity_src_gen.pdbx_gene_src_gene                 ? 
_entity_src_gen.gene_src_species                   ? 
_entity_src_gen.gene_src_strain                    ? 
_entity_src_gen.gene_src_tissue                    ? 
_entity_src_gen.gene_src_tissue_fraction           ? 
_entity_src_gen.gene_src_details                   ? 
_entity_src_gen.pdbx_gene_src_fragment             ? 
_entity_src_gen.pdbx_gene_src_scientific_name      'Streptococcus mutans' 
_entity_src_gen.pdbx_gene_src_ncbi_taxonomy_id     1309 
_entity_src_gen.pdbx_gene_src_variant              ? 
_entity_src_gen.pdbx_gene_src_cell_line            ? 
_entity_src_gen.pdbx_gene_src_atcc                 ? 
_entity_src_gen.pdbx_gene_src_organ                ? 
_entity_src_gen.pdbx_gene_src_organelle            ? 
_entity_src_gen.pdbx_gene_src_cell                 ? 
_entity_src_gen.pdbx_gene_src_cellular_location    ? 
_entity_src_gen.host_org_common_name               ? 
_entity_src_gen.pdbx_host_org_scientific_name      'Escherichia coli BL21(DE3)' 
_entity_src_gen.pdbx_host_org_ncbi_taxonomy_id     469008 
_entity_src_gen.host_org_genus                     Escherichia 
_entity_src_gen.pdbx_host_org_gene                 ? 
_entity_src_gen.pdbx_host_org_organ                ? 
_entity_src_gen.host_org_species                   'Escherichia coli' 
_entity_src_gen.pdbx_host_org_tissue               ? 
_entity_src_gen.pdbx_host_org_tissue_fraction      ? 
_entity_src_gen.pdbx_host_org_strain               'BL21(DE3)' 
_entity_src_gen.pdbx_host_org_variant              ? 
_entity_src_gen.pdbx_host_org_cell_line            ? 
_entity_src_gen.pdbx_host_org_atcc                 ? 
_entity_src_gen.pdbx_host_org_culture_collection   ? 
_entity_src_gen.pdbx_host_org_cell                 ? 
_entity_src_gen.pdbx_host_org_organelle            ? 
_entity_src_gen.pdbx_host_org_cellular_location    ? 
_entity_src_gen.pdbx_host_org_vector_type          plasmid 
_entity_src_gen.pdbx_host_org_vector               ? 
_entity_src_gen.host_org_details                   ? 
_entity_src_gen.expression_system_id               ? 
_entity_src_gen.plasmid_name                       pET-28a 
_entity_src_gen.plasmid_details                    ? 
_entity_src_gen.pdbx_description                   ? 
# 
loop_
_chem_comp.id 
_chem_comp.type 
_chem_comp.mon_nstd_flag 
_chem_comp.name 
_chem_comp.pdbx_synonyms 
_chem_comp.formula 
_chem_comp.formula_weight 
ALA 'L-peptide linking' y ALANINE         ? 'C3 H7 N O2'     89.093  
ARG 'L-peptide linking' y ARGININE        ? 'C6 H15 N4 O2 1' 175.209 
ASN 'L-peptide linking' y ASPARAGINE      ? 'C4 H8 N2 O3'    132.118 
ASP 'L-peptide linking' y 'ASPARTIC ACID' ? 'C4 H7 N O4'     133.103 
GLN 'L-peptide linking' y GLUTAMINE       ? 'C5 H10 N2 O3'   146.144 
GLU 'L-peptide linking' y 'GLUTAMIC ACID' ? 'C5 H9 N O4'     147.129 
GLY 'peptide linking'   y GLYCINE         ? 'C2 H5 N O2'     75.067  
HIS 'L-peptide linking' y HISTIDINE       ? 'C6 H10 N3 O2 1' 156.162 
HOH non-polymer         . WATER           ? 'H2 O'           18.015  
ILE 'L-peptide linking' y ISOLEUCINE      ? 'C6 H13 N O2'    131.173 
LEU 'L-peptide linking' y LEUCINE         ? 'C6 H13 N O2'    131.173 
LYS 'L-peptide linking' y LYSINE          ? 'C6 H15 N2 O2 1' 147.195 
MET 'L-peptide linking' y METHIONINE      ? 'C5 H11 N O2 S'  149.211 
PHE 'L-peptide linking' y PHENYLALANINE   ? 'C9 H11 N O2'    165.189 
PRO 'L-peptide linking' y PROLINE         ? 'C5 H9 N O2'     115.130 
SER 'L-peptide linking' y SERINE          ? 'C3 H7 N O3'     105.093 
SO4 non-polymer         . 'SULFATE ION'   ? 'O4 S -2'        96.063  
THR 'L-peptide linking' y THREONINE       ? 'C4 H9 N O3'     119.119 
TRP 'L-peptide linking' y TRYPTOPHAN      ? 'C11 H12 N2 O2'  204.225 
TYR 'L-peptide linking' y TYROSINE        ? 'C9 H11 N O3'    181.189 
VAL 'L-peptide linking' y VALINE          ? 'C5 H11 N O2'    117.146 
# 
loop_
_pdbx_poly_seq_scheme.asym_id 
_pdbx_poly_seq_scheme.entity_id 
_pdbx_poly_seq_scheme.seq_id 
_pdbx_poly_seq_scheme.mon_id 
_pdbx_poly_seq_scheme.ndb_seq_num 
_pdbx_poly_seq_scheme.pdb_seq_num 
_pdbx_poly_seq_scheme.auth_seq_num 
_pdbx_poly_seq_scheme.pdb_mon_id 
_pdbx_poly_seq_scheme.auth_mon_id 
_pdbx_poly_seq_scheme.pdb_strand_id 
_pdbx_poly_seq_scheme.pdb_ins_code 
_pdbx_poly_seq_scheme.hetero 
A 1 1   GLY 1   -16 ?   ?   ?   A . n 
A 1 2   SER 2   -15 ?   ?   ?   A . n 
A 1 3   HIS 3   -14 ?   ?   ?   A . n 
A 1 4   MET 4   -13 ?   ?   ?   A . n 
A 1 5   ALA 5   -12 ?   ?   ?   A . n 
A 1 6   SER 6   -11 ?   ?   ?   A . n 
A 1 7   MET 7   -10 ?   ?   ?   A . n 
A 1 8   THR 8   -9  ?   ?   ?   A . n 
A 1 9   GLY 9   -8  ?   ?   ?   A . n 
A 1 10  GLY 10  -7  ?   ?   ?   A . n 
A 1 11  GLN 11  -6  ?   ?   ?   A . n 
A 1 12  GLN 12  -5  ?   ?   ?   A . n 
A 1 13  MET 13  -4  -4  MET MET A . n 
A 1 14  GLY 14  -3  -3  GLY GLY A . n 
A 1 15  ARG 15  -2  -2  ARG ARG A . n 
A 1 16  GLY 16  -1  -1  GLY GLY A . n 
A 1 17  SER 17  0   0   SER SER A . n 
A 1 18  MET 18  1   1   MET MET A . n 
A 1 19  GLU 19  2   2   GLU GLU A . n 
A 1 20  GLU 20  3   3   GLU GLU A . n 
A 1 21  PHE 21  4   4   PHE PHE A . n 
A 1 22  THR 22  5   5   THR THR A . n 
A 1 23  ILE 23  6   6   ILE ILE A . n 
A 1 24  TYR 24  7   7   TYR TYR A . n 
A 1 25  THR 25  8   8   THR THR A . n 
A 1 26  GLY 26  9   9   GLY GLY A . n 
A 1 27  THR 27  10  10  THR THR A . n 
A 1 28  THR 28  11  11  THR THR A . n 
A 1 29  VAL 29  12  12  VAL VAL A . n 
A 1 30  PRO 30  13  13  PRO PRO A . n 
A 1 31  LEU 31  14  14  LEU LEU A . n 
A 1 32  MET 32  15  15  MET MET A . n 
A 1 33  ASN 33  16  16  ASN ASN A . n 
A 1 34  ASP 34  17  17  ASP ASP A . n 
A 1 35  ASN 35  18  18  ASN ASN A . n 
A 1 36  ILE 36  19  19  ILE ILE A . n 
A 1 37  ASP 37  20  20  ASP ASP A . n 
A 1 38  THR 38  21  21  THR THR A . n 
A 1 39  ASP 39  22  22  ASP ASP A . n 
A 1 40  GLN 40  23  23  GLN GLN A . n 
A 1 41  ILE 41  24  24  ILE ILE A . n 
A 1 42  LEU 42  25  25  LEU LEU A . n 
A 1 43  PRO 43  26  26  PRO PRO A . n 
A 1 44  LYS 44  27  27  LYS LYS A . n 
A 1 45  GLN 45  28  28  GLN GLN A . n 
A 1 46  PHE 46  29  29  PHE PHE A . n 
A 1 47  LEU 47  30  30  LEU LEU A . n 
A 1 48  LYS 48  31  31  LYS LYS A . n 
A 1 49  LEU 49  32  32  LEU LEU A . n 
A 1 50  ILE 50  33  33  ILE ILE A . n 
A 1 51  ASP 51  34  34  ASP ASP A . n 
A 1 52  LYS 52  35  35  LYS ALA A . n 
A 1 53  LYS 53  36  36  LYS LYS A . n 
A 1 54  GLY 54  37  37  GLY GLY A . n 
A 1 55  PHE 55  38  38  PHE PHE A . n 
A 1 56  GLY 56  39  39  GLY GLY A . n 
A 1 57  LYS 57  40  40  LYS LYS A . n 
A 1 58  TYR 58  41  41  TYR TYR A . n 
A 1 59  LEU 59  42  42  LEU LEU A . n 
A 1 60  MET 60  43  43  MET MET A . n 
A 1 61  TYR 61  44  44  TYR TYR A . n 
A 1 62  GLU 62  45  45  GLU GLU A . n 
A 1 63  TRP 63  46  46  TRP TRP A . n 
A 1 64  ARG 64  47  47  ARG ARG A . n 
A 1 65  TYR 65  48  48  TYR TYR A . n 
A 1 66  LEU 66  49  49  LEU LEU A . n 
A 1 67  ASP 67  50  50  ASP ASP A . n 
A 1 68  ASN 68  51  51  ASN ASN A . n 
A 1 69  ASN 69  52  52  ASN ASN A . n 
A 1 70  TYR 70  53  53  TYR TYR A . n 
A 1 71  THR 71  54  54  THR THR A . n 
A 1 72  GLU 72  55  55  GLU GLU A . n 
A 1 73  ASN 73  56  56  ASN ASN A . n 
A 1 74  PRO 74  57  57  PRO PRO A . n 
A 1 75  ASP 75  58  58  ASP ASP A . n 
A 1 76  PHE 76  59  59  PHE PHE A . n 
A 1 77  ILE 77  60  60  ILE ILE A . n 
A 1 78  PHE 78  61  61  PHE PHE A . n 
A 1 79  ASN 79  62  62  ASN ASN A . n 
A 1 80  GLN 80  63  63  GLN GLN A . n 
A 1 81  PRO 81  64  64  PRO PRO A . n 
A 1 82  GLU 82  65  65  GLU GLU A . n 
A 1 83  TYR 83  66  66  TYR TYR A . n 
A 1 84  ARG 84  67  67  ARG ARG A . n 
A 1 85  GLU 85  68  68  GLU GLU A . n 
A 1 86  ALA 86  69  69  ALA ALA A . n 
A 1 87  SER 87  70  70  SER SER A . n 
A 1 88  ILE 88  71  71  ILE ILE A . n 
A 1 89  LEU 89  72  72  LEU LEU A . n 
A 1 90  ILE 90  73  73  ILE ILE A . n 
A 1 91  THR 91  74  74  THR THR A . n 
A 1 92  GLY 92  75  75  GLY GLY A . n 
A 1 93  ASP 93  76  76  ASP ASP A . n 
A 1 94  ASN 94  77  77  ASN ASN A . n 
A 1 95  PHE 95  78  78  PHE PHE A . n 
A 1 96  GLY 96  79  79  GLY GLY A . n 
A 1 97  ALA 97  80  80  ALA ALA A . n 
A 1 98  GLY 98  81  81  GLY GLY A . n 
A 1 99  SER 99  82  82  SER SER A . n 
A 1 100 SER 100 83  83  SER SER A . n 
A 1 101 ARG 101 84  84  ARG ARG A . n 
A 1 102 GLU 102 85  85  GLU GLU A . n 
A 1 103 HIS 103 86  86  HIS HIS A . n 
A 1 104 ALA 104 87  87  ALA ALA A . n 
A 1 105 ALA 105 88  88  ALA ALA A . n 
A 1 106 TRP 106 89  89  TRP TRP A . n 
A 1 107 ALA 107 90  90  ALA ALA A . n 
A 1 108 LEU 108 91  91  LEU LEU A . n 
A 1 109 ALA 109 92  92  ALA ALA A . n 
A 1 110 ASP 110 93  93  ASP ASP A . n 
A 1 111 TYR 111 94  94  TYR TYR A . n 
A 1 112 GLY 112 95  95  GLY GLY A . n 
A 1 113 PHE 113 96  96  PHE PHE A . n 
A 1 114 LYS 114 97  97  LYS LYS A . n 
A 1 115 VAL 115 98  98  VAL VAL A . n 
A 1 116 ILE 116 99  99  ILE ILE A . n 
A 1 117 VAL 117 100 100 VAL VAL A . n 
A 1 118 ALA 118 101 101 ALA ALA A . n 
A 1 119 GLY 119 102 102 GLY GLY A . n 
A 1 120 SER 120 103 103 SER SER A . n 
A 1 121 PHE 121 104 104 PHE PHE A . n 
A 1 122 GLY 122 105 105 GLY GLY A . n 
A 1 123 ASP 123 106 106 ASP ASP A . n 
A 1 124 ILE 124 107 107 ILE ILE A . n 
A 1 125 HIS 125 108 108 HIS HIS A . n 
A 1 126 TYR 126 109 109 TYR TYR A . n 
A 1 127 ASN 127 110 110 ASN ASN A . n 
A 1 128 ASN 128 111 111 ASN ASN A . n 
A 1 129 ASP 129 112 112 ASP ASP A . n 
A 1 130 LEU 130 113 113 LEU LEU A . n 
A 1 131 ASN 131 114 114 ASN ASN A . n 
A 1 132 ASN 132 115 115 ASN ASN A . n 
A 1 133 GLY 133 116 116 GLY GLY A . n 
A 1 134 ILE 134 117 117 ILE ILE A . n 
A 1 135 LEU 135 118 118 LEU LEU A . n 
A 1 136 PRO 136 119 119 PRO PRO A . n 
A 1 137 ILE 137 120 120 ILE ILE A . n 
A 1 138 ILE 138 121 121 ILE ILE A . n 
A 1 139 GLN 139 122 122 GLN GLN A . n 
A 1 140 PRO 140 123 123 PRO PRO A . n 
A 1 141 LYS 141 124 124 LYS LYS A . n 
A 1 142 GLU 142 125 125 GLU GLU A . n 
A 1 143 VAL 143 126 126 VAL VAL A . n 
A 1 144 ARG 144 127 127 ARG ARG A . n 
A 1 145 ASP 145 128 128 ASP ASP A . n 
A 1 146 LYS 146 129 129 LYS LYS A . n 
A 1 147 LEU 147 130 130 LEU LEU A . n 
A 1 148 ALA 148 131 131 ALA ALA A . n 
A 1 149 LYS 149 132 132 LYS LYS A . n 
A 1 150 LEU 150 133 133 LEU LEU A . n 
A 1 151 LYS 151 134 134 LYS LYS A . n 
A 1 152 PRO 152 135 135 PRO PRO A . n 
A 1 153 THR 153 136 136 THR THR A . n 
A 1 154 ASP 154 137 137 ASP ASP A . n 
A 1 155 GLU 155 138 138 GLU GLU A . n 
A 1 156 VAL 156 139 139 VAL VAL A . n 
A 1 157 THR 157 140 140 THR THR A . n 
A 1 158 VAL 158 141 141 VAL VAL A . n 
A 1 159 ASN 159 142 142 ASN ASN A . n 
A 1 160 LEU 160 143 143 LEU LEU A . n 
A 1 161 PHE 161 144 144 PHE PHE A . n 
A 1 162 GLU 162 145 145 GLU GLU A . n 
A 1 163 GLN 163 146 146 GLN GLN A . n 
A 1 164 LYS 164 147 147 LYS LYS A . n 
A 1 165 ILE 165 148 148 ILE ILE A . n 
A 1 166 TYR 166 149 149 TYR TYR A . n 
A 1 167 SER 167 150 150 SER SER A . n 
A 1 168 PRO 168 151 151 PRO PRO A . n 
A 1 169 VAL 169 152 152 VAL VAL A . n 
A 1 170 GLY 170 153 153 GLY GLY A . n 
A 1 171 ASP 171 154 154 ASP ASP A . n 
A 1 172 PHE 172 155 155 PHE PHE A . n 
A 1 173 SER 173 156 156 SER SER A . n 
A 1 174 PHE 174 157 157 PHE PHE A . n 
A 1 175 ASP 175 158 158 ASP ASP A . n 
A 1 176 ILE 176 159 159 ILE ILE A . n 
A 1 177 ASP 177 160 160 ASP ASP A . n 
A 1 178 GLY 178 161 161 GLY GLY A . n 
A 1 179 GLU 179 162 162 GLU GLU A . n 
A 1 180 TRP 180 163 163 TRP TRP A . n 
A 1 181 LYS 181 164 164 LYS LYS A . n 
A 1 182 HIS 182 165 165 HIS HIS A . n 
A 1 183 LYS 183 166 166 LYS LYS A . n 
A 1 184 LEU 184 167 167 LEU LEU A . n 
A 1 185 LEU 185 168 168 LEU LEU A . n 
A 1 186 ASN 186 169 169 ASN ASN A . n 
A 1 187 GLY 187 170 170 GLY GLY A . n 
A 1 188 LEU 188 171 171 LEU LEU A . n 
A 1 189 ASP 189 172 172 ASP ASP A . n 
A 1 190 ASP 190 173 ?   ?   ?   A . n 
A 1 191 ILE 191 174 ?   ?   ?   A . n 
A 1 192 GLY 192 175 ?   ?   ?   A . n 
A 1 193 ILE 193 176 ?   ?   ?   A . n 
A 1 194 THR 194 177 ?   ?   ?   A . n 
A 1 195 LEU 195 178 ?   ?   ?   A . n 
A 1 196 GLN 196 179 ?   ?   ?   A . n 
A 1 197 TYR 197 180 ?   ?   ?   A . n 
A 1 198 GLU 198 181 ?   ?   ?   A . n 
A 1 199 ASP 199 182 ?   ?   ?   A . n 
A 1 200 LEU 200 183 ?   ?   ?   A . n 
A 1 201 ILE 201 184 ?   ?   ?   A . n 
A 1 202 ALA 202 185 ?   ?   ?   A . n 
A 1 203 GLN 203 186 ?   ?   ?   A . n 
A 1 204 TYR 204 187 ?   ?   ?   A . n 
A 1 205 GLU 205 188 ?   ?   ?   A . n 
A 1 206 GLN 206 189 ?   ?   ?   A . n 
A 1 207 ASN 207 190 ?   ?   ?   A . n 
A 1 208 ARG 208 191 ?   ?   ?   A . n 
A 1 209 PRO 209 192 ?   ?   ?   A . n 
A 1 210 SER 210 193 ?   ?   ?   A . n 
A 1 211 TYR 211 194 ?   ?   ?   A . n 
A 1 212 TRP 212 195 ?   ?   ?   A . n 
A 1 213 HIS 213 196 ?   ?   ?   A . n 
# 
loop_
_pdbx_nonpoly_scheme.asym_id 
_pdbx_nonpoly_scheme.entity_id 
_pdbx_nonpoly_scheme.mon_id 
_pdbx_nonpoly_scheme.ndb_seq_num 
_pdbx_nonpoly_scheme.pdb_seq_num 
_pdbx_nonpoly_scheme.auth_seq_num 
_pdbx_nonpoly_scheme.pdb_mon_id 
_pdbx_nonpoly_scheme.auth_mon_id 
_pdbx_nonpoly_scheme.pdb_strand_id 
_pdbx_nonpoly_scheme.pdb_ins_code 
B 2 SO4 1   1001 1   SO4 SO4 A . 
C 2 SO4 1   1002 2   SO4 SO4 A . 
D 2 SO4 1   1003 3   SO4 SO4 A . 
E 3 HOH 1   1004 1   HOH HOH A . 
E 3 HOH 2   1005 2   HOH HOH A . 
E 3 HOH 3   1006 3   HOH HOH A . 
E 3 HOH 4   1007 4   HOH HOH A . 
E 3 HOH 5   1008 5   HOH HOH A . 
E 3 HOH 6   1009 6   HOH HOH A . 
E 3 HOH 7   1010 7   HOH HOH A . 
E 3 HOH 8   1011 8   HOH HOH A . 
E 3 HOH 9   1012 9   HOH HOH A . 
E 3 HOH 10  1013 10  HOH HOH A . 
E 3 HOH 11  1014 11  HOH HOH A . 
E 3 HOH 12  1015 12  HOH HOH A . 
E 3 HOH 13  1016 13  HOH HOH A . 
E 3 HOH 14  1017 14  HOH HOH A . 
E 3 HOH 15  1018 15  HOH HOH A . 
E 3 HOH 16  1019 16  HOH HOH A . 
E 3 HOH 17  1020 17  HOH HOH A . 
E 3 HOH 18  1021 18  HOH HOH A . 
E 3 HOH 19  1022 19  HOH HOH A . 
E 3 HOH 20  1023 20  HOH HOH A . 
E 3 HOH 21  1024 21  HOH HOH A . 
E 3 HOH 22  1025 22  HOH HOH A . 
E 3 HOH 23  1026 23  HOH HOH A . 
E 3 HOH 24  1027 24  HOH HOH A . 
E 3 HOH 25  1028 25  HOH HOH A . 
E 3 HOH 26  1029 27  HOH HOH A . 
E 3 HOH 27  1030 28  HOH HOH A . 
E 3 HOH 28  1031 29  HOH HOH A . 
E 3 HOH 29  1032 31  HOH HOH A . 
E 3 HOH 30  1033 32  HOH HOH A . 
E 3 HOH 31  1034 33  HOH HOH A . 
E 3 HOH 32  1035 34  HOH HOH A . 
E 3 HOH 33  1036 35  HOH HOH A . 
E 3 HOH 34  1037 37  HOH HOH A . 
E 3 HOH 35  1038 38  HOH HOH A . 
E 3 HOH 36  1039 39  HOH HOH A . 
E 3 HOH 37  1040 40  HOH HOH A . 
E 3 HOH 38  1041 41  HOH HOH A . 
E 3 HOH 39  1042 42  HOH HOH A . 
E 3 HOH 40  1043 43  HOH HOH A . 
E 3 HOH 41  1044 44  HOH HOH A . 
E 3 HOH 42  1045 45  HOH HOH A . 
E 3 HOH 43  1046 46  HOH HOH A . 
E 3 HOH 44  1047 47  HOH HOH A . 
E 3 HOH 45  1048 48  HOH HOH A . 
E 3 HOH 46  1049 49  HOH HOH A . 
E 3 HOH 47  1050 50  HOH HOH A . 
E 3 HOH 48  1051 52  HOH HOH A . 
E 3 HOH 49  1052 53  HOH HOH A . 
E 3 HOH 50  1053 54  HOH HOH A . 
E 3 HOH 51  1054 55  HOH HOH A . 
E 3 HOH 52  1055 56  HOH HOH A . 
E 3 HOH 53  1056 57  HOH HOH A . 
E 3 HOH 54  1057 58  HOH HOH A . 
E 3 HOH 55  1058 59  HOH HOH A . 
E 3 HOH 56  1059 60  HOH HOH A . 
E 3 HOH 57  1060 61  HOH HOH A . 
E 3 HOH 58  1061 62  HOH HOH A . 
E 3 HOH 59  1062 63  HOH HOH A . 
E 3 HOH 60  1063 64  HOH HOH A . 
E 3 HOH 61  1064 66  HOH HOH A . 
E 3 HOH 62  1065 67  HOH HOH A . 
E 3 HOH 63  1066 68  HOH HOH A . 
E 3 HOH 64  1067 69  HOH HOH A . 
E 3 HOH 65  1068 70  HOH HOH A . 
E 3 HOH 66  1069 71  HOH HOH A . 
E 3 HOH 67  1070 72  HOH HOH A . 
E 3 HOH 68  1071 73  HOH HOH A . 
E 3 HOH 69  1072 74  HOH HOH A . 
E 3 HOH 70  1073 75  HOH HOH A . 
E 3 HOH 71  1074 76  HOH HOH A . 
E 3 HOH 72  1075 77  HOH HOH A . 
E 3 HOH 73  1076 78  HOH HOH A . 
E 3 HOH 74  1077 80  HOH HOH A . 
E 3 HOH 75  1078 81  HOH HOH A . 
E 3 HOH 76  1079 82  HOH HOH A . 
E 3 HOH 77  1080 83  HOH HOH A . 
E 3 HOH 78  1081 85  HOH HOH A . 
E 3 HOH 79  1082 86  HOH HOH A . 
E 3 HOH 80  1083 87  HOH HOH A . 
E 3 HOH 81  1084 88  HOH HOH A . 
E 3 HOH 82  1085 89  HOH HOH A . 
E 3 HOH 83  1086 90  HOH HOH A . 
E 3 HOH 84  1087 92  HOH HOH A . 
E 3 HOH 85  1088 93  HOH HOH A . 
E 3 HOH 86  1089 96  HOH HOH A . 
E 3 HOH 87  1090 98  HOH HOH A . 
E 3 HOH 88  1091 100 HOH HOH A . 
E 3 HOH 89  1092 101 HOH HOH A . 
E 3 HOH 90  1093 103 HOH HOH A . 
E 3 HOH 91  1094 105 HOH HOH A . 
E 3 HOH 92  1095 106 HOH HOH A . 
E 3 HOH 93  1096 107 HOH HOH A . 
E 3 HOH 94  1097 108 HOH HOH A . 
E 3 HOH 95  1098 109 HOH HOH A . 
E 3 HOH 96  1099 111 HOH HOH A . 
E 3 HOH 97  1100 112 HOH HOH A . 
E 3 HOH 98  1101 113 HOH HOH A . 
E 3 HOH 99  1102 114 HOH HOH A . 
E 3 HOH 100 1103 115 HOH HOH A . 
E 3 HOH 101 1104 117 HOH HOH A . 
E 3 HOH 102 1105 118 HOH HOH A . 
E 3 HOH 103 1106 119 HOH HOH A . 
E 3 HOH 104 1107 120 HOH HOH A . 
E 3 HOH 105 1108 122 HOH HOH A . 
E 3 HOH 106 1109 125 HOH HOH A . 
E 3 HOH 107 1110 127 HOH HOH A . 
E 3 HOH 108 1111 128 HOH HOH A . 
E 3 HOH 109 1112 129 HOH HOH A . 
E 3 HOH 110 1113 131 HOH HOH A . 
E 3 HOH 111 1114 134 HOH HOH A . 
E 3 HOH 112 1115 139 HOH HOH A . 
E 3 HOH 113 1116 140 HOH HOH A . 
E 3 HOH 114 1117 143 HOH HOH A . 
E 3 HOH 115 1118 147 HOH HOH A . 
E 3 HOH 116 1119 150 HOH HOH A . 
E 3 HOH 117 1120 154 HOH HOH A . 
# 
loop_
_pdbx_unobs_or_zero_occ_atoms.id 
_pdbx_unobs_or_zero_occ_atoms.PDB_model_num 
_pdbx_unobs_or_zero_occ_atoms.polymer_flag 
_pdbx_unobs_or_zero_occ_atoms.occupancy_flag 
_pdbx_unobs_or_zero_occ_atoms.auth_asym_id 
_pdbx_unobs_or_zero_occ_atoms.auth_comp_id 
_pdbx_unobs_or_zero_occ_atoms.auth_seq_id 
_pdbx_unobs_or_zero_occ_atoms.PDB_ins_code 
_pdbx_unobs_or_zero_occ_atoms.auth_atom_id 
_pdbx_unobs_or_zero_occ_atoms.label_alt_id 
_pdbx_unobs_or_zero_occ_atoms.label_asym_id 
_pdbx_unobs_or_zero_occ_atoms.label_comp_id 
_pdbx_unobs_or_zero_occ_atoms.label_seq_id 
_pdbx_unobs_or_zero_occ_atoms.label_atom_id 
1 1 Y 1 A LYS 35 ? CG ? A LYS 52 CG 
2 1 Y 1 A LYS 35 ? CD ? A LYS 52 CD 
3 1 Y 1 A LYS 35 ? CE ? A LYS 52 CE 
4 1 Y 1 A LYS 35 ? NZ ? A LYS 52 NZ 
# 
loop_
_software.name 
_software.classification 
_software.version 
_software.citation_id 
_software.pdbx_ordinal 
REFMAC   refinement        5.2.0005 ? 1 
MAR345   'data collection' 345      ? 2 
HKL-2000 'data scaling'    .        ? 3 
SOLVE    phasing           .        ? 4 
# 
_cell.entry_id           2HCU 
_cell.length_a           74.033 
_cell.length_b           74.033 
_cell.length_c           82.519 
_cell.angle_alpha        90.00 
_cell.angle_beta         90.00 
_cell.angle_gamma        120.00 
_cell.Z_PDB              6 
_cell.pdbx_unique_axis   ? 
_cell.length_a_esd       ? 
_cell.length_b_esd       ? 
_cell.length_c_esd       ? 
_cell.angle_alpha_esd    ? 
_cell.angle_beta_esd     ? 
_cell.angle_gamma_esd    ? 
# 
_symmetry.entry_id                         2HCU 
_symmetry.space_group_name_H-M             'P 65' 
_symmetry.pdbx_full_space_group_name_H-M   ? 
_symmetry.cell_setting                     ? 
_symmetry.Int_Tables_number                170 
_symmetry.space_group_name_Hall            ? 
# 
_exptl.entry_id          2HCU 
_exptl.method            'X-RAY DIFFRACTION' 
_exptl.crystals_number   1 
# 
_exptl_crystal.id                    1 
_exptl_crystal.density_meas          ? 
_exptl_crystal.density_Matthews      3.0 
_exptl_crystal.density_percent_sol   59.0 
_exptl_crystal.description           ? 
_exptl_crystal.F_000                 ? 
_exptl_crystal.preparation           ? 
# 
_exptl_crystal_grow.crystal_id      1 
_exptl_crystal_grow.method          'VAPOR DIFFUSION, HANGING DROP' 
_exptl_crystal_grow.temp            298 
_exptl_crystal_grow.temp_details    ? 
_exptl_crystal_grow.pH              7.1 
_exptl_crystal_grow.pdbx_details    '2.0M ammonium sulfate, 0.1M HEPES, pH 7.1, VAPOR DIFFUSION, HANGING DROP, temperature 298K' 
_exptl_crystal_grow.pdbx_pH_range   . 
# 
_diffrn.id                     1 
_diffrn.ambient_temp           100 
_diffrn.ambient_temp_details   ? 
_diffrn.crystal_id             1 
# 
_diffrn_detector.diffrn_id              1 
_diffrn_detector.detector               'IMAGE PLATE' 
_diffrn_detector.type                   'MAR scanner 345 mm plate' 
_diffrn_detector.pdbx_collection_date   2006-03-01 
_diffrn_detector.details                ? 
# 
_diffrn_radiation.diffrn_id                        1 
_diffrn_radiation.wavelength_id                    1 
_diffrn_radiation.pdbx_monochromatic_or_laue_m_l   M 
_diffrn_radiation.monochromator                    ? 
_diffrn_radiation.pdbx_diffrn_protocol             'SINGLE WAVELENGTH' 
_diffrn_radiation.pdbx_scattering_type             x-ray 
# 
_diffrn_radiation_wavelength.id           1 
_diffrn_radiation_wavelength.wavelength   1.5418 
_diffrn_radiation_wavelength.wt           1.0 
# 
_diffrn_source.diffrn_id                   1 
_diffrn_source.source                      'ROTATING ANODE' 
_diffrn_source.type                        RIGAKU 
_diffrn_source.pdbx_synchrotron_site       ? 
_diffrn_source.pdbx_synchrotron_beamline   ? 
_diffrn_source.pdbx_wavelength             ? 
_diffrn_source.pdbx_wavelength_list        1.5418 
# 
_reflns.entry_id                     2HCU 
_reflns.observed_criterion_sigma_F   1.0 
_reflns.observed_criterion_sigma_I   1.0 
_reflns.d_resolution_high            2.1 
_reflns.d_resolution_low             15.0 
_reflns.number_all                   14870 
_reflns.number_obs                   14087 
_reflns.percent_possible_obs         94.7 
_reflns.pdbx_Rmerge_I_obs            0.04 
_reflns.pdbx_Rsym_value              ? 
_reflns.pdbx_netI_over_sigmaI        ? 
_reflns.B_iso_Wilson_estimate        38.9 
_reflns.pdbx_redundancy              8.5 
_reflns.R_free_details               ? 
_reflns.limit_h_max                  ? 
_reflns.limit_h_min                  ? 
_reflns.limit_k_max                  ? 
_reflns.limit_k_min                  ? 
_reflns.limit_l_max                  ? 
_reflns.limit_l_min                  ? 
_reflns.observed_criterion_F_max     ? 
_reflns.observed_criterion_F_min     ? 
_reflns.pdbx_chi_squared             ? 
_reflns.pdbx_scaling_rejects         ? 
_reflns.pdbx_diffrn_id               1 
_reflns.pdbx_ordinal                 1 
# 
_reflns_shell.d_res_high             2.1 
_reflns_shell.d_res_low              2.17 
_reflns_shell.percent_possible_all   95.0 
_reflns_shell.Rmerge_I_obs           0.25 
_reflns_shell.pdbx_Rsym_value        ? 
_reflns_shell.meanI_over_sigI_obs    5.12 
_reflns_shell.pdbx_redundancy        5.8 
_reflns_shell.percent_possible_obs   ? 
_reflns_shell.number_unique_all      1447 
_reflns_shell.number_measured_all    ? 
_reflns_shell.number_measured_obs    ? 
_reflns_shell.number_unique_obs      ? 
_reflns_shell.pdbx_chi_squared       ? 
_reflns_shell.pdbx_diffrn_id         ? 
_reflns_shell.pdbx_ordinal           1 
# 
_refine.entry_id                                 2HCU 
_refine.ls_number_reflns_obs                     14087 
_refine.ls_number_reflns_all                     14870 
_refine.pdbx_ls_sigma_I                          ? 
_refine.pdbx_ls_sigma_F                          1.0 
_refine.pdbx_data_cutoff_high_absF               ? 
_refine.pdbx_data_cutoff_low_absF                ? 
_refine.pdbx_data_cutoff_high_rms_absF           ? 
_refine.ls_d_res_low                             15.00 
_refine.ls_d_res_high                            2.10 
_refine.ls_percent_reflns_obs                    99.01 
_refine.ls_R_factor_obs                          0.18919 
_refine.ls_R_factor_all                          0.18919 
_refine.ls_R_factor_R_work                       0.18762 
_refine.ls_R_factor_R_free                       0.21813 
_refine.ls_R_factor_R_free_error                 ? 
_refine.ls_R_factor_R_free_error_details         ? 
_refine.ls_percent_reflns_R_free                 5.1 
_refine.ls_number_reflns_R_free                  752 
_refine.ls_number_parameters                     ? 
_refine.ls_number_restraints                     ? 
_refine.occupancy_min                            ? 
_refine.occupancy_max                            ? 
_refine.correlation_coeff_Fo_to_Fc               0.957 
_refine.correlation_coeff_Fo_to_Fc_free          0.951 
_refine.B_iso_mean                               33.701 
_refine.aniso_B[1][1]                            0.55 
_refine.aniso_B[2][2]                            0.55 
_refine.aniso_B[3][3]                            -0.82 
_refine.aniso_B[1][2]                            0.27 
_refine.aniso_B[1][3]                            0.00 
_refine.aniso_B[2][3]                            0.00 
_refine.solvent_model_details                    MASK 
_refine.solvent_model_param_ksol                 ? 
_refine.solvent_model_param_bsol                 ? 
_refine.pdbx_solvent_vdw_probe_radii             1.20 
_refine.pdbx_solvent_ion_probe_radii             0.80 
_refine.pdbx_solvent_shrinkage_radii             0.80 
_refine.pdbx_ls_cross_valid_method               THROUGHOUT 
_refine.details                                  'HYDROGENS HAVE BEEN ADDED IN THE RIDING POSITIONS' 
_refine.pdbx_starting_model                      ? 
_refine.pdbx_method_to_determine_struct          SAD 
_refine.pdbx_isotropic_thermal_model             ? 
_refine.pdbx_stereochemistry_target_values       'MAXIMUM LIKELIHOOD' 
_refine.pdbx_stereochem_target_val_spec_case     ? 
_refine.pdbx_R_Free_selection_details            RANDOM 
_refine.pdbx_overall_ESU_R                       0.179 
_refine.pdbx_overall_ESU_R_Free                  0.156 
_refine.overall_SU_ML                            0.121 
_refine.overall_SU_B                             4.588 
_refine.ls_redundancy_reflns_obs                 ? 
_refine.B_iso_min                                ? 
_refine.B_iso_max                                ? 
_refine.overall_SU_R_Cruickshank_DPI             ? 
_refine.overall_SU_R_free                        ? 
_refine.ls_wR_factor_R_free                      ? 
_refine.ls_wR_factor_R_work                      ? 
_refine.overall_FOM_free_R_set                   ? 
_refine.overall_FOM_work_R_set                   ? 
_refine.pdbx_refine_id                           'X-RAY DIFFRACTION' 
_refine.pdbx_diffrn_id                           1 
_refine.pdbx_TLS_residual_ADP_flag               ? 
_refine.pdbx_overall_phase_error                 ? 
_refine.pdbx_overall_SU_R_free_Cruickshank_DPI   ? 
_refine.pdbx_overall_SU_R_Blow_DPI               ? 
_refine.pdbx_overall_SU_R_free_Blow_DPI          ? 
# 
_refine_hist.pdbx_refine_id                   'X-RAY DIFFRACTION' 
_refine_hist.cycle_id                         LAST 
_refine_hist.pdbx_number_atoms_protein        1427 
_refine_hist.pdbx_number_atoms_nucleic_acid   0 
_refine_hist.pdbx_number_atoms_ligand         15 
_refine_hist.number_atoms_solvent             117 
_refine_hist.number_atoms_total               1559 
_refine_hist.d_res_high                       2.10 
_refine_hist.d_res_low                        15.00 
# 
loop_
_refine_ls_restr.type 
_refine_ls_restr.dev_ideal 
_refine_ls_restr.dev_ideal_target 
_refine_ls_restr.weight 
_refine_ls_restr.number 
_refine_ls_restr.pdbx_refine_id 
_refine_ls_restr.pdbx_restraint_function 
r_bond_refined_d         0.021  0.022  ? 1475 'X-RAY DIFFRACTION' ? 
r_angle_refined_deg      1.746  1.961  ? 2000 'X-RAY DIFFRACTION' ? 
r_dihedral_angle_1_deg   7.575  5.000  ? 176  'X-RAY DIFFRACTION' ? 
r_dihedral_angle_2_deg   43.314 25.263 ? 76   'X-RAY DIFFRACTION' ? 
r_dihedral_angle_3_deg   16.624 15.000 ? 245  'X-RAY DIFFRACTION' ? 
r_dihedral_angle_4_deg   14.587 15.000 ? 5    'X-RAY DIFFRACTION' ? 
r_chiral_restr           0.131  0.200  ? 208  'X-RAY DIFFRACTION' ? 
r_gen_planes_refined     0.009  0.020  ? 1138 'X-RAY DIFFRACTION' ? 
r_nbd_refined            0.222  0.200  ? 687  'X-RAY DIFFRACTION' ? 
r_nbtor_refined          0.310  0.200  ? 1007 'X-RAY DIFFRACTION' ? 
r_xyhbond_nbd_refined    0.182  0.200  ? 110  'X-RAY DIFFRACTION' ? 
r_symmetry_vdw_refined   0.210  0.200  ? 40   'X-RAY DIFFRACTION' ? 
r_symmetry_hbond_refined 0.331  0.200  ? 5    'X-RAY DIFFRACTION' ? 
r_mcbond_it              1.124  1.500  ? 906  'X-RAY DIFFRACTION' ? 
r_mcangle_it             1.883  2.000  ? 1413 'X-RAY DIFFRACTION' ? 
r_scbond_it              2.900  3.000  ? 661  'X-RAY DIFFRACTION' ? 
r_scangle_it             4.157  4.500  ? 587  'X-RAY DIFFRACTION' ? 
# 
_refine_ls_shell.pdbx_total_number_of_bins_used   20 
_refine_ls_shell.d_res_high                       2.101 
_refine_ls_shell.d_res_low                        2.155 
_refine_ls_shell.number_reflns_R_work             978 
_refine_ls_shell.R_factor_R_work                  0.244 
_refine_ls_shell.percent_reflns_obs               93.77 
_refine_ls_shell.R_factor_R_free                  0.319 
_refine_ls_shell.R_factor_R_free_error            ? 
_refine_ls_shell.percent_reflns_R_free            ? 
_refine_ls_shell.number_reflns_R_free             46 
_refine_ls_shell.number_reflns_all                ? 
_refine_ls_shell.R_factor_all                     ? 
_refine_ls_shell.number_reflns_obs                ? 
_refine_ls_shell.redundancy_reflns_obs            ? 
_refine_ls_shell.pdbx_refine_id                   'X-RAY DIFFRACTION' 
# 
_struct.entry_id                  2HCU 
_struct.title                     'Crystal Structure Of Smu.1381 (or LeuD) from Streptococcus Mutans' 
_struct.pdbx_model_details        ? 
_struct.pdbx_CASP_flag            ? 
_struct.pdbx_model_type_details   ? 
# 
_struct_keywords.entry_id        2HCU 
_struct_keywords.pdbx_keywords   LYASE 
_struct_keywords.text            'BETA BARREL, LYASE' 
# 
loop_
_struct_asym.id 
_struct_asym.pdbx_blank_PDB_chainid_flag 
_struct_asym.pdbx_modified 
_struct_asym.entity_id 
_struct_asym.details 
A N N 1 ? 
B N N 2 ? 
C N N 2 ? 
D N N 2 ? 
E N N 3 ? 
# 
_struct_ref.id                         1 
_struct_ref.db_name                    UNP 
_struct_ref.db_code                    LEUD_STRMU 
_struct_ref.pdbx_db_accession          Q8DTG5 
_struct_ref.entity_id                  1 
_struct_ref.pdbx_seq_one_letter_code   
;MEEFTIYTGTTVPLMNDNIDTDQILPKQFLKLIDKKGFGKYLMYEWRYLDNNYTENPDFIFNQPEYREASILITGDNFGA
GSSREHAAWALADYGFKVIVAGSFGDIHYNNDLNNGILPIIQPKEVRDKLAKLKPTDEVTVNLFEQKIYSPVGDFSFDID
GEWKHKLLNGLDDIGITLQYEDLIAQYEQNRPSYWH
;
_struct_ref.pdbx_align_begin           1 
_struct_ref.pdbx_db_isoform            ? 
# 
_struct_ref_seq.align_id                      1 
_struct_ref_seq.ref_id                        1 
_struct_ref_seq.pdbx_PDB_id_code              2HCU 
_struct_ref_seq.pdbx_strand_id                A 
_struct_ref_seq.seq_align_beg                 18 
_struct_ref_seq.pdbx_seq_align_beg_ins_code   ? 
_struct_ref_seq.seq_align_end                 213 
_struct_ref_seq.pdbx_seq_align_end_ins_code   ? 
_struct_ref_seq.pdbx_db_accession             Q8DTG5 
_struct_ref_seq.db_align_beg                  1 
_struct_ref_seq.pdbx_db_align_beg_ins_code    ? 
_struct_ref_seq.db_align_end                  196 
_struct_ref_seq.pdbx_db_align_end_ins_code    ? 
_struct_ref_seq.pdbx_auth_seq_align_beg       1 
_struct_ref_seq.pdbx_auth_seq_align_end       196 
# 
loop_
_struct_ref_seq_dif.align_id 
_struct_ref_seq_dif.pdbx_pdb_id_code 
_struct_ref_seq_dif.mon_id 
_struct_ref_seq_dif.pdbx_pdb_strand_id 
_struct_ref_seq_dif.seq_num 
_struct_ref_seq_dif.pdbx_pdb_ins_code 
_struct_ref_seq_dif.pdbx_seq_db_name 
_struct_ref_seq_dif.pdbx_seq_db_accession_code 
_struct_ref_seq_dif.db_mon_id 
_struct_ref_seq_dif.pdbx_seq_db_seq_num 
_struct_ref_seq_dif.details 
_struct_ref_seq_dif.pdbx_auth_seq_num 
_struct_ref_seq_dif.pdbx_ordinal 
1 2HCU GLY A 1  ? UNP Q8DTG5 ? ? 'cloning artifact' -16 1  
1 2HCU SER A 2  ? UNP Q8DTG5 ? ? 'cloning artifact' -15 2  
1 2HCU HIS A 3  ? UNP Q8DTG5 ? ? 'cloning artifact' -14 3  
1 2HCU MET A 4  ? UNP Q8DTG5 ? ? 'cloning artifact' -13 4  
1 2HCU ALA A 5  ? UNP Q8DTG5 ? ? 'cloning artifact' -12 5  
1 2HCU SER A 6  ? UNP Q8DTG5 ? ? 'cloning artifact' -11 6  
1 2HCU MET A 7  ? UNP Q8DTG5 ? ? 'cloning artifact' -10 7  
1 2HCU THR A 8  ? UNP Q8DTG5 ? ? 'cloning artifact' -9  8  
1 2HCU GLY A 9  ? UNP Q8DTG5 ? ? 'cloning artifact' -8  9  
1 2HCU GLY A 10 ? UNP Q8DTG5 ? ? 'cloning artifact' -7  10 
1 2HCU GLN A 11 ? UNP Q8DTG5 ? ? 'cloning artifact' -6  11 
1 2HCU GLN A 12 ? UNP Q8DTG5 ? ? 'cloning artifact' -5  12 
1 2HCU MET A 13 ? UNP Q8DTG5 ? ? 'cloning artifact' -4  13 
1 2HCU GLY A 14 ? UNP Q8DTG5 ? ? 'cloning artifact' -3  14 
1 2HCU ARG A 15 ? UNP Q8DTG5 ? ? 'cloning artifact' -2  15 
1 2HCU GLY A 16 ? UNP Q8DTG5 ? ? 'cloning artifact' -1  16 
1 2HCU SER A 17 ? UNP Q8DTG5 ? ? 'cloning artifact' 0   17 
# 
_pdbx_struct_assembly.id                   1 
_pdbx_struct_assembly.details              author_defined_assembly 
_pdbx_struct_assembly.method_details       ? 
_pdbx_struct_assembly.oligomeric_details   monomeric 
_pdbx_struct_assembly.oligomeric_count     1 
# 
_pdbx_struct_assembly_gen.assembly_id       1 
_pdbx_struct_assembly_gen.oper_expression   1 
_pdbx_struct_assembly_gen.asym_id_list      A,B,C,D,E 
# 
_pdbx_struct_oper_list.id                   1 
_pdbx_struct_oper_list.type                 'identity operation' 
_pdbx_struct_oper_list.name                 1_555 
_pdbx_struct_oper_list.symmetry_operation   x,y,z 
_pdbx_struct_oper_list.matrix[1][1]         1.0000000000 
_pdbx_struct_oper_list.matrix[1][2]         0.0000000000 
_pdbx_struct_oper_list.matrix[1][3]         0.0000000000 
_pdbx_struct_oper_list.vector[1]            0.0000000000 
_pdbx_struct_oper_list.matrix[2][1]         0.0000000000 
_pdbx_struct_oper_list.matrix[2][2]         1.0000000000 
_pdbx_struct_oper_list.matrix[2][3]         0.0000000000 
_pdbx_struct_oper_list.vector[2]            0.0000000000 
_pdbx_struct_oper_list.matrix[3][1]         0.0000000000 
_pdbx_struct_oper_list.matrix[3][2]         0.0000000000 
_pdbx_struct_oper_list.matrix[3][3]         1.0000000000 
_pdbx_struct_oper_list.vector[3]            0.0000000000 
# 
_struct_biol.id                    1 
_struct_biol.details               'it is a monomer adn only one molecule in the asymmetry unit' 
_struct_biol.pdbx_parent_biol_id   ? 
# 
loop_
_struct_conf.conf_type_id 
_struct_conf.id 
_struct_conf.pdbx_PDB_helix_id 
_struct_conf.beg_label_comp_id 
_struct_conf.beg_label_asym_id 
_struct_conf.beg_label_seq_id 
_struct_conf.pdbx_beg_PDB_ins_code 
_struct_conf.end_label_comp_id 
_struct_conf.end_label_asym_id 
_struct_conf.end_label_seq_id 
_struct_conf.pdbx_end_PDB_ins_code 
_struct_conf.beg_auth_comp_id 
_struct_conf.beg_auth_asym_id 
_struct_conf.beg_auth_seq_id 
_struct_conf.end_auth_comp_id 
_struct_conf.end_auth_asym_id 
_struct_conf.end_auth_seq_id 
_struct_conf.pdbx_PDB_helix_class 
_struct_conf.details 
_struct_conf.pdbx_PDB_helix_length 
HELX_P HELX_P1 1 ASP A 37  ? LEU A 42  ? ASP A 20  LEU A 25  1 ? 6  
HELX_P HELX_P2 2 PRO A 43  ? LEU A 49  ? PRO A 26  LEU A 32  5 ? 7  
HELX_P HELX_P3 3 PHE A 55  ? LEU A 59  ? PHE A 38  LEU A 42  5 ? 5  
HELX_P HELX_P4 4 MET A 60  ? TYR A 65  ? MET A 43  TYR A 48  1 ? 6  
HELX_P HELX_P5 5 PHE A 76  ? ARG A 84  ? PHE A 59  ARG A 67  5 ? 9  
HELX_P HELX_P6 6 ARG A 101 ? GLY A 112 ? ARG A 84  GLY A 95  1 ? 12 
HELX_P HELX_P7 7 GLY A 122 ? ASN A 131 ? GLY A 105 ASN A 114 1 ? 10 
HELX_P HELX_P8 8 PRO A 140 ? LYS A 149 ? PRO A 123 LYS A 132 1 ? 10 
HELX_P HELX_P9 9 ASP A 177 ? ASN A 186 ? ASP A 160 ASN A 169 1 ? 10 
# 
_struct_conf_type.id          HELX_P 
_struct_conf_type.criteria    ? 
_struct_conf_type.reference   ? 
# 
_struct_sheet.id               A 
_struct_sheet.type             ? 
_struct_sheet.number_strands   7 
_struct_sheet.details          ? 
# 
loop_
_struct_sheet_order.sheet_id 
_struct_sheet_order.range_id_1 
_struct_sheet_order.range_id_2 
_struct_sheet_order.offset 
_struct_sheet_order.sense 
A 1 2 ? parallel      
A 2 3 ? parallel      
A 3 4 ? parallel      
A 4 5 ? anti-parallel 
A 5 6 ? anti-parallel 
A 6 7 ? anti-parallel 
# 
loop_
_struct_sheet_range.sheet_id 
_struct_sheet_range.id 
_struct_sheet_range.beg_label_comp_id 
_struct_sheet_range.beg_label_asym_id 
_struct_sheet_range.beg_label_seq_id 
_struct_sheet_range.pdbx_beg_PDB_ins_code 
_struct_sheet_range.end_label_comp_id 
_struct_sheet_range.end_label_asym_id 
_struct_sheet_range.end_label_seq_id 
_struct_sheet_range.pdbx_end_PDB_ins_code 
_struct_sheet_range.beg_auth_comp_id 
_struct_sheet_range.beg_auth_asym_id 
_struct_sheet_range.beg_auth_seq_id 
_struct_sheet_range.end_auth_comp_id 
_struct_sheet_range.end_auth_asym_id 
_struct_sheet_range.end_auth_seq_id 
A 1 LEU A 135 ? ILE A 138 ? LEU A 118 ILE A 121 
A 2 VAL A 115 ? ALA A 118 ? VAL A 98  ALA A 101 
A 3 ILE A 88  ? THR A 91  ? ILE A 71  THR A 74  
A 4 ILE A 23  ? LEU A 31  ? ILE A 6   LEU A 14  
A 5 GLU A 155 ? ASN A 159 ? GLU A 138 ASN A 142 
A 6 LYS A 164 ? SER A 167 ? LYS A 147 SER A 150 
A 7 GLY A 170 ? SER A 173 ? GLY A 153 SER A 156 
# 
loop_
_pdbx_struct_sheet_hbond.sheet_id 
_pdbx_struct_sheet_hbond.range_id_1 
_pdbx_struct_sheet_hbond.range_id_2 
_pdbx_struct_sheet_hbond.range_1_label_atom_id 
_pdbx_struct_sheet_hbond.range_1_label_comp_id 
_pdbx_struct_sheet_hbond.range_1_label_asym_id 
_pdbx_struct_sheet_hbond.range_1_label_seq_id 
_pdbx_struct_sheet_hbond.range_1_PDB_ins_code 
_pdbx_struct_sheet_hbond.range_1_auth_atom_id 
_pdbx_struct_sheet_hbond.range_1_auth_comp_id 
_pdbx_struct_sheet_hbond.range_1_auth_asym_id 
_pdbx_struct_sheet_hbond.range_1_auth_seq_id 
_pdbx_struct_sheet_hbond.range_2_label_atom_id 
_pdbx_struct_sheet_hbond.range_2_label_comp_id 
_pdbx_struct_sheet_hbond.range_2_label_asym_id 
_pdbx_struct_sheet_hbond.range_2_label_seq_id 
_pdbx_struct_sheet_hbond.range_2_PDB_ins_code 
_pdbx_struct_sheet_hbond.range_2_auth_atom_id 
_pdbx_struct_sheet_hbond.range_2_auth_comp_id 
_pdbx_struct_sheet_hbond.range_2_auth_asym_id 
_pdbx_struct_sheet_hbond.range_2_auth_seq_id 
A 1 2 O ILE A 137 ? O ILE A 120 N ILE A 116 ? N ILE A 99  
A 2 3 O VAL A 117 ? O VAL A 100 N LEU A 89  ? N LEU A 72  
A 3 4 O ILE A 90  ? O ILE A 73  N LEU A 31  ? N LEU A 14  
A 4 5 N TYR A 24  ? N TYR A 7   O VAL A 158 ? O VAL A 141 
A 5 6 N THR A 157 ? N THR A 140 O TYR A 166 ? O TYR A 149 
A 6 7 N ILE A 165 ? N ILE A 148 O PHE A 172 ? O PHE A 155 
# 
loop_
_struct_site.id 
_struct_site.pdbx_evidence_code 
_struct_site.pdbx_auth_asym_id 
_struct_site.pdbx_auth_comp_id 
_struct_site.pdbx_auth_seq_id 
_struct_site.pdbx_auth_ins_code 
_struct_site.pdbx_num_residues 
_struct_site.details 
AC1 Software A SO4 1001 ? 5 'BINDING SITE FOR RESIDUE SO4 A 1001' 
AC2 Software A SO4 1002 ? 3 'BINDING SITE FOR RESIDUE SO4 A 1002' 
AC3 Software A SO4 1003 ? 2 'BINDING SITE FOR RESIDUE SO4 A 1003' 
# 
loop_
_struct_site_gen.id 
_struct_site_gen.site_id 
_struct_site_gen.pdbx_num_res 
_struct_site_gen.label_comp_id 
_struct_site_gen.label_asym_id 
_struct_site_gen.label_seq_id 
_struct_site_gen.pdbx_auth_ins_code 
_struct_site_gen.auth_comp_id 
_struct_site_gen.auth_asym_id 
_struct_site_gen.auth_seq_id 
_struct_site_gen.label_atom_id 
_struct_site_gen.label_alt_id 
_struct_site_gen.symmetry 
_struct_site_gen.details 
1  AC1 5 GLY A 54  ? GLY A 37   . ? 1_555 ? 
2  AC1 5 PHE A 55  ? PHE A 38   . ? 1_555 ? 
3  AC1 5 GLY A 56  ? GLY A 39   . ? 1_555 ? 
4  AC1 5 LYS A 57  ? LYS A 40   . ? 1_555 ? 
5  AC1 5 ASP A 110 ? ASP A 93   . ? 1_555 ? 
6  AC2 3 PRO A 140 ? PRO A 123  . ? 1_555 ? 
7  AC2 3 LYS A 141 ? LYS A 124  . ? 1_555 ? 
8  AC2 3 HOH E .   ? HOH A 1046 . ? 1_555 ? 
9  AC3 2 ASN A 33  ? ASN A 16   . ? 1_555 ? 
10 AC3 2 ASP A 34  ? ASP A 17   . ? 1_555 ? 
# 
_pdbx_validate_close_contact.id               1 
_pdbx_validate_close_contact.PDB_model_num    1 
_pdbx_validate_close_contact.auth_atom_id_1   O 
_pdbx_validate_close_contact.auth_asym_id_1   A 
_pdbx_validate_close_contact.auth_comp_id_1   HOH 
_pdbx_validate_close_contact.auth_seq_id_1    1081 
_pdbx_validate_close_contact.PDB_ins_code_1   ? 
_pdbx_validate_close_contact.label_alt_id_1   ? 
_pdbx_validate_close_contact.auth_atom_id_2   O 
_pdbx_validate_close_contact.auth_asym_id_2   A 
_pdbx_validate_close_contact.auth_comp_id_2   HOH 
_pdbx_validate_close_contact.auth_seq_id_2    1102 
_pdbx_validate_close_contact.PDB_ins_code_2   ? 
_pdbx_validate_close_contact.label_alt_id_2   ? 
_pdbx_validate_close_contact.dist             2.13 
# 
_pdbx_validate_symm_contact.id                1 
_pdbx_validate_symm_contact.PDB_model_num     1 
_pdbx_validate_symm_contact.auth_atom_id_1    O 
_pdbx_validate_symm_contact.auth_asym_id_1    A 
_pdbx_validate_symm_contact.auth_comp_id_1    HOH 
_pdbx_validate_symm_contact.auth_seq_id_1     1033 
_pdbx_validate_symm_contact.PDB_ins_code_1    ? 
_pdbx_validate_symm_contact.label_alt_id_1    ? 
_pdbx_validate_symm_contact.site_symmetry_1   1_555 
_pdbx_validate_symm_contact.auth_atom_id_2    O 
_pdbx_validate_symm_contact.auth_asym_id_2    A 
_pdbx_validate_symm_contact.auth_comp_id_2    HOH 
_pdbx_validate_symm_contact.auth_seq_id_2     1105 
_pdbx_validate_symm_contact.PDB_ins_code_2    ? 
_pdbx_validate_symm_contact.label_alt_id_2    ? 
_pdbx_validate_symm_contact.site_symmetry_2   2_564 
_pdbx_validate_symm_contact.dist              2.12 
# 
loop_
_pdbx_validate_rmsd_angle.id 
_pdbx_validate_rmsd_angle.PDB_model_num 
_pdbx_validate_rmsd_angle.auth_atom_id_1 
_pdbx_validate_rmsd_angle.auth_asym_id_1 
_pdbx_validate_rmsd_angle.auth_comp_id_1 
_pdbx_validate_rmsd_angle.auth_seq_id_1 
_pdbx_validate_rmsd_angle.PDB_ins_code_1 
_pdbx_validate_rmsd_angle.label_alt_id_1 
_pdbx_validate_rmsd_angle.auth_atom_id_2 
_pdbx_validate_rmsd_angle.auth_asym_id_2 
_pdbx_validate_rmsd_angle.auth_comp_id_2 
_pdbx_validate_rmsd_angle.auth_seq_id_2 
_pdbx_validate_rmsd_angle.PDB_ins_code_2 
_pdbx_validate_rmsd_angle.label_alt_id_2 
_pdbx_validate_rmsd_angle.auth_atom_id_3 
_pdbx_validate_rmsd_angle.auth_asym_id_3 
_pdbx_validate_rmsd_angle.auth_comp_id_3 
_pdbx_validate_rmsd_angle.auth_seq_id_3 
_pdbx_validate_rmsd_angle.PDB_ins_code_3 
_pdbx_validate_rmsd_angle.label_alt_id_3 
_pdbx_validate_rmsd_angle.angle_value 
_pdbx_validate_rmsd_angle.angle_target_value 
_pdbx_validate_rmsd_angle.angle_deviation 
_pdbx_validate_rmsd_angle.angle_standard_deviation 
_pdbx_validate_rmsd_angle.linker_flag 
1 1 NE A ARG 84 ? ? CZ A ARG 84 ? ? NH1 A ARG 84 ? ? 127.05 120.30 6.75  0.50 N 
2 1 NE A ARG 84 ? ? CZ A ARG 84 ? ? NH2 A ARG 84 ? ? 113.16 120.30 -7.14 0.50 N 
# 
loop_
_pdbx_validate_torsion.id 
_pdbx_validate_torsion.PDB_model_num 
_pdbx_validate_torsion.auth_comp_id 
_pdbx_validate_torsion.auth_asym_id 
_pdbx_validate_torsion.auth_seq_id 
_pdbx_validate_torsion.PDB_ins_code 
_pdbx_validate_torsion.label_alt_id 
_pdbx_validate_torsion.phi 
_pdbx_validate_torsion.psi 
1 1 THR A 5   ? ? -119.39 -71.69 
2 1 ARG A 84  ? ? -157.79 88.08  
3 1 LEU A 133 ? ? -49.23  155.93 
# 
_pdbx_validate_peptide_omega.id               1 
_pdbx_validate_peptide_omega.PDB_model_num    1 
_pdbx_validate_peptide_omega.auth_comp_id_1   GLY 
_pdbx_validate_peptide_omega.auth_asym_id_1   A 
_pdbx_validate_peptide_omega.auth_seq_id_1    170 
_pdbx_validate_peptide_omega.PDB_ins_code_1   ? 
_pdbx_validate_peptide_omega.label_alt_id_1   ? 
_pdbx_validate_peptide_omega.auth_comp_id_2   LEU 
_pdbx_validate_peptide_omega.auth_asym_id_2   A 
_pdbx_validate_peptide_omega.auth_seq_id_2    171 
_pdbx_validate_peptide_omega.PDB_ins_code_2   ? 
_pdbx_validate_peptide_omega.label_alt_id_2   ? 
_pdbx_validate_peptide_omega.omega            -143.94 
# 
loop_
_pdbx_unobs_or_zero_occ_residues.id 
_pdbx_unobs_or_zero_occ_residues.PDB_model_num 
_pdbx_unobs_or_zero_occ_residues.polymer_flag 
_pdbx_unobs_or_zero_occ_residues.occupancy_flag 
_pdbx_unobs_or_zero_occ_residues.auth_asym_id 
_pdbx_unobs_or_zero_occ_residues.auth_comp_id 
_pdbx_unobs_or_zero_occ_residues.auth_seq_id 
_pdbx_unobs_or_zero_occ_residues.PDB_ins_code 
_pdbx_unobs_or_zero_occ_residues.label_asym_id 
_pdbx_unobs_or_zero_occ_residues.label_comp_id 
_pdbx_unobs_or_zero_occ_residues.label_seq_id 
1  1 Y 1 A GLY -16 ? A GLY 1   
2  1 Y 1 A SER -15 ? A SER 2   
3  1 Y 1 A HIS -14 ? A HIS 3   
4  1 Y 1 A MET -13 ? A MET 4   
5  1 Y 1 A ALA -12 ? A ALA 5   
6  1 Y 1 A SER -11 ? A SER 6   
7  1 Y 1 A MET -10 ? A MET 7   
8  1 Y 1 A THR -9  ? A THR 8   
9  1 Y 1 A GLY -8  ? A GLY 9   
10 1 Y 1 A GLY -7  ? A GLY 10  
11 1 Y 1 A GLN -6  ? A GLN 11  
12 1 Y 1 A GLN -5  ? A GLN 12  
13 1 Y 1 A ASP 173 ? A ASP 190 
14 1 Y 1 A ILE 174 ? A ILE 191 
15 1 Y 1 A GLY 175 ? A GLY 192 
16 1 Y 1 A ILE 176 ? A ILE 193 
17 1 Y 1 A THR 177 ? A THR 194 
18 1 Y 1 A LEU 178 ? A LEU 195 
19 1 Y 1 A GLN 179 ? A GLN 196 
20 1 Y 1 A TYR 180 ? A TYR 197 
21 1 Y 1 A GLU 181 ? A GLU 198 
22 1 Y 1 A ASP 182 ? A ASP 199 
23 1 Y 1 A LEU 183 ? A LEU 200 
24 1 Y 1 A ILE 184 ? A ILE 201 
25 1 Y 1 A ALA 185 ? A ALA 202 
26 1 Y 1 A GLN 186 ? A GLN 203 
27 1 Y 1 A TYR 187 ? A TYR 204 
28 1 Y 1 A GLU 188 ? A GLU 205 
29 1 Y 1 A GLN 189 ? A GLN 206 
30 1 Y 1 A ASN 190 ? A ASN 207 
31 1 Y 1 A ARG 191 ? A ARG 208 
32 1 Y 1 A PRO 192 ? A PRO 209 
33 1 Y 1 A SER 193 ? A SER 210 
34 1 Y 1 A TYR 194 ? A TYR 211 
35 1 Y 1 A TRP 195 ? A TRP 212 
36 1 Y 1 A HIS 196 ? A HIS 213 
# 
loop_
_chem_comp_atom.comp_id 
_chem_comp_atom.atom_id 
_chem_comp_atom.type_symbol 
_chem_comp_atom.pdbx_aromatic_flag 
_chem_comp_atom.pdbx_stereo_config 
_chem_comp_atom.pdbx_ordinal 
ALA N    N N N 1   
ALA CA   C N S 2   
ALA C    C N N 3   
ALA O    O N N 4   
ALA CB   C N N 5   
ALA OXT  O N N 6   
ALA H    H N N 7   
ALA H2   H N N 8   
ALA HA   H N N 9   
ALA HB1  H N N 10  
ALA HB2  H N N 11  
ALA HB3  H N N 12  
ALA HXT  H N N 13  
ARG N    N N N 14  
ARG CA   C N S 15  
ARG C    C N N 16  
ARG O    O N N 17  
ARG CB   C N N 18  
ARG CG   C N N 19  
ARG CD   C N N 20  
ARG NE   N N N 21  
ARG CZ   C N N 22  
ARG NH1  N N N 23  
ARG NH2  N N N 24  
ARG OXT  O N N 25  
ARG H    H N N 26  
ARG H2   H N N 27  
ARG HA   H N N 28  
ARG HB2  H N N 29  
ARG HB3  H N N 30  
ARG HG2  H N N 31  
ARG HG3  H N N 32  
ARG HD2  H N N 33  
ARG HD3  H N N 34  
ARG HE   H N N 35  
ARG HH11 H N N 36  
ARG HH12 H N N 37  
ARG HH21 H N N 38  
ARG HH22 H N N 39  
ARG HXT  H N N 40  
ASN N    N N N 41  
ASN CA   C N S 42  
ASN C    C N N 43  
ASN O    O N N 44  
ASN CB   C N N 45  
ASN CG   C N N 46  
ASN OD1  O N N 47  
ASN ND2  N N N 48  
ASN OXT  O N N 49  
ASN H    H N N 50  
ASN H2   H N N 51  
ASN HA   H N N 52  
ASN HB2  H N N 53  
ASN HB3  H N N 54  
ASN HD21 H N N 55  
ASN HD22 H N N 56  
ASN HXT  H N N 57  
ASP N    N N N 58  
ASP CA   C N S 59  
ASP C    C N N 60  
ASP O    O N N 61  
ASP CB   C N N 62  
ASP CG   C N N 63  
ASP OD1  O N N 64  
ASP OD2  O N N 65  
ASP OXT  O N N 66  
ASP H    H N N 67  
ASP H2   H N N 68  
ASP HA   H N N 69  
ASP HB2  H N N 70  
ASP HB3  H N N 71  
ASP HD2  H N N 72  
ASP HXT  H N N 73  
GLN N    N N N 74  
GLN CA   C N S 75  
GLN C    C N N 76  
GLN O    O N N 77  
GLN CB   C N N 78  
GLN CG   C N N 79  
GLN CD   C N N 80  
GLN OE1  O N N 81  
GLN NE2  N N N 82  
GLN OXT  O N N 83  
GLN H    H N N 84  
GLN H2   H N N 85  
GLN HA   H N N 86  
GLN HB2  H N N 87  
GLN HB3  H N N 88  
GLN HG2  H N N 89  
GLN HG3  H N N 90  
GLN HE21 H N N 91  
GLN HE22 H N N 92  
GLN HXT  H N N 93  
GLU N    N N N 94  
GLU CA   C N S 95  
GLU C    C N N 96  
GLU O    O N N 97  
GLU CB   C N N 98  
GLU CG   C N N 99  
GLU CD   C N N 100 
GLU OE1  O N N 101 
GLU OE2  O N N 102 
GLU OXT  O N N 103 
GLU H    H N N 104 
GLU H2   H N N 105 
GLU HA   H N N 106 
GLU HB2  H N N 107 
GLU HB3  H N N 108 
GLU HG2  H N N 109 
GLU HG3  H N N 110 
GLU HE2  H N N 111 
GLU HXT  H N N 112 
GLY N    N N N 113 
GLY CA   C N N 114 
GLY C    C N N 115 
GLY O    O N N 116 
GLY OXT  O N N 117 
GLY H    H N N 118 
GLY H2   H N N 119 
GLY HA2  H N N 120 
GLY HA3  H N N 121 
GLY HXT  H N N 122 
HIS N    N N N 123 
HIS CA   C N S 124 
HIS C    C N N 125 
HIS O    O N N 126 
HIS CB   C N N 127 
HIS CG   C Y N 128 
HIS ND1  N Y N 129 
HIS CD2  C Y N 130 
HIS CE1  C Y N 131 
HIS NE2  N Y N 132 
HIS OXT  O N N 133 
HIS H    H N N 134 
HIS H2   H N N 135 
HIS HA   H N N 136 
HIS HB2  H N N 137 
HIS HB3  H N N 138 
HIS HD1  H N N 139 
HIS HD2  H N N 140 
HIS HE1  H N N 141 
HIS HE2  H N N 142 
HIS HXT  H N N 143 
HOH O    O N N 144 
HOH H1   H N N 145 
HOH H2   H N N 146 
ILE N    N N N 147 
ILE CA   C N S 148 
ILE C    C N N 149 
ILE O    O N N 150 
ILE CB   C N S 151 
ILE CG1  C N N 152 
ILE CG2  C N N 153 
ILE CD1  C N N 154 
ILE OXT  O N N 155 
ILE H    H N N 156 
ILE H2   H N N 157 
ILE HA   H N N 158 
ILE HB   H N N 159 
ILE HG12 H N N 160 
ILE HG13 H N N 161 
ILE HG21 H N N 162 
ILE HG22 H N N 163 
ILE HG23 H N N 164 
ILE HD11 H N N 165 
ILE HD12 H N N 166 
ILE HD13 H N N 167 
ILE HXT  H N N 168 
LEU N    N N N 169 
LEU CA   C N S 170 
LEU C    C N N 171 
LEU O    O N N 172 
LEU CB   C N N 173 
LEU CG   C N N 174 
LEU CD1  C N N 175 
LEU CD2  C N N 176 
LEU OXT  O N N 177 
LEU H    H N N 178 
LEU H2   H N N 179 
LEU HA   H N N 180 
LEU HB2  H N N 181 
LEU HB3  H N N 182 
LEU HG   H N N 183 
LEU HD11 H N N 184 
LEU HD12 H N N 185 
LEU HD13 H N N 186 
LEU HD21 H N N 187 
LEU HD22 H N N 188 
LEU HD23 H N N 189 
LEU HXT  H N N 190 
LYS N    N N N 191 
LYS CA   C N S 192 
LYS C    C N N 193 
LYS O    O N N 194 
LYS CB   C N N 195 
LYS CG   C N N 196 
LYS CD   C N N 197 
LYS CE   C N N 198 
LYS NZ   N N N 199 
LYS OXT  O N N 200 
LYS H    H N N 201 
LYS H2   H N N 202 
LYS HA   H N N 203 
LYS HB2  H N N 204 
LYS HB3  H N N 205 
LYS HG2  H N N 206 
LYS HG3  H N N 207 
LYS HD2  H N N 208 
LYS HD3  H N N 209 
LYS HE2  H N N 210 
LYS HE3  H N N 211 
LYS HZ1  H N N 212 
LYS HZ2  H N N 213 
LYS HZ3  H N N 214 
LYS HXT  H N N 215 
MET N    N N N 216 
MET CA   C N S 217 
MET C    C N N 218 
MET O    O N N 219 
MET CB   C N N 220 
MET CG   C N N 221 
MET SD   S N N 222 
MET CE   C N N 223 
MET OXT  O N N 224 
MET H    H N N 225 
MET H2   H N N 226 
MET HA   H N N 227 
MET HB2  H N N 228 
MET HB3  H N N 229 
MET HG2  H N N 230 
MET HG3  H N N 231 
MET HE1  H N N 232 
MET HE2  H N N 233 
MET HE3  H N N 234 
MET HXT  H N N 235 
PHE N    N N N 236 
PHE CA   C N S 237 
PHE C    C N N 238 
PHE O    O N N 239 
PHE CB   C N N 240 
PHE CG   C Y N 241 
PHE CD1  C Y N 242 
PHE CD2  C Y N 243 
PHE CE1  C Y N 244 
PHE CE2  C Y N 245 
PHE CZ   C Y N 246 
PHE OXT  O N N 247 
PHE H    H N N 248 
PHE H2   H N N 249 
PHE HA   H N N 250 
PHE HB2  H N N 251 
PHE HB3  H N N 252 
PHE HD1  H N N 253 
PHE HD2  H N N 254 
PHE HE1  H N N 255 
PHE HE2  H N N 256 
PHE HZ   H N N 257 
PHE HXT  H N N 258 
PRO N    N N N 259 
PRO CA   C N S 260 
PRO C    C N N 261 
PRO O    O N N 262 
PRO CB   C N N 263 
PRO CG   C N N 264 
PRO CD   C N N 265 
PRO OXT  O N N 266 
PRO H    H N N 267 
PRO HA   H N N 268 
PRO HB2  H N N 269 
PRO HB3  H N N 270 
PRO HG2  H N N 271 
PRO HG3  H N N 272 
PRO HD2  H N N 273 
PRO HD3  H N N 274 
PRO HXT  H N N 275 
SER N    N N N 276 
SER CA   C N S 277 
SER C    C N N 278 
SER O    O N N 279 
SER CB   C N N 280 
SER OG   O N N 281 
SER OXT  O N N 282 
SER H    H N N 283 
SER H2   H N N 284 
SER HA   H N N 285 
SER HB2  H N N 286 
SER HB3  H N N 287 
SER HG   H N N 288 
SER HXT  H N N 289 
SO4 S    S N N 290 
SO4 O1   O N N 291 
SO4 O2   O N N 292 
SO4 O3   O N N 293 
SO4 O4   O N N 294 
THR N    N N N 295 
THR CA   C N S 296 
THR C    C N N 297 
THR O    O N N 298 
THR CB   C N R 299 
THR OG1  O N N 300 
THR CG2  C N N 301 
THR OXT  O N N 302 
THR H    H N N 303 
THR H2   H N N 304 
THR HA   H N N 305 
THR HB   H N N 306 
THR HG1  H N N 307 
THR HG21 H N N 308 
THR HG22 H N N 309 
THR HG23 H N N 310 
THR HXT  H N N 311 
TRP N    N N N 312 
TRP CA   C N S 313 
TRP C    C N N 314 
TRP O    O N N 315 
TRP CB   C N N 316 
TRP CG   C Y N 317 
TRP CD1  C Y N 318 
TRP CD2  C Y N 319 
TRP NE1  N Y N 320 
TRP CE2  C Y N 321 
TRP CE3  C Y N 322 
TRP CZ2  C Y N 323 
TRP CZ3  C Y N 324 
TRP CH2  C Y N 325 
TRP OXT  O N N 326 
TRP H    H N N 327 
TRP H2   H N N 328 
TRP HA   H N N 329 
TRP HB2  H N N 330 
TRP HB3  H N N 331 
TRP HD1  H N N 332 
TRP HE1  H N N 333 
TRP HE3  H N N 334 
TRP HZ2  H N N 335 
TRP HZ3  H N N 336 
TRP HH2  H N N 337 
TRP HXT  H N N 338 
TYR N    N N N 339 
TYR CA   C N S 340 
TYR C    C N N 341 
TYR O    O N N 342 
TYR CB   C N N 343 
TYR CG   C Y N 344 
TYR CD1  C Y N 345 
TYR CD2  C Y N 346 
TYR CE1  C Y N 347 
TYR CE2  C Y N 348 
TYR CZ   C Y N 349 
TYR OH   O N N 350 
TYR OXT  O N N 351 
TYR H    H N N 352 
TYR H2   H N N 353 
TYR HA   H N N 354 
TYR HB2  H N N 355 
TYR HB3  H N N 356 
TYR HD1  H N N 357 
TYR HD2  H N N 358 
TYR HE1  H N N 359 
TYR HE2  H N N 360 
TYR HH   H N N 361 
TYR HXT  H N N 362 
VAL N    N N N 363 
VAL CA   C N S 364 
VAL C    C N N 365 
VAL O    O N N 366 
VAL CB   C N N 367 
VAL CG1  C N N 368 
VAL CG2  C N N 369 
VAL OXT  O N N 370 
VAL H    H N N 371 
VAL H2   H N N 372 
VAL HA   H N N 373 
VAL HB   H N N 374 
VAL HG11 H N N 375 
VAL HG12 H N N 376 
VAL HG13 H N N 377 
VAL HG21 H N N 378 
VAL HG22 H N N 379 
VAL HG23 H N N 380 
VAL HXT  H N N 381 
# 
loop_
_chem_comp_bond.comp_id 
_chem_comp_bond.atom_id_1 
_chem_comp_bond.atom_id_2 
_chem_comp_bond.value_order 
_chem_comp_bond.pdbx_aromatic_flag 
_chem_comp_bond.pdbx_stereo_config 
_chem_comp_bond.pdbx_ordinal 
ALA N   CA   sing N N 1   
ALA N   H    sing N N 2   
ALA N   H2   sing N N 3   
ALA CA  C    sing N N 4   
ALA CA  CB   sing N N 5   
ALA CA  HA   sing N N 6   
ALA C   O    doub N N 7   
ALA C   OXT  sing N N 8   
ALA CB  HB1  sing N N 9   
ALA CB  HB2  sing N N 10  
ALA CB  HB3  sing N N 11  
ALA OXT HXT  sing N N 12  
ARG N   CA   sing N N 13  
ARG N   H    sing N N 14  
ARG N   H2   sing N N 15  
ARG CA  C    sing N N 16  
ARG CA  CB   sing N N 17  
ARG CA  HA   sing N N 18  
ARG C   O    doub N N 19  
ARG C   OXT  sing N N 20  
ARG CB  CG   sing N N 21  
ARG CB  HB2  sing N N 22  
ARG CB  HB3  sing N N 23  
ARG CG  CD   sing N N 24  
ARG CG  HG2  sing N N 25  
ARG CG  HG3  sing N N 26  
ARG CD  NE   sing N N 27  
ARG CD  HD2  sing N N 28  
ARG CD  HD3  sing N N 29  
ARG NE  CZ   sing N N 30  
ARG NE  HE   sing N N 31  
ARG CZ  NH1  sing N N 32  
ARG CZ  NH2  doub N N 33  
ARG NH1 HH11 sing N N 34  
ARG NH1 HH12 sing N N 35  
ARG NH2 HH21 sing N N 36  
ARG NH2 HH22 sing N N 37  
ARG OXT HXT  sing N N 38  
ASN N   CA   sing N N 39  
ASN N   H    sing N N 40  
ASN N   H2   sing N N 41  
ASN CA  C    sing N N 42  
ASN CA  CB   sing N N 43  
ASN CA  HA   sing N N 44  
ASN C   O    doub N N 45  
ASN C   OXT  sing N N 46  
ASN CB  CG   sing N N 47  
ASN CB  HB2  sing N N 48  
ASN CB  HB3  sing N N 49  
ASN CG  OD1  doub N N 50  
ASN CG  ND2  sing N N 51  
ASN ND2 HD21 sing N N 52  
ASN ND2 HD22 sing N N 53  
ASN OXT HXT  sing N N 54  
ASP N   CA   sing N N 55  
ASP N   H    sing N N 56  
ASP N   H2   sing N N 57  
ASP CA  C    sing N N 58  
ASP CA  CB   sing N N 59  
ASP CA  HA   sing N N 60  
ASP C   O    doub N N 61  
ASP C   OXT  sing N N 62  
ASP CB  CG   sing N N 63  
ASP CB  HB2  sing N N 64  
ASP CB  HB3  sing N N 65  
ASP CG  OD1  doub N N 66  
ASP CG  OD2  sing N N 67  
ASP OD2 HD2  sing N N 68  
ASP OXT HXT  sing N N 69  
GLN N   CA   sing N N 70  
GLN N   H    sing N N 71  
GLN N   H2   sing N N 72  
GLN CA  C    sing N N 73  
GLN CA  CB   sing N N 74  
GLN CA  HA   sing N N 75  
GLN C   O    doub N N 76  
GLN C   OXT  sing N N 77  
GLN CB  CG   sing N N 78  
GLN CB  HB2  sing N N 79  
GLN CB  HB3  sing N N 80  
GLN CG  CD   sing N N 81  
GLN CG  HG2  sing N N 82  
GLN CG  HG3  sing N N 83  
GLN CD  OE1  doub N N 84  
GLN CD  NE2  sing N N 85  
GLN NE2 HE21 sing N N 86  
GLN NE2 HE22 sing N N 87  
GLN OXT HXT  sing N N 88  
GLU N   CA   sing N N 89  
GLU N   H    sing N N 90  
GLU N   H2   sing N N 91  
GLU CA  C    sing N N 92  
GLU CA  CB   sing N N 93  
GLU CA  HA   sing N N 94  
GLU C   O    doub N N 95  
GLU C   OXT  sing N N 96  
GLU CB  CG   sing N N 97  
GLU CB  HB2  sing N N 98  
GLU CB  HB3  sing N N 99  
GLU CG  CD   sing N N 100 
GLU CG  HG2  sing N N 101 
GLU CG  HG3  sing N N 102 
GLU CD  OE1  doub N N 103 
GLU CD  OE2  sing N N 104 
GLU OE2 HE2  sing N N 105 
GLU OXT HXT  sing N N 106 
GLY N   CA   sing N N 107 
GLY N   H    sing N N 108 
GLY N   H2   sing N N 109 
GLY CA  C    sing N N 110 
GLY CA  HA2  sing N N 111 
GLY CA  HA3  sing N N 112 
GLY C   O    doub N N 113 
GLY C   OXT  sing N N 114 
GLY OXT HXT  sing N N 115 
HIS N   CA   sing N N 116 
HIS N   H    sing N N 117 
HIS N   H2   sing N N 118 
HIS CA  C    sing N N 119 
HIS CA  CB   sing N N 120 
HIS CA  HA   sing N N 121 
HIS C   O    doub N N 122 
HIS C   OXT  sing N N 123 
HIS CB  CG   sing N N 124 
HIS CB  HB2  sing N N 125 
HIS CB  HB3  sing N N 126 
HIS CG  ND1  sing Y N 127 
HIS CG  CD2  doub Y N 128 
HIS ND1 CE1  doub Y N 129 
HIS ND1 HD1  sing N N 130 
HIS CD2 NE2  sing Y N 131 
HIS CD2 HD2  sing N N 132 
HIS CE1 NE2  sing Y N 133 
HIS CE1 HE1  sing N N 134 
HIS NE2 HE2  sing N N 135 
HIS OXT HXT  sing N N 136 
HOH O   H1   sing N N 137 
HOH O   H2   sing N N 138 
ILE N   CA   sing N N 139 
ILE N   H    sing N N 140 
ILE N   H2   sing N N 141 
ILE CA  C    sing N N 142 
ILE CA  CB   sing N N 143 
ILE CA  HA   sing N N 144 
ILE C   O    doub N N 145 
ILE C   OXT  sing N N 146 
ILE CB  CG1  sing N N 147 
ILE CB  CG2  sing N N 148 
ILE CB  HB   sing N N 149 
ILE CG1 CD1  sing N N 150 
ILE CG1 HG12 sing N N 151 
ILE CG1 HG13 sing N N 152 
ILE CG2 HG21 sing N N 153 
ILE CG2 HG22 sing N N 154 
ILE CG2 HG23 sing N N 155 
ILE CD1 HD11 sing N N 156 
ILE CD1 HD12 sing N N 157 
ILE CD1 HD13 sing N N 158 
ILE OXT HXT  sing N N 159 
LEU N   CA   sing N N 160 
LEU N   H    sing N N 161 
LEU N   H2   sing N N 162 
LEU CA  C    sing N N 163 
LEU CA  CB   sing N N 164 
LEU CA  HA   sing N N 165 
LEU C   O    doub N N 166 
LEU C   OXT  sing N N 167 
LEU CB  CG   sing N N 168 
LEU CB  HB2  sing N N 169 
LEU CB  HB3  sing N N 170 
LEU CG  CD1  sing N N 171 
LEU CG  CD2  sing N N 172 
LEU CG  HG   sing N N 173 
LEU CD1 HD11 sing N N 174 
LEU CD1 HD12 sing N N 175 
LEU CD1 HD13 sing N N 176 
LEU CD2 HD21 sing N N 177 
LEU CD2 HD22 sing N N 178 
LEU CD2 HD23 sing N N 179 
LEU OXT HXT  sing N N 180 
LYS N   CA   sing N N 181 
LYS N   H    sing N N 182 
LYS N   H2   sing N N 183 
LYS CA  C    sing N N 184 
LYS CA  CB   sing N N 185 
LYS CA  HA   sing N N 186 
LYS C   O    doub N N 187 
LYS C   OXT  sing N N 188 
LYS CB  CG   sing N N 189 
LYS CB  HB2  sing N N 190 
LYS CB  HB3  sing N N 191 
LYS CG  CD   sing N N 192 
LYS CG  HG2  sing N N 193 
LYS CG  HG3  sing N N 194 
LYS CD  CE   sing N N 195 
LYS CD  HD2  sing N N 196 
LYS CD  HD3  sing N N 197 
LYS CE  NZ   sing N N 198 
LYS CE  HE2  sing N N 199 
LYS CE  HE3  sing N N 200 
LYS NZ  HZ1  sing N N 201 
LYS NZ  HZ2  sing N N 202 
LYS NZ  HZ3  sing N N 203 
LYS OXT HXT  sing N N 204 
MET N   CA   sing N N 205 
MET N   H    sing N N 206 
MET N   H2   sing N N 207 
MET CA  C    sing N N 208 
MET CA  CB   sing N N 209 
MET CA  HA   sing N N 210 
MET C   O    doub N N 211 
MET C   OXT  sing N N 212 
MET CB  CG   sing N N 213 
MET CB  HB2  sing N N 214 
MET CB  HB3  sing N N 215 
MET CG  SD   sing N N 216 
MET CG  HG2  sing N N 217 
MET CG  HG3  sing N N 218 
MET SD  CE   sing N N 219 
MET CE  HE1  sing N N 220 
MET CE  HE2  sing N N 221 
MET CE  HE3  sing N N 222 
MET OXT HXT  sing N N 223 
PHE N   CA   sing N N 224 
PHE N   H    sing N N 225 
PHE N   H2   sing N N 226 
PHE CA  C    sing N N 227 
PHE CA  CB   sing N N 228 
PHE CA  HA   sing N N 229 
PHE C   O    doub N N 230 
PHE C   OXT  sing N N 231 
PHE CB  CG   sing N N 232 
PHE CB  HB2  sing N N 233 
PHE CB  HB3  sing N N 234 
PHE CG  CD1  doub Y N 235 
PHE CG  CD2  sing Y N 236 
PHE CD1 CE1  sing Y N 237 
PHE CD1 HD1  sing N N 238 
PHE CD2 CE2  doub Y N 239 
PHE CD2 HD2  sing N N 240 
PHE CE1 CZ   doub Y N 241 
PHE CE1 HE1  sing N N 242 
PHE CE2 CZ   sing Y N 243 
PHE CE2 HE2  sing N N 244 
PHE CZ  HZ   sing N N 245 
PHE OXT HXT  sing N N 246 
PRO N   CA   sing N N 247 
PRO N   CD   sing N N 248 
PRO N   H    sing N N 249 
PRO CA  C    sing N N 250 
PRO CA  CB   sing N N 251 
PRO CA  HA   sing N N 252 
PRO C   O    doub N N 253 
PRO C   OXT  sing N N 254 
PRO CB  CG   sing N N 255 
PRO CB  HB2  sing N N 256 
PRO CB  HB3  sing N N 257 
PRO CG  CD   sing N N 258 
PRO CG  HG2  sing N N 259 
PRO CG  HG3  sing N N 260 
PRO CD  HD2  sing N N 261 
PRO CD  HD3  sing N N 262 
PRO OXT HXT  sing N N 263 
SER N   CA   sing N N 264 
SER N   H    sing N N 265 
SER N   H2   sing N N 266 
SER CA  C    sing N N 267 
SER CA  CB   sing N N 268 
SER CA  HA   sing N N 269 
SER C   O    doub N N 270 
SER C   OXT  sing N N 271 
SER CB  OG   sing N N 272 
SER CB  HB2  sing N N 273 
SER CB  HB3  sing N N 274 
SER OG  HG   sing N N 275 
SER OXT HXT  sing N N 276 
SO4 S   O1   doub N N 277 
SO4 S   O2   doub N N 278 
SO4 S   O3   sing N N 279 
SO4 S   O4   sing N N 280 
THR N   CA   sing N N 281 
THR N   H    sing N N 282 
THR N   H2   sing N N 283 
THR CA  C    sing N N 284 
THR CA  CB   sing N N 285 
THR CA  HA   sing N N 286 
THR C   O    doub N N 287 
THR C   OXT  sing N N 288 
THR CB  OG1  sing N N 289 
THR CB  CG2  sing N N 290 
THR CB  HB   sing N N 291 
THR OG1 HG1  sing N N 292 
THR CG2 HG21 sing N N 293 
THR CG2 HG22 sing N N 294 
THR CG2 HG23 sing N N 295 
THR OXT HXT  sing N N 296 
TRP N   CA   sing N N 297 
TRP N   H    sing N N 298 
TRP N   H2   sing N N 299 
TRP CA  C    sing N N 300 
TRP CA  CB   sing N N 301 
TRP CA  HA   sing N N 302 
TRP C   O    doub N N 303 
TRP C   OXT  sing N N 304 
TRP CB  CG   sing N N 305 
TRP CB  HB2  sing N N 306 
TRP CB  HB3  sing N N 307 
TRP CG  CD1  doub Y N 308 
TRP CG  CD2  sing Y N 309 
TRP CD1 NE1  sing Y N 310 
TRP CD1 HD1  sing N N 311 
TRP CD2 CE2  doub Y N 312 
TRP CD2 CE3  sing Y N 313 
TRP NE1 CE2  sing Y N 314 
TRP NE1 HE1  sing N N 315 
TRP CE2 CZ2  sing Y N 316 
TRP CE3 CZ3  doub Y N 317 
TRP CE3 HE3  sing N N 318 
TRP CZ2 CH2  doub Y N 319 
TRP CZ2 HZ2  sing N N 320 
TRP CZ3 CH2  sing Y N 321 
TRP CZ3 HZ3  sing N N 322 
TRP CH2 HH2  sing N N 323 
TRP OXT HXT  sing N N 324 
TYR N   CA   sing N N 325 
TYR N   H    sing N N 326 
TYR N   H2   sing N N 327 
TYR CA  C    sing N N 328 
TYR CA  CB   sing N N 329 
TYR CA  HA   sing N N 330 
TYR C   O    doub N N 331 
TYR C   OXT  sing N N 332 
TYR CB  CG   sing N N 333 
TYR CB  HB2  sing N N 334 
TYR CB  HB3  sing N N 335 
TYR CG  CD1  doub Y N 336 
TYR CG  CD2  sing Y N 337 
TYR CD1 CE1  sing Y N 338 
TYR CD1 HD1  sing N N 339 
TYR CD2 CE2  doub Y N 340 
TYR CD2 HD2  sing N N 341 
TYR CE1 CZ   doub Y N 342 
TYR CE1 HE1  sing N N 343 
TYR CE2 CZ   sing Y N 344 
TYR CE2 HE2  sing N N 345 
TYR CZ  OH   sing N N 346 
TYR OH  HH   sing N N 347 
TYR OXT HXT  sing N N 348 
VAL N   CA   sing N N 349 
VAL N   H    sing N N 350 
VAL N   H2   sing N N 351 
VAL CA  C    sing N N 352 
VAL CA  CB   sing N N 353 
VAL CA  HA   sing N N 354 
VAL C   O    doub N N 355 
VAL C   OXT  sing N N 356 
VAL CB  CG1  sing N N 357 
VAL CB  CG2  sing N N 358 
VAL CB  HB   sing N N 359 
VAL CG1 HG11 sing N N 360 
VAL CG1 HG12 sing N N 361 
VAL CG1 HG13 sing N N 362 
VAL CG2 HG21 sing N N 363 
VAL CG2 HG22 sing N N 364 
VAL CG2 HG23 sing N N 365 
VAL OXT HXT  sing N N 366 
# 
_atom_sites.entry_id                    2HCU 
_atom_sites.fract_transf_matrix[1][1]   0.00162076 
_atom_sites.fract_transf_matrix[1][2]   -0.00284606 
_atom_sites.fract_transf_matrix[1][3]   -0.01524915 
_atom_sites.fract_transf_matrix[2][1]   0.00792315 
_atom_sites.fract_transf_matrix[2][2]   0.00997726 
_atom_sites.fract_transf_matrix[2][3]   -0.00899691 
_atom_sites.fract_transf_matrix[3][1]   0.01022449 
_atom_sites.fract_transf_matrix[3][2]   -0.00611106 
_atom_sites.fract_transf_matrix[3][3]   0.00222726 
_atom_sites.fract_transf_vector[1]      -0.061975 
_atom_sites.fract_transf_vector[2]      0.428441 
_atom_sites.fract_transf_vector[3]      -0.004332 
# 
loop_
_atom_type.symbol 
C 
N 
O 
S 
# 
loop_
_atom_site.group_PDB 
_atom_site.id 
_atom_site.type_symbol 
_atom_site.label_atom_id 
_atom_site.label_alt_id 
_atom_site.label_comp_id 
_atom_site.label_asym_id 
_atom_site.label_entity_id 
_atom_site.label_seq_id 
_atom_site.pdbx_PDB_ins_code 
_atom_site.Cartn_x 
_atom_site.Cartn_y 
_atom_site.Cartn_z 
_atom_site.occupancy 
_atom_site.B_iso_or_equiv 
_atom_site.pdbx_formal_charge 
_atom_site.auth_seq_id 
_atom_site.auth_comp_id 
_atom_site.auth_asym_id 
_atom_site.auth_atom_id 
_atom_site.pdbx_PDB_model_num 
ATOM   1    N N   . MET A 1 13  ? 4.526   12.569  4.351   1.00 45.48 ? -4   MET A N   1 
ATOM   2    C CA  . MET A 1 13  ? 3.429   12.906  3.450   1.00 46.75 ? -4   MET A CA  1 
ATOM   3    C C   . MET A 1 13  ? 2.453   13.876  4.108   1.00 47.00 ? -4   MET A C   1 
ATOM   4    O O   . MET A 1 13  ? 2.548   14.152  5.304   1.00 49.12 ? -4   MET A O   1 
ATOM   5    C CB  . MET A 1 13  ? 2.694   11.640  3.006   1.00 46.41 ? -4   MET A CB  1 
ATOM   6    C CG  . MET A 1 13  ? 2.655   11.442  1.499   1.00 50.34 ? -4   MET A CG  1 
ATOM   7    S SD  . MET A 1 13  ? 1.168   12.127  0.744   1.00 55.73 ? -4   MET A SD  1 
ATOM   8    C CE  . MET A 1 13  ? 1.496   11.820  -0.989  1.00 52.91 ? -4   MET A CE  1 
ATOM   9    N N   . GLY A 1 14  ? 1.516   14.390  3.319   1.00 47.51 ? -3   GLY A N   1 
ATOM   10   C CA  . GLY A 1 14  ? 0.655   15.463  3.762   1.00 48.04 ? -3   GLY A CA  1 
ATOM   11   C C   . GLY A 1 14  ? -0.223  15.967  2.665   1.00 49.37 ? -3   GLY A C   1 
ATOM   12   O O   . GLY A 1 14  ? -1.385  16.239  2.901   1.00 49.22 ? -3   GLY A O   1 
ATOM   13   N N   . ARG A 1 15  ? 0.317   16.074  1.452   1.00 50.17 ? -2   ARG A N   1 
ATOM   14   C CA  . ARG A 1 15  ? -0.380  16.814  0.426   1.00 51.23 ? -2   ARG A CA  1 
ATOM   15   C C   . ARG A 1 15  ? -1.921  16.614  0.424   1.00 50.47 ? -2   ARG A C   1 
ATOM   16   O O   . ARG A 1 15  ? -2.647  17.619  0.486   1.00 50.98 ? -2   ARG A O   1 
ATOM   17   C CB  . ARG A 1 15  ? 0.260   16.619  -0.953  1.00 50.47 ? -2   ARG A CB  1 
ATOM   18   C CG  . ARG A 1 15  ? 1.118   17.864  -1.334  1.00 53.15 ? -2   ARG A CG  1 
ATOM   19   C CD  . ARG A 1 15  ? 2.089   17.619  -2.490  1.00 53.60 ? -2   ARG A CD  1 
ATOM   20   N NE  . ARG A 1 15  ? 2.861   16.391  -2.290  1.00 60.39 ? -2   ARG A NE  1 
ATOM   21   C CZ  . ARG A 1 15  ? 2.639   15.238  -2.927  1.00 63.30 ? -2   ARG A CZ  1 
ATOM   22   N NH1 . ARG A 1 15  ? 1.685   15.148  -3.859  1.00 66.13 ? -2   ARG A NH1 1 
ATOM   23   N NH2 . ARG A 1 15  ? 3.387   14.173  -2.642  1.00 64.61 ? -2   ARG A NH2 1 
ATOM   24   N N   . GLY A 1 16  ? -2.410  15.355  0.388   1.00 49.32 ? -1   GLY A N   1 
ATOM   25   C CA  . GLY A 1 16  ? -3.785  15.084  -0.097  1.00 48.23 ? -1   GLY A CA  1 
ATOM   26   C C   . GLY A 1 16  ? -3.945  15.455  -1.581  1.00 47.85 ? -1   GLY A C   1 
ATOM   27   O O   . GLY A 1 16  ? -5.061  15.452  -2.132  1.00 46.40 ? -1   GLY A O   1 
ATOM   28   N N   . SER A 1 17  ? -2.807  15.780  -2.214  1.00 48.22 ? 0    SER A N   1 
ATOM   29   C CA  . SER A 1 17  ? -2.699  16.156  -3.634  1.00 49.16 ? 0    SER A CA  1 
ATOM   30   C C   . SER A 1 17  ? -2.835  14.925  -4.530  1.00 49.09 ? 0    SER A C   1 
ATOM   31   O O   . SER A 1 17  ? -2.232  13.863  -4.239  1.00 49.11 ? 0    SER A O   1 
ATOM   32   C CB  . SER A 1 17  ? -1.340  16.840  -3.919  1.00 49.01 ? 0    SER A CB  1 
ATOM   33   O OG  . SER A 1 17  ? -1.182  18.022  -3.138  1.00 51.80 ? 0    SER A OG  1 
ATOM   34   N N   . MET A 1 18  ? -3.604  15.074  -5.622  1.00 49.04 ? 1    MET A N   1 
ATOM   35   C CA  . MET A 1 18  ? -3.728  14.022  -6.632  1.00 48.45 ? 1    MET A CA  1 
ATOM   36   C C   . MET A 1 18  ? -2.494  13.958  -7.506  1.00 47.02 ? 1    MET A C   1 
ATOM   37   O O   . MET A 1 18  ? -2.185  14.913  -8.187  1.00 47.23 ? 1    MET A O   1 
ATOM   38   C CB  . MET A 1 18  ? -4.967  14.202  -7.500  1.00 49.22 ? 1    MET A CB  1 
ATOM   39   C CG  . MET A 1 18  ? -6.120  13.317  -7.053  1.00 54.48 ? 1    MET A CG  1 
ATOM   40   S SD  . MET A 1 18  ? -6.137  11.626  -7.686  1.00 60.75 ? 1    MET A SD  1 
ATOM   41   C CE  . MET A 1 18  ? -4.472  11.025  -7.494  1.00 56.86 ? 1    MET A CE  1 
ATOM   42   N N   . GLU A 1 19  ? -1.799  12.822  -7.456  1.00 45.07 ? 2    GLU A N   1 
ATOM   43   C CA  . GLU A 1 19  ? -0.638  12.546  -8.279  1.00 43.56 ? 2    GLU A CA  1 
ATOM   44   C C   . GLU A 1 19  ? -1.092  11.640  -9.406  1.00 41.05 ? 2    GLU A C   1 
ATOM   45   O O   . GLU A 1 19  ? -1.984  10.783  -9.238  1.00 41.10 ? 2    GLU A O   1 
ATOM   46   C CB  . GLU A 1 19  ? 0.445   11.815  -7.482  1.00 43.66 ? 2    GLU A CB  1 
ATOM   47   C CG  . GLU A 1 19  ? 0.534   12.245  -6.021  1.00 46.05 ? 2    GLU A CG  1 
ATOM   48   C CD  . GLU A 1 19  ? 1.671   11.556  -5.261  1.00 47.27 ? 2    GLU A CD  1 
ATOM   49   O OE1 . GLU A 1 19  ? 1.809   11.821  -4.022  1.00 51.88 ? 2    GLU A OE1 1 
ATOM   50   O OE2 . GLU A 1 19  ? 2.420   10.772  -5.905  1.00 51.05 ? 2    GLU A OE2 1 
ATOM   51   N N   . GLU A 1 20  ? -0.433  11.799  -10.542 1.00 38.29 ? 3    GLU A N   1 
ATOM   52   C CA  . GLU A 1 20  ? -0.763  11.103  -11.753 1.00 35.60 ? 3    GLU A CA  1 
ATOM   53   C C   . GLU A 1 20  ? -0.413  9.623   -11.635 1.00 33.56 ? 3    GLU A C   1 
ATOM   54   O O   . GLU A 1 20  ? 0.639   9.260   -11.154 1.00 33.34 ? 3    GLU A O   1 
ATOM   55   C CB  . GLU A 1 20  ? -0.062  11.782  -12.914 1.00 35.72 ? 3    GLU A CB  1 
ATOM   56   C CG  . GLU A 1 20  ? -0.311  11.119  -14.252 1.00 38.80 ? 3    GLU A CG  1 
ATOM   57   C CD  . GLU A 1 20  ? 0.517   11.736  -15.372 1.00 42.90 ? 3    GLU A CD  1 
ATOM   58   O OE1 . GLU A 1 20  ? 1.560   11.135  -15.691 1.00 41.20 ? 3    GLU A OE1 1 
ATOM   59   O OE2 . GLU A 1 20  ? 0.131   12.815  -15.917 1.00 45.13 ? 3    GLU A OE2 1 
ATOM   60   N N   . PHE A 1 21  ? -1.329  8.758   -12.048 1.00 31.15 ? 4    PHE A N   1 
ATOM   61   C CA  . PHE A 1 21  ? -1.051  7.349   -12.062 1.00 29.36 ? 4    PHE A CA  1 
ATOM   62   C C   . PHE A 1 21  ? -1.512  6.869   -13.436 1.00 28.32 ? 4    PHE A C   1 
ATOM   63   O O   . PHE A 1 21  ? -2.697  6.941   -13.729 1.00 27.97 ? 4    PHE A O   1 
ATOM   64   C CB  . PHE A 1 21  ? -1.755  6.578   -10.912 1.00 29.08 ? 4    PHE A CB  1 
ATOM   65   C CG  . PHE A 1 21  ? -1.287  5.146   -10.775 1.00 28.69 ? 4    PHE A CG  1 
ATOM   66   C CD1 . PHE A 1 21  ? -0.562  4.747   -9.665  1.00 27.91 ? 4    PHE A CD1 1 
ATOM   67   C CD2 . PHE A 1 21  ? -1.533  4.221   -11.789 1.00 28.54 ? 4    PHE A CD2 1 
ATOM   68   C CE1 . PHE A 1 21  ? -0.087  3.457   -9.561  1.00 27.11 ? 4    PHE A CE1 1 
ATOM   69   C CE2 . PHE A 1 21  ? -1.061  2.916   -11.713 1.00 27.04 ? 4    PHE A CE2 1 
ATOM   70   C CZ  . PHE A 1 21  ? -0.342  2.524   -10.599 1.00 27.44 ? 4    PHE A CZ  1 
ATOM   71   N N   . THR A 1 22  ? -0.592  6.387   -14.262 1.00 27.84 ? 5    THR A N   1 
ATOM   72   C CA  . THR A 1 22  ? -0.970  5.810   -15.546 1.00 28.11 ? 5    THR A CA  1 
ATOM   73   C C   . THR A 1 22  ? -0.547  4.349   -15.634 1.00 28.53 ? 5    THR A C   1 
ATOM   74   O O   . THR A 1 22  ? -1.379  3.443   -15.591 1.00 28.94 ? 5    THR A O   1 
ATOM   75   C CB  . THR A 1 22  ? -0.345  6.612   -16.702 1.00 28.35 ? 5    THR A CB  1 
ATOM   76   O OG1 . THR A 1 22  ? 1.056   6.796   -16.459 1.00 28.87 ? 5    THR A OG1 1 
ATOM   77   C CG2 . THR A 1 22  ? -0.887  8.033   -16.718 1.00 28.53 ? 5    THR A CG2 1 
ATOM   78   N N   . ILE A 1 23  ? 0.757   4.137   -15.757 1.00 29.09 ? 6    ILE A N   1 
ATOM   79   C CA  . ILE A 1 23  ? 1.337   2.793   -15.749 1.00 29.88 ? 6    ILE A CA  1 
ATOM   80   C C   . ILE A 1 23  ? 2.445   2.780   -14.704 1.00 30.12 ? 6    ILE A C   1 
ATOM   81   O O   . ILE A 1 23  ? 3.229   3.696   -14.647 1.00 30.72 ? 6    ILE A O   1 
ATOM   82   C CB  . ILE A 1 23  ? 1.884   2.411   -17.139 1.00 29.63 ? 6    ILE A CB  1 
ATOM   83   C CG1 . ILE A 1 23  ? 0.820   2.723   -18.203 1.00 30.68 ? 6    ILE A CG1 1 
ATOM   84   C CG2 . ILE A 1 23  ? 2.354   0.938   -17.137 1.00 31.28 ? 6    ILE A CG2 1 
ATOM   85   C CD1 . ILE A 1 23  ? 1.150   2.310   -19.578 1.00 32.56 ? 6    ILE A CD1 1 
ATOM   86   N N   . TYR A 1 24  ? 2.471   1.787   -13.822 1.00 28.72 ? 7    TYR A N   1 
ATOM   87   C CA  . TYR A 1 24  ? 3.518   1.770   -12.814 1.00 28.03 ? 7    TYR A CA  1 
ATOM   88   C C   . TYR A 1 24  ? 4.132   0.375   -12.786 1.00 27.22 ? 7    TYR A C   1 
ATOM   89   O O   . TYR A 1 24  ? 3.408   -0.586  -12.867 1.00 27.55 ? 7    TYR A O   1 
ATOM   90   C CB  . TYR A 1 24  ? 2.940   2.129   -11.421 1.00 27.63 ? 7    TYR A CB  1 
ATOM   91   C CG  . TYR A 1 24  ? 3.985   2.042   -10.361 1.00 27.65 ? 7    TYR A CG  1 
ATOM   92   C CD1 . TYR A 1 24  ? 4.932   3.057   -10.234 1.00 27.76 ? 7    TYR A CD1 1 
ATOM   93   C CD2 . TYR A 1 24  ? 4.103   0.902   -9.550  1.00 26.17 ? 7    TYR A CD2 1 
ATOM   94   C CE1 . TYR A 1 24  ? 5.957   2.971   -9.292  1.00 27.81 ? 7    TYR A CE1 1 
ATOM   95   C CE2 . TYR A 1 24  ? 5.107   0.820   -8.581  1.00 26.15 ? 7    TYR A CE2 1 
ATOM   96   C CZ  . TYR A 1 24  ? 6.030   1.844   -8.473  1.00 27.83 ? 7    TYR A CZ  1 
ATOM   97   O OH  . TYR A 1 24  ? 7.066   1.787   -7.563  1.00 29.09 ? 7    TYR A OH  1 
ATOM   98   N N   . THR A 1 25  ? 5.448   0.286   -12.667 1.00 27.84 ? 8    THR A N   1 
ATOM   99   C CA  . THR A 1 25  ? 6.122   -1.018  -12.461 1.00 29.20 ? 8    THR A CA  1 
ATOM   100  C C   . THR A 1 25  ? 6.938   -1.042  -11.171 1.00 29.31 ? 8    THR A C   1 
ATOM   101  O O   . THR A 1 25  ? 7.731   -0.112  -10.899 1.00 29.73 ? 8    THR A O   1 
ATOM   102  C CB  . THR A 1 25  ? 7.007   -1.424  -13.705 1.00 29.48 ? 8    THR A CB  1 
ATOM   103  O OG1 . THR A 1 25  ? 6.158   -1.470  -14.862 1.00 28.44 ? 8    THR A OG1 1 
ATOM   104  C CG2 . THR A 1 25  ? 7.695   -2.818  -13.500 1.00 29.82 ? 8    THR A CG2 1 
ATOM   105  N N   . GLY A 1 26  ? 6.767   -2.093  -10.373 1.00 28.79 ? 9    GLY A N   1 
ATOM   106  C CA  . GLY A 1 26  ? 7.673   -2.240  -9.215  1.00 28.82 ? 9    GLY A CA  1 
ATOM   107  C C   . GLY A 1 26  ? 7.701   -3.669  -8.778  1.00 29.60 ? 9    GLY A C   1 
ATOM   108  O O   . GLY A 1 26  ? 7.133   -4.528  -9.443  1.00 29.20 ? 9    GLY A O   1 
ATOM   109  N N   . THR A 1 27  ? 8.361   -3.943  -7.658  1.00 31.29 ? 10   THR A N   1 
ATOM   110  C CA  . THR A 1 27  ? 8.390   -5.317  -7.130  1.00 30.87 ? 10   THR A CA  1 
ATOM   111  C C   . THR A 1 27  ? 7.471   -5.329  -5.928  1.00 30.88 ? 10   THR A C   1 
ATOM   112  O O   . THR A 1 27  ? 7.056   -4.263  -5.466  1.00 30.36 ? 10   THR A O   1 
ATOM   113  C CB  . THR A 1 27  ? 9.820   -5.845  -6.820  1.00 31.04 ? 10   THR A CB  1 
ATOM   114  O OG1 . THR A 1 27  ? 10.359  -5.171  -5.674  1.00 32.74 ? 10   THR A OG1 1 
ATOM   115  C CG2 . THR A 1 27  ? 10.769  -5.630  -8.064  1.00 29.62 ? 10   THR A CG2 1 
ATOM   116  N N   . THR A 1 28  ? 7.152   -6.526  -5.451  1.00 30.47 ? 11   THR A N   1 
ATOM   117  C CA  . THR A 1 28  ? 6.068   -6.736  -4.513  1.00 30.78 ? 11   THR A CA  1 
ATOM   118  C C   . THR A 1 28  ? 6.565   -7.278  -3.171  1.00 30.63 ? 11   THR A C   1 
ATOM   119  O O   . THR A 1 28  ? 7.690   -7.798  -3.083  1.00 30.96 ? 11   THR A O   1 
ATOM   120  C CB  . THR A 1 28  ? 5.004   -7.726  -5.064  1.00 30.10 ? 11   THR A CB  1 
ATOM   121  O OG1 . THR A 1 28  ? 5.572   -9.046  -5.095  1.00 31.99 ? 11   THR A OG1 1 
ATOM   122  C CG2 . THR A 1 28  ? 4.497   -7.332  -6.454  1.00 29.01 ? 11   THR A CG2 1 
ATOM   123  N N   . VAL A 1 29  ? 5.726   -7.143  -2.141  1.00 29.81 ? 12   VAL A N   1 
ATOM   124  C CA  . VAL A 1 29  ? 5.966   -7.787  -0.822  1.00 28.77 ? 12   VAL A CA  1 
ATOM   125  C C   . VAL A 1 29  ? 4.622   -8.269  -0.332  1.00 28.93 ? 12   VAL A C   1 
ATOM   126  O O   . VAL A 1 29  ? 3.634   -7.560  -0.464  1.00 28.56 ? 12   VAL A O   1 
ATOM   127  C CB  . VAL A 1 29  ? 6.714   -6.889  0.220   1.00 29.06 ? 12   VAL A CB  1 
ATOM   128  C CG1 . VAL A 1 29  ? 5.980   -5.569  0.486   1.00 27.52 ? 12   VAL A CG1 1 
ATOM   129  C CG2 . VAL A 1 29  ? 6.986   -7.670  1.545   1.00 29.83 ? 12   VAL A CG2 1 
ATOM   130  N N   . PRO A 1 30  ? 4.546   -9.544  0.105   1.00 29.70 ? 13   PRO A N   1 
ATOM   131  C CA  . PRO A 1 30  ? 3.278   -10.047 0.621   1.00 28.95 ? 13   PRO A CA  1 
ATOM   132  C C   . PRO A 1 30  ? 3.177   -9.937  2.166   1.00 29.07 ? 13   PRO A C   1 
ATOM   133  O O   . PRO A 1 30  ? 4.142   -10.199 2.882   1.00 28.28 ? 13   PRO A O   1 
ATOM   134  C CB  . PRO A 1 30  ? 3.288   -11.490 0.167   1.00 28.39 ? 13   PRO A CB  1 
ATOM   135  C CG  . PRO A 1 30  ? 4.738   -11.876 0.247   1.00 28.73 ? 13   PRO A CG  1 
ATOM   136  C CD  . PRO A 1 30  ? 5.568   -10.610 0.054   1.00 28.76 ? 13   PRO A CD  1 
ATOM   137  N N   . LEU A 1 31  ? 2.017   -9.525  2.661   1.00 29.14 ? 14   LEU A N   1 
ATOM   138  C CA  . LEU A 1 31  ? 1.762   -9.551  4.118   1.00 29.86 ? 14   LEU A CA  1 
ATOM   139  C C   . LEU A 1 31  ? 0.300   -9.845  4.260   1.00 30.71 ? 14   LEU A C   1 
ATOM   140  O O   . LEU A 1 31  ? -0.543  -8.943  4.177   1.00 30.06 ? 14   LEU A O   1 
ATOM   141  C CB  . LEU A 1 31  ? 2.175   -8.217  4.787   1.00 29.02 ? 14   LEU A CB  1 
ATOM   142  C CG  . LEU A 1 31  ? 2.112   -8.174  6.318   1.00 28.75 ? 14   LEU A CG  1 
ATOM   143  C CD1 . LEU A 1 31  ? 3.269   -8.956  6.874   1.00 31.70 ? 14   LEU A CD1 1 
ATOM   144  C CD2 . LEU A 1 31  ? 2.172   -6.756  6.789   1.00 28.00 ? 14   LEU A CD2 1 
ATOM   145  N N   . MET A 1 32  ? -0.017  -11.123 4.401   1.00 31.56 ? 15   MET A N   1 
ATOM   146  C CA  . MET A 1 32  ? -1.347  -11.596 3.971   1.00 32.91 ? 15   MET A CA  1 
ATOM   147  C C   . MET A 1 32  ? -2.386  -11.590 5.081   1.00 33.33 ? 15   MET A C   1 
ATOM   148  O O   . MET A 1 32  ? -3.476  -12.125 4.908   1.00 34.27 ? 15   MET A O   1 
ATOM   149  C CB  . MET A 1 32  ? -1.276  -12.987 3.321   1.00 32.66 ? 15   MET A CB  1 
ATOM   150  C CG  . MET A 1 32  ? -0.396  -13.067 2.052   1.00 35.77 ? 15   MET A CG  1 
ATOM   151  S SD  . MET A 1 32  ? -0.923  -11.877 0.811   1.00 34.02 ? 15   MET A SD  1 
ATOM   152  C CE  . MET A 1 32  ? -2.526  -12.530 0.388   1.00 32.40 ? 15   MET A CE  1 
ATOM   153  N N   . ASN A 1 33  ? -2.082  -10.929 6.192   1.00 33.33 ? 16   ASN A N   1 
ATOM   154  C CA  . ASN A 1 33  ? -3.015  -10.885 7.305   1.00 32.06 ? 16   ASN A CA  1 
ATOM   155  C C   . ASN A 1 33  ? -4.259  -10.096 6.982   1.00 31.37 ? 16   ASN A C   1 
ATOM   156  O O   . ASN A 1 33  ? -4.201  -9.080  6.265   1.00 30.91 ? 16   ASN A O   1 
ATOM   157  C CB  . ASN A 1 33  ? -2.316  -10.332 8.525   1.00 31.97 ? 16   ASN A CB  1 
ATOM   158  C CG  . ASN A 1 33  ? -1.049  -11.060 8.808   1.00 36.04 ? 16   ASN A CG  1 
ATOM   159  O OD1 . ASN A 1 33  ? -0.023  -10.840 8.141   1.00 38.92 ? 16   ASN A OD1 1 
ATOM   160  N ND2 . ASN A 1 33  ? -1.098  -11.963 9.778   1.00 34.88 ? 16   ASN A ND2 1 
ATOM   161  N N   . ASP A 1 34  ? -5.387  -10.584 7.479   1.00 29.63 ? 17   ASP A N   1 
ATOM   162  C CA  . ASP A 1 34  ? -6.644  -9.871  7.424   1.00 30.22 ? 17   ASP A CA  1 
ATOM   163  C C   . ASP A 1 34  ? -6.656  -8.785  8.478   1.00 29.47 ? 17   ASP A C   1 
ATOM   164  O O   . ASP A 1 34  ? -5.919  -8.853  9.487   1.00 29.44 ? 17   ASP A O   1 
ATOM   165  C CB  . ASP A 1 34  ? -7.843  -10.811 7.601   1.00 30.30 ? 17   ASP A CB  1 
ATOM   166  C CG  . ASP A 1 34  ? -7.911  -11.856 6.516   1.00 32.01 ? 17   ASP A CG  1 
ATOM   167  O OD1 . ASP A 1 34  ? -7.453  -11.576 5.388   1.00 33.20 ? 17   ASP A OD1 1 
ATOM   168  O OD2 . ASP A 1 34  ? -8.443  -12.957 6.786   1.00 34.95 ? 17   ASP A OD2 1 
ATOM   169  N N   . ASN A 1 35  ? -7.500  -7.777  8.229   1.00 28.97 ? 18   ASN A N   1 
ATOM   170  C CA  . ASN A 1 35  ? -7.787  -6.730  9.217   1.00 26.84 ? 18   ASN A CA  1 
ATOM   171  C C   . ASN A 1 35  ? -6.525  -6.018  9.736   1.00 25.87 ? 18   ASN A C   1 
ATOM   172  O O   . ASN A 1 35  ? -6.405  -5.724  10.934  1.00 23.46 ? 18   ASN A O   1 
ATOM   173  C CB  . ASN A 1 35  ? -8.637  -7.330  10.363  1.00 28.35 ? 18   ASN A CB  1 
ATOM   174  C CG  . ASN A 1 35  ? -9.780  -8.243  9.858   1.00 26.65 ? 18   ASN A CG  1 
ATOM   175  O OD1 . ASN A 1 35  ? -9.978  -9.318  10.383  1.00 35.81 ? 18   ASN A OD1 1 
ATOM   176  N ND2 . ASN A 1 35  ? -10.532 -7.806  8.909   1.00 28.91 ? 18   ASN A ND2 1 
ATOM   177  N N   . ILE A 1 36  ? -5.566  -5.706  8.844   1.00 25.24 ? 19   ILE A N   1 
ATOM   178  C CA  . ILE A 1 36  ? -4.513  -4.762  9.229   1.00 24.40 ? 19   ILE A CA  1 
ATOM   179  C C   . ILE A 1 36  ? -5.111  -3.340  9.347   1.00 25.63 ? 19   ILE A C   1 
ATOM   180  O O   . ILE A 1 36  ? -5.268  -2.608  8.342   1.00 25.30 ? 19   ILE A O   1 
ATOM   181  C CB  . ILE A 1 36  ? -3.275  -4.841  8.284   1.00 25.73 ? 19   ILE A CB  1 
ATOM   182  C CG1 . ILE A 1 36  ? -2.759  -6.302  8.190   1.00 26.13 ? 19   ILE A CG1 1 
ATOM   183  C CG2 . ILE A 1 36  ? -2.156  -3.953  8.793   1.00 23.13 ? 19   ILE A CG2 1 
ATOM   184  C CD1 . ILE A 1 36  ? -1.676  -6.598  7.062   1.00 23.50 ? 19   ILE A CD1 1 
ATOM   185  N N   . ASP A 1 37  ? -5.464  -2.947  10.578  1.00 25.74 ? 20   ASP A N   1 
ATOM   186  C CA  . ASP A 1 37  ? -6.226  -1.738  10.807  1.00 24.51 ? 20   ASP A CA  1 
ATOM   187  C C   . ASP A 1 37  ? -5.313  -0.557  10.844  1.00 23.72 ? 20   ASP A C   1 
ATOM   188  O O   . ASP A 1 37  ? -4.106  -0.715  10.889  1.00 21.99 ? 20   ASP A O   1 
ATOM   189  C CB  . ASP A 1 37  ? -7.117  -1.830  12.060  1.00 24.70 ? 20   ASP A CB  1 
ATOM   190  C CG  . ASP A 1 37  ? -6.313  -1.983  13.328  1.00 26.42 ? 20   ASP A CG  1 
ATOM   191  O OD1 . ASP A 1 37  ? -6.128  -3.114  13.776  1.00 32.06 ? 20   ASP A OD1 1 
ATOM   192  O OD2 . ASP A 1 37  ? -5.796  -0.997  13.854  1.00 29.53 ? 20   ASP A OD2 1 
ATOM   193  N N   . THR A 1 38  ? -5.909  0.648   10.795  1.00 24.76 ? 21   THR A N   1 
ATOM   194  C CA  . THR A 1 38  ? -5.131  1.904   10.771  1.00 25.05 ? 21   THR A CA  1 
ATOM   195  C C   . THR A 1 38  ? -4.183  2.041   11.937  1.00 24.77 ? 21   THR A C   1 
ATOM   196  O O   . THR A 1 38  ? -3.171  2.663   11.801  1.00 23.17 ? 21   THR A O   1 
ATOM   197  C CB  . THR A 1 38  ? -6.015  3.172   10.714  1.00 25.94 ? 21   THR A CB  1 
ATOM   198  O OG1 . THR A 1 38  ? -6.971  3.121   11.767  1.00 25.31 ? 21   THR A OG1 1 
ATOM   199  C CG2 . THR A 1 38  ? -6.739  3.247   9.405   1.00 23.96 ? 21   THR A CG2 1 
ATOM   200  N N   . ASP A 1 39  ? -4.531  1.453   13.076  1.00 25.80 ? 22   ASP A N   1 
ATOM   201  C CA  . ASP A 1 39  ? -3.682  1.521   14.261  1.00 27.11 ? 22   ASP A CA  1 
ATOM   202  C C   . ASP A 1 39  ? -2.391  0.733   14.058  1.00 27.42 ? 22   ASP A C   1 
ATOM   203  O O   . ASP A 1 39  ? -1.319  1.154   14.492  1.00 27.62 ? 22   ASP A O   1 
ATOM   204  C CB  . ASP A 1 39  ? -4.430  0.998   15.488  1.00 28.91 ? 22   ASP A CB  1 
ATOM   205  C CG  . ASP A 1 39  ? -3.972  1.655   16.775  1.00 29.31 ? 22   ASP A CG  1 
ATOM   206  O OD1 . ASP A 1 39  ? -3.777  0.934   17.775  1.00 33.42 ? 22   ASP A OD1 1 
ATOM   207  O OD2 . ASP A 1 39  ? -3.781  2.885   16.880  1.00 30.86 ? 22   ASP A OD2 1 
ATOM   208  N N   . GLN A 1 40  ? -2.505  -0.412  13.394  1.00 27.58 ? 23   GLN A N   1 
ATOM   209  C CA  . GLN A 1 40  ? -1.345  -1.252  13.083  1.00 29.41 ? 23   GLN A CA  1 
ATOM   210  C C   . GLN A 1 40  ? -0.487  -0.557  12.024  1.00 27.55 ? 23   GLN A C   1 
ATOM   211  O O   . GLN A 1 40  ? 0.727   -0.488  12.141  1.00 27.89 ? 23   GLN A O   1 
ATOM   212  C CB  . GLN A 1 40  ? -1.786  -2.630  12.590  1.00 27.61 ? 23   GLN A CB  1 
ATOM   213  C CG  . GLN A 1 40  ? -2.587  -3.396  13.598  1.00 32.82 ? 23   GLN A CG  1 
ATOM   214  C CD  . GLN A 1 40  ? -2.850  -4.854  13.171  1.00 33.52 ? 23   GLN A CD  1 
ATOM   215  O OE1 . GLN A 1 40  ? -3.994  -5.268  12.997  1.00 39.29 ? 23   GLN A OE1 1 
ATOM   216  N NE2 . GLN A 1 40  ? -1.785  -5.620  12.991  1.00 37.72 ? 23   GLN A NE2 1 
ATOM   217  N N   . ILE A 1 41  ? -1.133  -0.004  11.003  1.00 27.47 ? 24   ILE A N   1 
ATOM   218  C CA  . ILE A 1 41  ? -0.419  0.751   9.927   1.00 26.10 ? 24   ILE A CA  1 
ATOM   219  C C   . ILE A 1 41  ? 0.346   1.961   10.488  1.00 26.62 ? 24   ILE A C   1 
ATOM   220  O O   . ILE A 1 41  ? 1.539   2.168   10.197  1.00 26.62 ? 24   ILE A O   1 
ATOM   221  C CB  . ILE A 1 41  ? -1.392  1.218   8.811   1.00 25.70 ? 24   ILE A CB  1 
ATOM   222  C CG1 . ILE A 1 41  ? -2.190  0.003   8.258   1.00 25.11 ? 24   ILE A CG1 1 
ATOM   223  C CG2 . ILE A 1 41  ? -0.623  2.025   7.731   1.00 23.93 ? 24   ILE A CG2 1 
ATOM   224  C CD1 . ILE A 1 41  ? -3.329  0.358   7.366   1.00 24.39 ? 24   ILE A CD1 1 
ATOM   225  N N   . LEU A 1 42  ? -0.327  2.762   11.300  1.00 25.25 ? 25   LEU A N   1 
ATOM   226  C CA  . LEU A 1 42  ? 0.329   3.913   11.904  1.00 25.10 ? 25   LEU A CA  1 
ATOM   227  C C   . LEU A 1 42  ? -0.194  4.148   13.355  1.00 25.42 ? 25   LEU A C   1 
ATOM   228  O O   . LEU A 1 42  ? -1.303  4.652   13.547  1.00 24.71 ? 25   LEU A O   1 
ATOM   229  C CB  . LEU A 1 42  ? 0.251   5.186   11.012  1.00 24.71 ? 25   LEU A CB  1 
ATOM   230  C CG  . LEU A 1 42  ? 1.052   6.307   11.717  1.00 25.56 ? 25   LEU A CG  1 
ATOM   231  C CD1 . LEU A 1 42  ? 2.522   6.196   11.537  1.00 19.73 ? 25   LEU A CD1 1 
ATOM   232  C CD2 . LEU A 1 42  ? 0.607   7.655   11.367  1.00 26.18 ? 25   LEU A CD2 1 
ATOM   233  N N   . PRO A 1 43  ? 0.573   3.680   14.371  1.00 26.40 ? 26   PRO A N   1 
ATOM   234  C CA  . PRO A 1 43  ? 0.149   3.853   15.786  1.00 26.27 ? 26   PRO A CA  1 
ATOM   235  C C   . PRO A 1 43  ? -0.256  5.268   16.225  1.00 27.03 ? 26   PRO A C   1 
ATOM   236  O O   . PRO A 1 43  ? 0.273   6.292   15.745  1.00 26.88 ? 26   PRO A O   1 
ATOM   237  C CB  . PRO A 1 43  ? 1.332   3.284   16.575  1.00 26.96 ? 26   PRO A CB  1 
ATOM   238  C CG  . PRO A 1 43  ? 1.913   2.155   15.589  1.00 25.96 ? 26   PRO A CG  1 
ATOM   239  C CD  . PRO A 1 43  ? 1.800   2.850   14.242  1.00 24.73 ? 26   PRO A CD  1 
ATOM   240  N N   . LYS A 1 44  ? -1.235  5.320   17.104  1.00 27.81 ? 27   LYS A N   1 
ATOM   241  C CA  . LYS A 1 44  ? -1.852  6.592   17.470  1.00 29.91 ? 27   LYS A CA  1 
ATOM   242  C C   . LYS A 1 44  ? -0.899  7.645   17.984  1.00 29.29 ? 27   LYS A C   1 
ATOM   243  O O   . LYS A 1 44  ? -1.132  8.845   17.752  1.00 28.20 ? 27   LYS A O   1 
ATOM   244  C CB  . LYS A 1 44  ? -3.016  6.393   18.483  1.00 30.87 ? 27   LYS A CB  1 
ATOM   245  C CG  . LYS A 1 44  ? -3.741  7.671   18.805  1.00 35.62 ? 27   LYS A CG  1 
ATOM   246  C CD  . LYS A 1 44  ? -5.013  7.431   19.579  1.00 44.35 ? 27   LYS A CD  1 
ATOM   247  C CE  . LYS A 1 44  ? -5.956  8.667   19.450  1.00 45.38 ? 27   LYS A CE  1 
ATOM   248  N NZ  . LYS A 1 44  ? -7.067  8.598   20.476  1.00 49.32 ? 27   LYS A NZ  1 
ATOM   249  N N   . GLN A 1 45  ? 0.166   7.223   18.677  1.00 29.58 ? 28   GLN A N   1 
ATOM   250  C CA  . GLN A 1 45  ? 1.171   8.186   19.221  1.00 30.71 ? 28   GLN A CA  1 
ATOM   251  C C   . GLN A 1 45  ? 1.822   9.065   18.166  1.00 29.77 ? 28   GLN A C   1 
ATOM   252  O O   . GLN A 1 45  ? 2.282   10.168  18.472  1.00 30.01 ? 28   GLN A O   1 
ATOM   253  C CB  . GLN A 1 45  ? 2.266   7.509   20.059  1.00 30.92 ? 28   GLN A CB  1 
ATOM   254  C CG  . GLN A 1 45  ? 3.091   6.430   19.316  1.00 33.38 ? 28   GLN A CG  1 
ATOM   255  C CD  . GLN A 1 45  ? 4.200   5.892   20.192  1.00 34.27 ? 28   GLN A CD  1 
ATOM   256  O OE1 . GLN A 1 45  ? 5.317   5.589   19.730  1.00 40.68 ? 28   GLN A OE1 1 
ATOM   257  N NE2 . GLN A 1 45  ? 3.921   5.823   21.485  1.00 40.18 ? 28   GLN A NE2 1 
ATOM   258  N N   . PHE A 1 46  ? 1.867   8.586   16.931  1.00 28.67 ? 29   PHE A N   1 
ATOM   259  C CA  . PHE A 1 46  ? 2.496   9.350   15.846  1.00 28.98 ? 29   PHE A CA  1 
ATOM   260  C C   . PHE A 1 46  ? 1.606   10.441  15.213  1.00 29.31 ? 29   PHE A C   1 
ATOM   261  O O   . PHE A 1 46  ? 2.082   11.220  14.393  1.00 28.98 ? 29   PHE A O   1 
ATOM   262  C CB  . PHE A 1 46  ? 3.059   8.385   14.787  1.00 29.19 ? 29   PHE A CB  1 
ATOM   263  C CG  . PHE A 1 46  ? 4.026   7.368   15.385  1.00 27.70 ? 29   PHE A CG  1 
ATOM   264  C CD1 . PHE A 1 46  ? 5.175   7.791   16.030  1.00 27.84 ? 29   PHE A CD1 1 
ATOM   265  C CD2 . PHE A 1 46  ? 3.725   6.024   15.383  1.00 27.02 ? 29   PHE A CD2 1 
ATOM   266  C CE1 . PHE A 1 46  ? 6.033   6.891   16.617  1.00 31.18 ? 29   PHE A CE1 1 
ATOM   267  C CE2 . PHE A 1 46  ? 4.593   5.077   15.993  1.00 29.91 ? 29   PHE A CE2 1 
ATOM   268  C CZ  . PHE A 1 46  ? 5.733   5.504   16.589  1.00 29.21 ? 29   PHE A CZ  1 
ATOM   269  N N   . LEU A 1 47  ? 0.322   10.475  15.590  1.00 29.76 ? 30   LEU A N   1 
ATOM   270  C CA  . LEU A 1 47  ? -0.642  11.510  15.107  1.00 30.56 ? 30   LEU A CA  1 
ATOM   271  C C   . LEU A 1 47  ? -0.383  12.868  15.738  1.00 31.50 ? 30   LEU A C   1 
ATOM   272  O O   . LEU A 1 47  ? -1.012  13.897  15.352  1.00 31.08 ? 30   LEU A O   1 
ATOM   273  C CB  . LEU A 1 47  ? -2.089  11.094  15.384  1.00 30.92 ? 30   LEU A CB  1 
ATOM   274  C CG  . LEU A 1 47  ? -2.503  9.713   14.872  1.00 33.19 ? 30   LEU A CG  1 
ATOM   275  C CD1 . LEU A 1 47  ? -3.829  9.319   15.442  1.00 31.20 ? 30   LEU A CD1 1 
ATOM   276  C CD2 . LEU A 1 47  ? -2.528  9.737   13.348  1.00 31.82 ? 30   LEU A CD2 1 
ATOM   277  N N   . LYS A 1 48  ? 0.556   12.873  16.697  1.00 31.90 ? 31   LYS A N   1 
ATOM   278  C CA  . LYS A 1 48  ? 1.062   14.109  17.307  1.00 32.03 ? 31   LYS A CA  1 
ATOM   279  C C   . LYS A 1 48  ? 1.960   14.867  16.330  1.00 31.07 ? 31   LYS A C   1 
ATOM   280  O O   . LYS A 1 48  ? 2.223   16.089  16.507  1.00 30.42 ? 31   LYS A O   1 
ATOM   281  C CB  . LYS A 1 48  ? 1.773   13.831  18.651  1.00 33.15 ? 31   LYS A CB  1 
ATOM   282  C CG  . LYS A 1 48  ? 0.851   13.865  19.902  1.00 35.27 ? 31   LYS A CG  1 
ATOM   283  C CD  . LYS A 1 48  ? 0.201   12.583  20.231  1.00 41.86 ? 31   LYS A CD  1 
ATOM   284  C CE  . LYS A 1 48  ? -0.359  12.519  21.712  1.00 39.40 ? 31   LYS A CE  1 
ATOM   285  N NZ  . LYS A 1 48  ? -1.513  13.488  21.990  1.00 42.02 ? 31   LYS A NZ  1 
ATOM   286  N N   . LEU A 1 49  ? 2.420   14.167  15.281  1.00 29.53 ? 32   LEU A N   1 
ATOM   287  C CA  . LEU A 1 49  ? 3.344   14.792  14.335  1.00 29.06 ? 32   LEU A CA  1 
ATOM   288  C C   . LEU A 1 49  ? 2.604   15.592  13.234  1.00 29.45 ? 32   LEU A C   1 
ATOM   289  O O   . LEU A 1 49  ? 1.624   15.112  12.683  1.00 28.40 ? 32   LEU A O   1 
ATOM   290  C CB  . LEU A 1 49  ? 4.295   13.732  13.720  1.00 28.97 ? 32   LEU A CB  1 
ATOM   291  C CG  . LEU A 1 49  ? 5.132   12.927  14.725  1.00 26.88 ? 32   LEU A CG  1 
ATOM   292  C CD1 . LEU A 1 49  ? 5.796   11.762  13.992  1.00 27.33 ? 32   LEU A CD1 1 
ATOM   293  C CD2 . LEU A 1 49  ? 6.154   13.868  15.342  1.00 29.97 ? 32   LEU A CD2 1 
ATOM   294  N N   . ILE A 1 50  ? 3.117   16.780  12.927  1.00 30.64 ? 33   ILE A N   1 
ATOM   295  C CA  . ILE A 1 50  ? 2.637   17.624  11.849  1.00 32.24 ? 33   ILE A CA  1 
ATOM   296  C C   . ILE A 1 50  ? 2.872   17.014  10.445  1.00 34.40 ? 33   ILE A C   1 
ATOM   297  O O   . ILE A 1 50  ? 3.699   16.126  10.269  1.00 33.87 ? 33   ILE A O   1 
ATOM   298  C CB  . ILE A 1 50  ? 3.164   19.076  11.956  1.00 32.31 ? 33   ILE A CB  1 
ATOM   299  C CG1 . ILE A 1 50  ? 4.697   19.146  11.859  1.00 32.10 ? 33   ILE A CG1 1 
ATOM   300  C CG2 . ILE A 1 50  ? 2.553   19.824  13.183  1.00 30.27 ? 33   ILE A CG2 1 
ATOM   301  C CD1 . ILE A 1 50  ? 5.218   20.557  11.521  1.00 32.66 ? 33   ILE A CD1 1 
ATOM   302  N N   . ASP A 1 51  ? 2.109   17.459  9.445   1.00 36.25 ? 34   ASP A N   1 
ATOM   303  C CA  . ASP A 1 51  ? 2.065   16.694  8.196   1.00 37.97 ? 34   ASP A CA  1 
ATOM   304  C C   . ASP A 1 51  ? 3.247   16.902  7.298   1.00 39.01 ? 34   ASP A C   1 
ATOM   305  O O   . ASP A 1 51  ? 3.332   16.247  6.258   1.00 39.33 ? 34   ASP A O   1 
ATOM   306  C CB  . ASP A 1 51  ? 0.749   16.847  7.435   1.00 38.53 ? 34   ASP A CB  1 
ATOM   307  C CG  . ASP A 1 51  ? 0.585   18.183  6.734   1.00 41.66 ? 34   ASP A CG  1 
ATOM   308  O OD1 . ASP A 1 51  ? 1.521   19.003  6.700   1.00 42.52 ? 34   ASP A OD1 1 
ATOM   309  O OD2 . ASP A 1 51  ? -0.556  18.425  6.227   1.00 47.66 ? 34   ASP A OD2 1 
ATOM   310  N N   . LYS A 1 52  ? 4.180   17.773  7.718   1.00 39.61 ? 35   LYS A N   1 
ATOM   311  C CA  . LYS A 1 52  ? 5.443   18.003  7.017   1.00 39.83 ? 35   LYS A CA  1 
ATOM   312  C C   . LYS A 1 52  ? 6.446   16.904  7.342   1.00 39.81 ? 35   LYS A C   1 
ATOM   313  O O   . LYS A 1 52  ? 7.433   16.714  6.619   1.00 40.01 ? 35   LYS A O   1 
ATOM   314  C CB  . LYS A 1 52  ? 6.025   19.369  7.396   1.00 40.47 ? 35   LYS A CB  1 
ATOM   315  N N   . LYS A 1 53  ? 6.205   16.188  8.433   1.00 39.31 ? 36   LYS A N   1 
ATOM   316  C CA  . LYS A 1 53  ? 7.119   15.125  8.869   1.00 39.21 ? 36   LYS A CA  1 
ATOM   317  C C   . LYS A 1 53  ? 7.076   13.926  7.887   1.00 38.19 ? 36   LYS A C   1 
ATOM   318  O O   . LYS A 1 53  ? 6.100   13.758  7.177   1.00 37.89 ? 36   LYS A O   1 
ATOM   319  C CB  . LYS A 1 53  ? 6.761   14.656  10.297  1.00 38.90 ? 36   LYS A CB  1 
ATOM   320  C CG  . LYS A 1 53  ? 6.804   15.741  11.333  1.00 40.20 ? 36   LYS A CG  1 
ATOM   321  C CD  . LYS A 1 53  ? 8.233   16.249  11.513  1.00 42.99 ? 36   LYS A CD  1 
ATOM   322  C CE  . LYS A 1 53  ? 8.318   17.231  12.654  1.00 44.48 ? 36   LYS A CE  1 
ATOM   323  N NZ  . LYS A 1 53  ? 9.635   17.901  12.642  1.00 45.19 ? 36   LYS A NZ  1 
ATOM   324  N N   . GLY A 1 54  ? 8.145   13.116  7.845   1.00 37.07 ? 37   GLY A N   1 
ATOM   325  C CA  . GLY A 1 54  ? 8.082   11.852  7.144   1.00 35.02 ? 37   GLY A CA  1 
ATOM   326  C C   . GLY A 1 54  ? 7.417   10.823  8.032   1.00 33.62 ? 37   GLY A C   1 
ATOM   327  O O   . GLY A 1 54  ? 7.722   10.738  9.209   1.00 34.80 ? 37   GLY A O   1 
ATOM   328  N N   . PHE A 1 55  ? 6.495   10.040  7.482   1.00 32.04 ? 38   PHE A N   1 
ATOM   329  C CA  . PHE A 1 55  ? 5.872   8.957   8.265   1.00 29.19 ? 38   PHE A CA  1 
ATOM   330  C C   . PHE A 1 55  ? 6.344   7.564   7.924   1.00 28.37 ? 38   PHE A C   1 
ATOM   331  O O   . PHE A 1 55  ? 5.950   6.600   8.583   1.00 27.66 ? 38   PHE A O   1 
ATOM   332  C CB  . PHE A 1 55  ? 4.334   9.061   8.195   1.00 29.06 ? 38   PHE A CB  1 
ATOM   333  C CG  . PHE A 1 55  ? 3.830   10.275  8.874   1.00 27.19 ? 38   PHE A CG  1 
ATOM   334  C CD1 . PHE A 1 55  ? 3.550   10.260  10.262  1.00 28.48 ? 38   PHE A CD1 1 
ATOM   335  C CD2 . PHE A 1 55  ? 3.780   11.484  8.182   1.00 28.39 ? 38   PHE A CD2 1 
ATOM   336  C CE1 . PHE A 1 55  ? 3.142   11.453  10.934  1.00 25.71 ? 38   PHE A CE1 1 
ATOM   337  C CE2 . PHE A 1 55  ? 3.378   12.682  8.830   1.00 26.40 ? 38   PHE A CE2 1 
ATOM   338  C CZ  . PHE A 1 55  ? 3.070   12.668  10.196  1.00 27.85 ? 38   PHE A CZ  1 
ATOM   339  N N   . GLY A 1 56  ? 7.165   7.445   6.871   1.00 27.48 ? 39   GLY A N   1 
ATOM   340  C CA  . GLY A 1 56  ? 7.637   6.151   6.405   1.00 26.49 ? 39   GLY A CA  1 
ATOM   341  C C   . GLY A 1 56  ? 8.261   5.265   7.477   1.00 26.62 ? 39   GLY A C   1 
ATOM   342  O O   . GLY A 1 56  ? 8.009   4.066   7.536   1.00 25.24 ? 39   GLY A O   1 
ATOM   343  N N   . LYS A 1 57  ? 9.049   5.860   8.355   1.00 28.31 ? 40   LYS A N   1 
ATOM   344  C CA  . LYS A 1 57  ? 9.760   5.120   9.398   1.00 29.08 ? 40   LYS A CA  1 
ATOM   345  C C   . LYS A 1 57  ? 8.845   4.544   10.472  1.00 29.18 ? 40   LYS A C   1 
ATOM   346  O O   . LYS A 1 57  ? 9.221   3.612   11.186  1.00 28.98 ? 40   LYS A O   1 
ATOM   347  C CB  . LYS A 1 57  ? 10.851  5.998   10.031  1.00 30.17 ? 40   LYS A CB  1 
ATOM   348  C CG  . LYS A 1 57  ? 10.333  7.191   10.774  1.00 30.06 ? 40   LYS A CG  1 
ATOM   349  C CD  . LYS A 1 57  ? 11.417  7.885   11.634  1.00 30.86 ? 40   LYS A CD  1 
ATOM   350  C CE  . LYS A 1 57  ? 12.254  8.820   10.767  1.00 35.32 ? 40   LYS A CE  1 
ATOM   351  N NZ  . LYS A 1 57  ? 11.441  9.926   10.088  1.00 39.31 ? 40   LYS A NZ  1 
ATOM   352  N N   . TYR A 1 58  ? 7.618   5.063   10.547  1.00 28.80 ? 41   TYR A N   1 
ATOM   353  C CA  . TYR A 1 58  ? 6.645   4.602   11.522  1.00 28.37 ? 41   TYR A CA  1 
ATOM   354  C C   . TYR A 1 58  ? 5.697   3.566   10.989  1.00 28.08 ? 41   TYR A C   1 
ATOM   355  O O   . TYR A 1 58  ? 4.920   3.010   11.764  1.00 29.27 ? 41   TYR A O   1 
ATOM   356  C CB  . TYR A 1 58  ? 5.852   5.791   12.060  1.00 28.89 ? 41   TYR A CB  1 
ATOM   357  C CG  . TYR A 1 58  ? 6.769   6.845   12.638  1.00 29.95 ? 41   TYR A CG  1 
ATOM   358  C CD1 . TYR A 1 58  ? 7.602   6.547   13.723  1.00 29.74 ? 41   TYR A CD1 1 
ATOM   359  C CD2 . TYR A 1 58  ? 6.801   8.156   12.100  1.00 30.34 ? 41   TYR A CD2 1 
ATOM   360  C CE1 . TYR A 1 58  ? 8.478   7.558   14.247  1.00 33.84 ? 41   TYR A CE1 1 
ATOM   361  C CE2 . TYR A 1 58  ? 7.682   9.169   12.626  1.00 29.63 ? 41   TYR A CE2 1 
ATOM   362  C CZ  . TYR A 1 58  ? 8.505   8.846   13.681  1.00 30.71 ? 41   TYR A CZ  1 
ATOM   363  O OH  . TYR A 1 58  ? 9.327   9.813   14.203  1.00 35.18 ? 41   TYR A OH  1 
ATOM   364  N N   . LEU A 1 59  ? 5.747   3.308   9.690   1.00 26.46 ? 42   LEU A N   1 
ATOM   365  C CA  . LEU A 1 59  ? 4.841   2.347   9.062   1.00 26.41 ? 42   LEU A CA  1 
ATOM   366  C C   . LEU A 1 59  ? 4.940   0.981   9.747   1.00 27.11 ? 42   LEU A C   1 
ATOM   367  O O   . LEU A 1 59  ? 6.059   0.444   9.855   1.00 27.99 ? 42   LEU A O   1 
ATOM   368  C CB  . LEU A 1 59  ? 5.209   2.191   7.564   1.00 25.89 ? 42   LEU A CB  1 
ATOM   369  C CG  . LEU A 1 59  ? 4.335   1.227   6.750   1.00 26.28 ? 42   LEU A CG  1 
ATOM   370  C CD1 . LEU A 1 59  ? 2.867   1.639   6.926   1.00 23.60 ? 42   LEU A CD1 1 
ATOM   371  C CD2 . LEU A 1 59  ? 4.731   1.114   5.281   1.00 23.64 ? 42   LEU A CD2 1 
ATOM   372  N N   . MET A 1 60  ? 3.806   0.398   10.155  1.00 26.46 ? 43   MET A N   1 
ATOM   373  C CA  . MET A 1 60  ? 3.783   -0.968  10.724  1.00 27.65 ? 43   MET A CA  1 
ATOM   374  C C   . MET A 1 60  ? 4.714   -1.130  11.930  1.00 28.80 ? 43   MET A C   1 
ATOM   375  O O   . MET A 1 60  ? 5.215   -2.228  12.200  1.00 27.26 ? 43   MET A O   1 
ATOM   376  C CB  . MET A 1 60  ? 4.072   -2.057  9.674   1.00 28.23 ? 43   MET A CB  1 
ATOM   377  C CG  . MET A 1 60  ? 2.991   -2.139  8.576   1.00 28.46 ? 43   MET A CG  1 
ATOM   378  S SD  . MET A 1 60  ? 1.337   -2.547  9.197   1.00 32.46 ? 43   MET A SD  1 
ATOM   379  C CE  . MET A 1 60  ? 1.382   -4.343  9.176   1.00 35.69 ? 43   MET A CE  1 
ATOM   380  N N   . TYR A 1 61  ? 4.910   -0.004  12.627  1.00 28.94 ? 44   TYR A N   1 
ATOM   381  C CA  . TYR A 1 61  ? 5.818   0.138   13.753  1.00 30.42 ? 44   TYR A CA  1 
ATOM   382  C C   . TYR A 1 61  ? 5.945   -1.077  14.691  1.00 31.00 ? 44   TYR A C   1 
ATOM   383  O O   . TYR A 1 61  ? 7.069   -1.532  14.983  1.00 30.62 ? 44   TYR A O   1 
ATOM   384  C CB  . TYR A 1 61  ? 5.434   1.400   14.539  1.00 30.42 ? 44   TYR A CB  1 
ATOM   385  C CG  . TYR A 1 61  ? 6.372   1.815   15.645  1.00 31.35 ? 44   TYR A CG  1 
ATOM   386  C CD1 . TYR A 1 61  ? 7.478   2.611   15.372  1.00 32.12 ? 44   TYR A CD1 1 
ATOM   387  C CD2 . TYR A 1 61  ? 6.121   1.442   16.990  1.00 33.05 ? 44   TYR A CD2 1 
ATOM   388  C CE1 . TYR A 1 61  ? 8.353   3.014   16.405  1.00 33.25 ? 44   TYR A CE1 1 
ATOM   389  C CE2 . TYR A 1 61  ? 6.967   1.852   18.043  1.00 33.32 ? 44   TYR A CE2 1 
ATOM   390  C CZ  . TYR A 1 61  ? 8.081   2.637   17.753  1.00 34.05 ? 44   TYR A CZ  1 
ATOM   391  O OH  . TYR A 1 61  ? 8.938   3.083   18.768  1.00 33.45 ? 44   TYR A OH  1 
ATOM   392  N N   . GLU A 1 62  ? 4.815   -1.626  15.134  1.00 31.29 ? 45   GLU A N   1 
ATOM   393  C CA  . GLU A 1 62  ? 4.868   -2.687  16.101  1.00 33.24 ? 45   GLU A CA  1 
ATOM   394  C C   . GLU A 1 62  ? 5.324   -4.024  15.502  1.00 33.01 ? 45   GLU A C   1 
ATOM   395  O O   . GLU A 1 62  ? 5.875   -4.866  16.217  1.00 32.41 ? 45   GLU A O   1 
ATOM   396  C CB  . GLU A 1 62  ? 3.517   -2.905  16.777  1.00 33.31 ? 45   GLU A CB  1 
ATOM   397  C CG  . GLU A 1 62  ? 3.694   -2.949  18.294  1.00 42.28 ? 45   GLU A CG  1 
ATOM   398  C CD  . GLU A 1 62  ? 3.938   -1.550  18.817  1.00 48.72 ? 45   GLU A CD  1 
ATOM   399  O OE1 . GLU A 1 62  ? 4.779   -1.327  19.705  1.00 48.68 ? 45   GLU A OE1 1 
ATOM   400  O OE2 . GLU A 1 62  ? 3.301   -0.636  18.264  1.00 55.84 ? 45   GLU A OE2 1 
ATOM   401  N N   . TRP A 1 63  ? 5.052   -4.237  14.223  1.00 32.29 ? 46   TRP A N   1 
ATOM   402  C CA  . TRP A 1 63  ? 5.544   -5.432  13.529  1.00 33.08 ? 46   TRP A CA  1 
ATOM   403  C C   . TRP A 1 63  ? 7.028   -5.333  13.163  1.00 30.85 ? 46   TRP A C   1 
ATOM   404  O O   . TRP A 1 63  ? 7.722   -6.331  13.056  1.00 31.23 ? 46   TRP A O   1 
ATOM   405  C CB  . TRP A 1 63  ? 4.769   -5.655  12.229  1.00 34.56 ? 46   TRP A CB  1 
ATOM   406  C CG  . TRP A 1 63  ? 3.289   -5.791  12.319  1.00 36.98 ? 46   TRP A CG  1 
ATOM   407  C CD1 . TRP A 1 63  ? 2.412   -4.941  12.936  1.00 41.11 ? 46   TRP A CD1 1 
ATOM   408  C CD2 . TRP A 1 63  ? 2.494   -6.764  11.637  1.00 41.03 ? 46   TRP A CD2 1 
ATOM   409  N NE1 . TRP A 1 63  ? 1.116   -5.365  12.739  1.00 43.89 ? 46   TRP A NE1 1 
ATOM   410  C CE2 . TRP A 1 63  ? 1.134   -6.490  11.949  1.00 43.74 ? 46   TRP A CE2 1 
ATOM   411  C CE3 . TRP A 1 63  ? 2.797   -7.869  10.811  1.00 42.17 ? 46   TRP A CE3 1 
ATOM   412  C CZ2 . TRP A 1 63  ? 0.074   -7.277  11.460  1.00 41.76 ? 46   TRP A CZ2 1 
ATOM   413  C CZ3 . TRP A 1 63  ? 1.752   -8.648  10.325  1.00 41.50 ? 46   TRP A CZ3 1 
ATOM   414  C CH2 . TRP A 1 63  ? 0.402   -8.344  10.651  1.00 41.75 ? 46   TRP A CH2 1 
ATOM   415  N N   . ARG A 1 64  ? 7.477   -4.109  12.973  1.00 30.20 ? 47   ARG A N   1 
ATOM   416  C CA  . ARG A 1 64  ? 8.699   -3.778  12.233  1.00 28.83 ? 47   ARG A CA  1 
ATOM   417  C C   . ARG A 1 64  ? 9.940   -3.617  13.104  1.00 28.87 ? 47   ARG A C   1 
ATOM   418  O O   . ARG A 1 64  ? 11.079  -3.816  12.628  1.00 28.42 ? 47   ARG A O   1 
ATOM   419  C CB  . ARG A 1 64  ? 8.446   -2.445  11.511  1.00 28.56 ? 47   ARG A CB  1 
ATOM   420  C CG  . ARG A 1 64  ? 9.639   -1.845  10.704  1.00 27.97 ? 47   ARG A CG  1 
ATOM   421  C CD  . ARG A 1 64  ? 9.092   -0.789  9.756   1.00 27.87 ? 47   ARG A CD  1 
ATOM   422  N NE  . ARG A 1 64  ? 10.125  -0.033  9.063   1.00 26.92 ? 47   ARG A NE  1 
ATOM   423  C CZ  . ARG A 1 64  ? 9.902   1.139   8.482   1.00 27.25 ? 47   ARG A CZ  1 
ATOM   424  N NH1 . ARG A 1 64  ? 8.658   1.656   8.526   1.00 24.34 ? 47   ARG A NH1 1 
ATOM   425  N NH2 . ARG A 1 64  ? 10.893  1.803   7.884   1.00 23.00 ? 47   ARG A NH2 1 
ATOM   426  N N   . TYR A 1 65  ? 9.718   -3.195  14.350  1.00 28.97 ? 48   TYR A N   1 
ATOM   427  C CA  . TYR A 1 65  ? 10.794  -2.961  15.311  1.00 30.73 ? 48   TYR A CA  1 
ATOM   428  C C   . TYR A 1 65  ? 10.617  -3.808  16.587  1.00 31.96 ? 48   TYR A C   1 
ATOM   429  O O   . TYR A 1 65  ? 9.491   -4.257  16.900  1.00 33.40 ? 48   TYR A O   1 
ATOM   430  C CB  . TYR A 1 65  ? 10.898  -1.475  15.659  1.00 30.43 ? 48   TYR A CB  1 
ATOM   431  C CG  . TYR A 1 65  ? 10.970  -0.525  14.470  1.00 30.22 ? 48   TYR A CG  1 
ATOM   432  C CD1 . TYR A 1 65  ? 9.877   0.278   14.118  1.00 28.26 ? 48   TYR A CD1 1 
ATOM   433  C CD2 . TYR A 1 65  ? 12.149  -0.404  13.726  1.00 29.71 ? 48   TYR A CD2 1 
ATOM   434  C CE1 . TYR A 1 65  ? 9.945   1.150   13.049  1.00 26.55 ? 48   TYR A CE1 1 
ATOM   435  C CE2 . TYR A 1 65  ? 12.250  0.471   12.668  1.00 27.83 ? 48   TYR A CE2 1 
ATOM   436  C CZ  . TYR A 1 65  ? 11.140  1.253   12.326  1.00 30.18 ? 48   TYR A CZ  1 
ATOM   437  O OH  . TYR A 1 65  ? 11.290  2.143   11.291  1.00 28.10 ? 48   TYR A OH  1 
ATOM   438  N N   . LEU A 1 66  ? 11.731  -4.057  17.277  1.00 31.84 ? 49   LEU A N   1 
ATOM   439  C CA  . LEU A 1 66  ? 11.774  -4.874  18.478  1.00 33.02 ? 49   LEU A CA  1 
ATOM   440  C C   . LEU A 1 66  ? 11.649  -4.022  19.743  1.00 34.85 ? 49   LEU A C   1 
ATOM   441  O O   . LEU A 1 66  ? 11.293  -4.533  20.800  1.00 34.86 ? 49   LEU A O   1 
ATOM   442  C CB  . LEU A 1 66  ? 13.086  -5.705  18.557  1.00 31.75 ? 49   LEU A CB  1 
ATOM   443  C CG  . LEU A 1 66  ? 13.371  -6.647  17.377  1.00 30.12 ? 49   LEU A CG  1 
ATOM   444  C CD1 . LEU A 1 66  ? 14.759  -7.282  17.526  1.00 29.07 ? 49   LEU A CD1 1 
ATOM   445  C CD2 . LEU A 1 66  ? 12.311  -7.683  17.344  1.00 28.49 ? 49   LEU A CD2 1 
ATOM   446  N N   . ASP A 1 67  ? 11.999  -2.745  19.640  1.00 37.23 ? 50   ASP A N   1 
ATOM   447  C CA  . ASP A 1 67  ? 12.072  -1.883  20.806  1.00 40.82 ? 50   ASP A CA  1 
ATOM   448  C C   . ASP A 1 67  ? 11.776  -0.477  20.338  1.00 43.94 ? 50   ASP A C   1 
ATOM   449  O O   . ASP A 1 67  ? 11.481  -0.233  19.138  1.00 45.91 ? 50   ASP A O   1 
ATOM   450  C CB  . ASP A 1 67  ? 13.472  -1.928  21.451  1.00 39.40 ? 50   ASP A CB  1 
ATOM   451  C CG  . ASP A 1 67  ? 14.576  -1.582  20.469  1.00 39.85 ? 50   ASP A CG  1 
ATOM   452  O OD1 . ASP A 1 67  ? 14.306  -0.849  19.495  1.00 37.40 ? 50   ASP A OD1 1 
ATOM   453  O OD2 . ASP A 1 67  ? 15.720  -2.072  20.633  1.00 41.51 ? 50   ASP A OD2 1 
ATOM   454  N N   . ASN A 1 68  ? 11.970  0.458   21.255  1.00 46.58 ? 51   ASN A N   1 
ATOM   455  C CA  . ASN A 1 68  ? 11.762  1.892   20.998  1.00 48.28 ? 51   ASN A CA  1 
ATOM   456  C C   . ASN A 1 68  ? 12.994  2.605   20.485  1.00 47.94 ? 51   ASN A C   1 
ATOM   457  O O   . ASN A 1 68  ? 12.984  3.816   20.380  1.00 49.91 ? 51   ASN A O   1 
ATOM   458  C CB  . ASN A 1 68  ? 11.168  2.550   22.254  1.00 49.03 ? 51   ASN A CB  1 
ATOM   459  C CG  . ASN A 1 68  ? 9.782   1.937   22.630  1.00 54.12 ? 51   ASN A CG  1 
ATOM   460  O OD1 . ASN A 1 68  ? 9.620   1.323   23.699  1.00 60.09 ? 51   ASN A OD1 1 
ATOM   461  N ND2 . ASN A 1 68  ? 8.784   2.079   21.728  1.00 58.24 ? 51   ASN A ND2 1 
ATOM   462  N N   . ASN A 1 69  ? 14.046  1.851   20.146  1.00 47.30 ? 52   ASN A N   1 
ATOM   463  C CA  . ASN A 1 69  ? 15.298  2.373   19.566  1.00 45.86 ? 52   ASN A CA  1 
ATOM   464  C C   . ASN A 1 69  ? 15.444  2.061   18.071  1.00 43.26 ? 52   ASN A C   1 
ATOM   465  O O   . ASN A 1 69  ? 16.566  2.123   17.538  1.00 42.46 ? 52   ASN A O   1 
ATOM   466  C CB  . ASN A 1 69  ? 16.518  1.754   20.250  1.00 47.05 ? 52   ASN A CB  1 
ATOM   467  C CG  . ASN A 1 69  ? 17.265  2.731   21.119  1.00 52.48 ? 52   ASN A CG  1 
ATOM   468  O OD1 . ASN A 1 69  ? 16.844  2.997   22.252  1.00 56.32 ? 52   ASN A OD1 1 
ATOM   469  N ND2 . ASN A 1 69  ? 18.417  3.251   20.619  1.00 54.45 ? 52   ASN A ND2 1 
ATOM   470  N N   . TYR A 1 70  ? 14.342  1.700   17.406  1.00 40.33 ? 53   TYR A N   1 
ATOM   471  C CA  . TYR A 1 70  ? 14.386  1.393   15.933  1.00 38.99 ? 53   TYR A CA  1 
ATOM   472  C C   . TYR A 1 70  ? 15.229  0.169   15.552  1.00 36.50 ? 53   TYR A C   1 
ATOM   473  O O   . TYR A 1 70  ? 15.627  0.015   14.398  1.00 36.07 ? 53   TYR A O   1 
ATOM   474  C CB  . TYR A 1 70  ? 14.739  2.642   15.079  1.00 38.83 ? 53   TYR A CB  1 
ATOM   475  C CG  . TYR A 1 70  ? 13.702  3.678   15.291  1.00 40.17 ? 53   TYR A CG  1 
ATOM   476  C CD1 . TYR A 1 70  ? 13.953  4.778   16.106  1.00 41.61 ? 53   TYR A CD1 1 
ATOM   477  C CD2 . TYR A 1 70  ? 12.400  3.498   14.779  1.00 42.65 ? 53   TYR A CD2 1 
ATOM   478  C CE1 . TYR A 1 70  ? 12.945  5.708   16.375  1.00 43.97 ? 53   TYR A CE1 1 
ATOM   479  C CE2 . TYR A 1 70  ? 11.381  4.423   15.022  1.00 43.05 ? 53   TYR A CE2 1 
ATOM   480  C CZ  . TYR A 1 70  ? 11.664  5.523   15.820  1.00 43.75 ? 53   TYR A CZ  1 
ATOM   481  O OH  . TYR A 1 70  ? 10.668  6.423   16.086  1.00 45.03 ? 53   TYR A OH  1 
ATOM   482  N N   . THR A 1 71  ? 15.438  -0.721  16.516  1.00 34.06 ? 54   THR A N   1 
ATOM   483  C CA  . THR A 1 71  ? 16.054  -2.012  16.210  1.00 32.62 ? 54   THR A CA  1 
ATOM   484  C C   . THR A 1 71  ? 15.048  -2.804  15.366  1.00 31.30 ? 54   THR A C   1 
ATOM   485  O O   . THR A 1 71  ? 13.915  -3.058  15.809  1.00 28.77 ? 54   THR A O   1 
ATOM   486  C CB  . THR A 1 71  ? 16.404  -2.878  17.478  1.00 32.42 ? 54   THR A CB  1 
ATOM   487  O OG1 . THR A 1 71  ? 17.119  -2.077  18.422  1.00 32.05 ? 54   THR A OG1 1 
ATOM   488  C CG2 . THR A 1 71  ? 17.284  -4.100  17.070  1.00 29.69 ? 54   THR A CG2 1 
ATOM   489  N N   . GLU A 1 72  ? 15.487  -3.195  14.167  1.00 29.85 ? 55   GLU A N   1 
ATOM   490  C CA  . GLU A 1 72  ? 14.585  -3.858  13.232  1.00 30.04 ? 55   GLU A CA  1 
ATOM   491  C C   . GLU A 1 72  ? 14.293  -5.263  13.739  1.00 29.93 ? 55   GLU A C   1 
ATOM   492  O O   . GLU A 1 72  ? 15.181  -5.948  14.287  1.00 29.13 ? 55   GLU A O   1 
ATOM   493  C CB  . GLU A 1 72  ? 15.223  -3.951  11.833  1.00 30.06 ? 55   GLU A CB  1 
ATOM   494  C CG  . GLU A 1 72  ? 15.406  -2.597  11.167  1.00 30.37 ? 55   GLU A CG  1 
ATOM   495  C CD  . GLU A 1 72  ? 15.931  -2.691  9.742   1.00 31.10 ? 55   GLU A CD  1 
ATOM   496  O OE1 . GLU A 1 72  ? 16.139  -3.800  9.194   1.00 33.42 ? 55   GLU A OE1 1 
ATOM   497  O OE2 . GLU A 1 72  ? 16.171  -1.619  9.158   1.00 36.48 ? 55   GLU A OE2 1 
ATOM   498  N N   . ASN A 1 73  ? 13.044  -5.668  13.556  1.00 29.63 ? 56   ASN A N   1 
ATOM   499  C CA  . ASN A 1 73  ? 12.626  -7.002  13.755  1.00 29.66 ? 56   ASN A CA  1 
ATOM   500  C C   . ASN A 1 73  ? 13.101  -7.788  12.520  1.00 29.61 ? 56   ASN A C   1 
ATOM   501  O O   . ASN A 1 73  ? 12.572  -7.554  11.423  1.00 29.29 ? 56   ASN A O   1 
ATOM   502  C CB  . ASN A 1 73  ? 11.110  -7.022  13.843  1.00 28.46 ? 56   ASN A CB  1 
ATOM   503  C CG  . ASN A 1 73  ? 10.565  -8.389  14.166  1.00 29.81 ? 56   ASN A CG  1 
ATOM   504  O OD1 . ASN A 1 73  ? 11.194  -9.401  13.912  1.00 29.05 ? 56   ASN A OD1 1 
ATOM   505  N ND2 . ASN A 1 73  ? 9.363   -8.426  14.703  1.00 30.81 ? 56   ASN A ND2 1 
ATOM   506  N N   . PRO A 1 74  ? 14.063  -8.738  12.701  1.00 29.10 ? 57   PRO A N   1 
ATOM   507  C CA  . PRO A 1 74  ? 14.636  -9.398  11.524  1.00 29.45 ? 57   PRO A CA  1 
ATOM   508  C C   . PRO A 1 74  ? 13.636  -10.397 10.944  1.00 28.98 ? 57   PRO A C   1 
ATOM   509  O O   . PRO A 1 74  ? 13.842  -10.930 9.845   1.00 30.61 ? 57   PRO A O   1 
ATOM   510  C CB  . PRO A 1 74  ? 15.916  -10.058 12.072  1.00 29.56 ? 57   PRO A CB  1 
ATOM   511  C CG  . PRO A 1 74  ? 15.499  -10.445 13.566  1.00 29.26 ? 57   PRO A CG  1 
ATOM   512  C CD  . PRO A 1 74  ? 14.609  -9.269  13.988  1.00 29.53 ? 57   PRO A CD  1 
ATOM   513  N N   . ASP A 1 75  ? 12.531  -10.624 11.649  1.00 29.44 ? 58   ASP A N   1 
ATOM   514  C CA  . ASP A 1 75  ? 11.468  -11.527 11.155  1.00 30.32 ? 58   ASP A CA  1 
ATOM   515  C C   . ASP A 1 75  ? 10.368  -10.825 10.346  1.00 29.50 ? 58   ASP A C   1 
ATOM   516  O O   . ASP A 1 75  ? 9.590   -11.488 9.656   1.00 30.43 ? 58   ASP A O   1 
ATOM   517  C CB  . ASP A 1 75  ? 10.858  -12.379 12.292  1.00 31.31 ? 58   ASP A CB  1 
ATOM   518  C CG  . ASP A 1 75  ? 11.910  -13.333 12.938  1.00 34.42 ? 58   ASP A CG  1 
ATOM   519  O OD1 . ASP A 1 75  ? 12.401  -14.233 12.216  1.00 39.63 ? 58   ASP A OD1 1 
ATOM   520  O OD2 . ASP A 1 75  ? 12.245  -13.140 14.129  1.00 35.13 ? 58   ASP A OD2 1 
ATOM   521  N N   . PHE A 1 76  ? 10.337  -9.502  10.380  1.00 28.31 ? 59   PHE A N   1 
ATOM   522  C CA  . PHE A 1 76  ? 9.314   -8.769  9.628   1.00 28.60 ? 59   PHE A CA  1 
ATOM   523  C C   . PHE A 1 76  ? 9.694   -8.682  8.131   1.00 28.89 ? 59   PHE A C   1 
ATOM   524  O O   . PHE A 1 76  ? 10.786  -8.216  7.752   1.00 28.83 ? 59   PHE A O   1 
ATOM   525  C CB  . PHE A 1 76  ? 9.082   -7.403  10.236  1.00 27.75 ? 59   PHE A CB  1 
ATOM   526  C CG  . PHE A 1 76  ? 7.949   -6.616  9.576   1.00 26.47 ? 59   PHE A CG  1 
ATOM   527  C CD1 . PHE A 1 76  ? 6.666   -7.167  9.428   1.00 26.63 ? 59   PHE A CD1 1 
ATOM   528  C CD2 . PHE A 1 76  ? 8.176   -5.342  9.140   1.00 24.20 ? 59   PHE A CD2 1 
ATOM   529  C CE1 . PHE A 1 76  ? 5.639   -6.432  8.849   1.00 28.23 ? 59   PHE A CE1 1 
ATOM   530  C CE2 . PHE A 1 76  ? 7.134   -4.597  8.564   1.00 25.03 ? 59   PHE A CE2 1 
ATOM   531  C CZ  . PHE A 1 76  ? 5.886   -5.140  8.427   1.00 25.31 ? 59   PHE A CZ  1 
ATOM   532  N N   . ILE A 1 77  ? 8.789   -9.159  7.292   1.00 29.46 ? 60   ILE A N   1 
ATOM   533  C CA  . ILE A 1 77  ? 9.054   -9.323  5.856   1.00 30.20 ? 60   ILE A CA  1 
ATOM   534  C C   . ILE A 1 77  ? 9.537   -8.078  5.117   1.00 30.95 ? 60   ILE A C   1 
ATOM   535  O O   . ILE A 1 77  ? 10.339  -8.192  4.185   1.00 32.18 ? 60   ILE A O   1 
ATOM   536  C CB  . ILE A 1 77  ? 7.816   -9.950  5.141   1.00 30.89 ? 60   ILE A CB  1 
ATOM   537  C CG1 . ILE A 1 77  ? 8.187   -10.347 3.710   1.00 30.98 ? 60   ILE A CG1 1 
ATOM   538  C CG2 . ILE A 1 77  ? 6.581   -8.977  5.217   1.00 29.07 ? 60   ILE A CG2 1 
ATOM   539  C CD1 . ILE A 1 77  ? 7.878   -11.734 3.376   1.00 31.93 ? 60   ILE A CD1 1 
ATOM   540  N N   . PHE A 1 78  ? 9.051   -6.897  5.527   1.00 30.91 ? 61   PHE A N   1 
ATOM   541  C CA  . PHE A 1 78  ? 9.457   -5.600  4.938   1.00 30.57 ? 61   PHE A CA  1 
ATOM   542  C C   . PHE A 1 78  ? 10.962  -5.354  5.138   1.00 31.22 ? 61   PHE A C   1 
ATOM   543  O O   . PHE A 1 78  ? 11.580  -4.649  4.327   1.00 31.07 ? 61   PHE A O   1 
ATOM   544  C CB  . PHE A 1 78  ? 8.706   -4.406  5.594   1.00 29.47 ? 61   PHE A CB  1 
ATOM   545  C CG  . PHE A 1 78  ? 7.226   -4.230  5.194   1.00 27.86 ? 61   PHE A CG  1 
ATOM   546  C CD1 . PHE A 1 78  ? 6.497   -5.220  4.603   1.00 27.39 ? 61   PHE A CD1 1 
ATOM   547  C CD2 . PHE A 1 78  ? 6.555   -3.016  5.490   1.00 28.54 ? 61   PHE A CD2 1 
ATOM   548  C CE1 . PHE A 1 78  ? 5.117   -5.033  4.291   1.00 29.23 ? 61   PHE A CE1 1 
ATOM   549  C CE2 . PHE A 1 78  ? 5.211   -2.830  5.204   1.00 27.26 ? 61   PHE A CE2 1 
ATOM   550  C CZ  . PHE A 1 78  ? 4.485   -3.850  4.597   1.00 26.69 ? 61   PHE A CZ  1 
ATOM   551  N N   . ASN A 1 79  ? 11.530  -5.906  6.226   1.00 31.66 ? 62   ASN A N   1 
ATOM   552  C CA  . ASN A 1 79  ? 12.941  -5.725  6.531   1.00 32.72 ? 62   ASN A CA  1 
ATOM   553  C C   . ASN A 1 79  ? 13.859  -6.713  5.788   1.00 32.74 ? 62   ASN A C   1 
ATOM   554  O O   . ASN A 1 79  ? 15.057  -6.491  5.693   1.00 32.38 ? 62   ASN A O   1 
ATOM   555  C CB  . ASN A 1 79  ? 13.227  -5.811  8.047   1.00 32.98 ? 62   ASN A CB  1 
ATOM   556  C CG  . ASN A 1 79  ? 12.459  -4.781  8.869   1.00 31.69 ? 62   ASN A CG  1 
ATOM   557  O OD1 . ASN A 1 79  ? 12.049  -5.057  10.009  1.00 28.18 ? 62   ASN A OD1 1 
ATOM   558  N ND2 . ASN A 1 79  ? 12.292  -3.599  8.324   1.00 25.74 ? 62   ASN A ND2 1 
ATOM   559  N N   . GLN A 1 80  ? 13.289  -7.766  5.229   1.00 34.03 ? 63   GLN A N   1 
ATOM   560  C CA  . GLN A 1 80  ? 14.068  -8.803  4.559   1.00 36.32 ? 63   GLN A CA  1 
ATOM   561  C C   . GLN A 1 80  ? 14.806  -8.243  3.343   1.00 36.50 ? 63   GLN A C   1 
ATOM   562  O O   . GLN A 1 80  ? 14.225  -7.504  2.562   1.00 34.03 ? 63   GLN A O   1 
ATOM   563  C CB  . GLN A 1 80  ? 13.161  -9.937  4.130   1.00 37.10 ? 63   GLN A CB  1 
ATOM   564  C CG  . GLN A 1 80  ? 13.303  -11.144 4.936   1.00 40.83 ? 63   GLN A CG  1 
ATOM   565  C CD  . GLN A 1 80  ? 12.503  -11.146 6.188   1.00 44.92 ? 63   GLN A CD  1 
ATOM   566  O OE1 . GLN A 1 80  ? 11.418  -11.754 6.215   1.00 49.94 ? 63   GLN A OE1 1 
ATOM   567  N NE2 . GLN A 1 80  ? 13.036  -10.539 7.267   1.00 41.75 ? 63   GLN A NE2 1 
ATOM   568  N N   . PRO A 1 81  ? 16.093  -8.603  3.186   1.00 37.99 ? 64   PRO A N   1 
ATOM   569  C CA  . PRO A 1 81  ? 16.919  -7.911  2.187   1.00 39.83 ? 64   PRO A CA  1 
ATOM   570  C C   . PRO A 1 81  ? 16.261  -7.779  0.793   1.00 40.58 ? 64   PRO A C   1 
ATOM   571  O O   . PRO A 1 81  ? 16.307  -6.694  0.175   1.00 41.80 ? 64   PRO A O   1 
ATOM   572  C CB  . PRO A 1 81  ? 18.197  -8.787  2.133   1.00 41.34 ? 64   PRO A CB  1 
ATOM   573  C CG  . PRO A 1 81  ? 18.320  -9.374  3.543   1.00 38.87 ? 64   PRO A CG  1 
ATOM   574  C CD  . PRO A 1 81  ? 16.856  -9.649  3.910   1.00 38.93 ? 64   PRO A CD  1 
ATOM   575  N N   . GLU A 1 82  ? 15.624  -8.850  0.340   1.00 39.49 ? 65   GLU A N   1 
ATOM   576  C CA  . GLU A 1 82  ? 15.084  -8.910  -1.001  1.00 41.66 ? 65   GLU A CA  1 
ATOM   577  C C   . GLU A 1 82  ? 13.845  -8.012  -1.173  1.00 40.23 ? 65   GLU A C   1 
ATOM   578  O O   . GLU A 1 82  ? 13.368  -7.799  -2.301  1.00 41.13 ? 65   GLU A O   1 
ATOM   579  C CB  . GLU A 1 82  ? 14.674  -10.358 -1.332  1.00 42.42 ? 65   GLU A CB  1 
ATOM   580  C CG  . GLU A 1 82  ? 15.483  -11.475 -0.639  1.00 50.95 ? 65   GLU A CG  1 
ATOM   581  C CD  . GLU A 1 82  ? 15.159  -11.639 0.877   1.00 54.74 ? 65   GLU A CD  1 
ATOM   582  O OE1 . GLU A 1 82  ? 16.094  -11.445 1.683   1.00 57.81 ? 65   GLU A OE1 1 
ATOM   583  O OE2 . GLU A 1 82  ? 14.006  -11.970 1.245   1.00 55.48 ? 65   GLU A OE2 1 
ATOM   584  N N   . TYR A 1 83  ? 13.299  -7.515  -0.061  1.00 38.04 ? 66   TYR A N   1 
ATOM   585  C CA  . TYR A 1 83  ? 12.039  -6.839  -0.120  1.00 35.18 ? 66   TYR A CA  1 
ATOM   586  C C   . TYR A 1 83  ? 12.153  -5.350  0.211   1.00 35.03 ? 66   TYR A C   1 
ATOM   587  O O   . TYR A 1 83  ? 11.144  -4.639  0.243   1.00 35.07 ? 66   TYR A O   1 
ATOM   588  C CB  . TYR A 1 83  ? 11.059  -7.544  0.819   1.00 34.44 ? 66   TYR A CB  1 
ATOM   589  C CG  . TYR A 1 83  ? 10.463  -8.865  0.331   1.00 31.12 ? 66   TYR A CG  1 
ATOM   590  C CD1 . TYR A 1 83  ? 9.604   -8.891  -0.742  1.00 28.80 ? 66   TYR A CD1 1 
ATOM   591  C CD2 . TYR A 1 83  ? 10.705  -10.060 1.000   1.00 29.48 ? 66   TYR A CD2 1 
ATOM   592  C CE1 . TYR A 1 83  ? 9.022   -10.065 -1.170  1.00 30.63 ? 66   TYR A CE1 1 
ATOM   593  C CE2 . TYR A 1 83  ? 10.110  -11.251 0.589   1.00 31.31 ? 66   TYR A CE2 1 
ATOM   594  C CZ  . TYR A 1 83  ? 9.276   -11.252 -0.494  1.00 31.80 ? 66   TYR A CZ  1 
ATOM   595  O OH  . TYR A 1 83  ? 8.659   -12.407 -0.941  1.00 31.20 ? 66   TYR A OH  1 
ATOM   596  N N   . ARG A 1 84  ? 13.349  -4.855  0.469   1.00 34.70 ? 67   ARG A N   1 
ATOM   597  C CA  . ARG A 1 84  ? 13.458  -3.504  1.024   1.00 35.23 ? 67   ARG A CA  1 
ATOM   598  C C   . ARG A 1 84  ? 13.193  -2.353  0.019   1.00 34.80 ? 67   ARG A C   1 
ATOM   599  O O   . ARG A 1 84  ? 13.118  -1.181  0.409   1.00 35.87 ? 67   ARG A O   1 
ATOM   600  C CB  . ARG A 1 84  ? 14.794  -3.333  1.758   1.00 35.51 ? 67   ARG A CB  1 
ATOM   601  C CG  . ARG A 1 84  ? 14.927  -4.223  2.972   1.00 33.53 ? 67   ARG A CG  1 
ATOM   602  C CD  . ARG A 1 84  ? 16.354  -4.118  3.561   1.00 33.85 ? 67   ARG A CD  1 
ATOM   603  N NE  . ARG A 1 84  ? 16.478  -2.918  4.380   1.00 33.96 ? 67   ARG A NE  1 
ATOM   604  C CZ  . ARG A 1 84  ? 16.191  -2.856  5.685   1.00 35.85 ? 67   ARG A CZ  1 
ATOM   605  N NH1 . ARG A 1 84  ? 15.775  -3.920  6.326   1.00 34.67 ? 67   ARG A NH1 1 
ATOM   606  N NH2 . ARG A 1 84  ? 16.331  -1.723  6.357   1.00 34.01 ? 67   ARG A NH2 1 
ATOM   607  N N   . GLU A 1 85  ? 13.050  -2.687  -1.259  1.00 33.64 ? 68   GLU A N   1 
ATOM   608  C CA  . GLU A 1 85  ? 12.657  -1.716  -2.269  1.00 32.76 ? 68   GLU A CA  1 
ATOM   609  C C   . GLU A 1 85  ? 11.319  -2.067  -2.929  1.00 31.48 ? 68   GLU A C   1 
ATOM   610  O O   . GLU A 1 85  ? 10.976  -1.475  -3.923  1.00 31.07 ? 68   GLU A O   1 
ATOM   611  C CB  . GLU A 1 85  ? 13.754  -1.564  -3.353  1.00 33.61 ? 68   GLU A CB  1 
ATOM   612  C CG  . GLU A 1 85  ? 15.097  -1.100  -2.840  1.00 37.20 ? 68   GLU A CG  1 
ATOM   613  C CD  . GLU A 1 85  ? 15.048  0.341   -2.316  1.00 45.68 ? 68   GLU A CD  1 
ATOM   614  O OE1 . GLU A 1 85  ? 14.190  1.150   -2.793  1.00 48.62 ? 68   GLU A OE1 1 
ATOM   615  O OE2 . GLU A 1 85  ? 15.869  0.681   -1.424  1.00 47.63 ? 68   GLU A OE2 1 
ATOM   616  N N   . ALA A 1 86  ? 10.563  -3.008  -2.344  1.00 30.48 ? 69   ALA A N   1 
ATOM   617  C CA  . ALA A 1 86  ? 9.197   -3.339  -2.794  1.00 29.75 ? 69   ALA A CA  1 
ATOM   618  C C   . ALA A 1 86  ? 8.298   -2.100  -2.718  1.00 28.85 ? 69   ALA A C   1 
ATOM   619  O O   . ALA A 1 86  ? 8.455   -1.306  -1.805  1.00 27.23 ? 69   ALA A O   1 
ATOM   620  C CB  . ALA A 1 86  ? 8.644   -4.454  -1.964  1.00 29.36 ? 69   ALA A CB  1 
ATOM   621  N N   . SER A 1 87  ? 7.387   -1.940  -3.697  1.00 28.13 ? 70   SER A N   1 
ATOM   622  C CA  . SER A 1 87  ? 6.555   -0.737  -3.851  1.00 26.39 ? 70   SER A CA  1 
ATOM   623  C C   . SER A 1 87  ? 5.103   -1.142  -4.118  1.00 25.27 ? 70   SER A C   1 
ATOM   624  O O   . SER A 1 87  ? 4.201   -0.332  -4.285  1.00 23.06 ? 70   SER A O   1 
ATOM   625  C CB  . SER A 1 87  ? 7.144   0.239   -4.910  1.00 26.52 ? 70   SER A CB  1 
ATOM   626  O OG  . SER A 1 87  ? 7.145   -0.313  -6.225  1.00 27.70 ? 70   SER A OG  1 
ATOM   627  N N   . ILE A 1 88  ? 4.890   -2.441  -4.103  1.00 24.35 ? 71   ILE A N   1 
ATOM   628  C CA  . ILE A 1 88  ? 3.582   -2.985  -4.348  1.00 24.72 ? 71   ILE A CA  1 
ATOM   629  C C   . ILE A 1 88  ? 3.319   -3.993  -3.247  1.00 25.58 ? 71   ILE A C   1 
ATOM   630  O O   . ILE A 1 88  ? 4.053   -4.961  -3.145  1.00 26.58 ? 71   ILE A O   1 
ATOM   631  C CB  . ILE A 1 88  ? 3.478   -3.677  -5.732  1.00 24.35 ? 71   ILE A CB  1 
ATOM   632  C CG1 . ILE A 1 88  ? 3.709   -2.660  -6.859  1.00 23.75 ? 71   ILE A CG1 1 
ATOM   633  C CG2 . ILE A 1 88  ? 2.074   -4.399  -5.860  1.00 22.45 ? 71   ILE A CG2 1 
ATOM   634  C CD1 . ILE A 1 88  ? 3.734   -3.309  -8.252  1.00 24.58 ? 71   ILE A CD1 1 
ATOM   635  N N   . LEU A 1 89  ? 2.286   -3.735  -2.438  1.00 25.08 ? 72   LEU A N   1 
ATOM   636  C CA  . LEU A 1 89  ? 1.961   -4.536  -1.250  1.00 24.47 ? 72   LEU A CA  1 
ATOM   637  C C   . LEU A 1 89  ? 0.849   -5.462  -1.611  1.00 26.11 ? 72   LEU A C   1 
ATOM   638  O O   . LEU A 1 89  ? -0.166  -5.023  -2.174  1.00 26.97 ? 72   LEU A O   1 
ATOM   639  C CB  . LEU A 1 89  ? 1.481   -3.598  -0.084  1.00 24.22 ? 72   LEU A CB  1 
ATOM   640  C CG  . LEU A 1 89  ? 1.034   -4.269  1.242   1.00 24.57 ? 72   LEU A CG  1 
ATOM   641  C CD1 . LEU A 1 89  ? 2.200   -5.192  1.860   1.00 24.51 ? 72   LEU A CD1 1 
ATOM   642  C CD2 . LEU A 1 89  ? 0.667   -3.155  2.188   1.00 22.39 ? 72   LEU A CD2 1 
ATOM   643  N N   . ILE A 1 90  ? 1.028   -6.745  -1.301  1.00 27.07 ? 73   ILE A N   1 
ATOM   644  C CA  . ILE A 1 90  ? -0.038  -7.697  -1.392  1.00 27.26 ? 73   ILE A CA  1 
ATOM   645  C C   . ILE A 1 90  ? -0.502  -8.024  0.041   1.00 28.46 ? 73   ILE A C   1 
ATOM   646  O O   . ILE A 1 90  ? 0.324   -8.398  0.846   1.00 28.86 ? 73   ILE A O   1 
ATOM   647  C CB  . ILE A 1 90  ? 0.410   -9.031  -2.127  1.00 27.41 ? 73   ILE A CB  1 
ATOM   648  C CG1 . ILE A 1 90  ? 1.367   -8.736  -3.324  1.00 26.93 ? 73   ILE A CG1 1 
ATOM   649  C CG2 . ILE A 1 90  ? -0.842  -9.911  -2.474  1.00 25.33 ? 73   ILE A CG2 1 
ATOM   650  C CD1 . ILE A 1 90  ? 0.686   -7.974  -4.524  1.00 25.37 ? 73   ILE A CD1 1 
ATOM   651  N N   . THR A 1 91  ? -1.803  -7.843  0.350   1.00 30.10 ? 74   THR A N   1 
ATOM   652  C CA  . THR A 1 91  ? -2.368  -8.174  1.674   1.00 31.59 ? 74   THR A CA  1 
ATOM   653  C C   . THR A 1 91  ? -3.641  -8.967  1.674   1.00 31.98 ? 74   THR A C   1 
ATOM   654  O O   . THR A 1 91  ? -4.124  -9.401  0.625   1.00 34.64 ? 74   THR A O   1 
ATOM   655  C CB  . THR A 1 91  ? -2.801  -6.975  2.543   1.00 31.69 ? 74   THR A CB  1 
ATOM   656  O OG1 . THR A 1 91  ? -2.953  -5.786  1.744   1.00 34.48 ? 74   THR A OG1 1 
ATOM   657  C CG2 . THR A 1 91  ? -1.913  -6.794  3.648   1.00 28.85 ? 74   THR A CG2 1 
ATOM   658  N N   . GLY A 1 92  ? -4.209  -9.102  2.875   1.00 32.00 ? 75   GLY A N   1 
ATOM   659  C CA  . GLY A 1 92  ? -5.452  -9.778  3.063   1.00 32.65 ? 75   GLY A CA  1 
ATOM   660  C C   . GLY A 1 92  ? -6.660  -8.888  2.902   1.00 34.87 ? 75   GLY A C   1 
ATOM   661  O O   . GLY A 1 92  ? -6.622  -7.831  2.231   1.00 34.60 ? 75   GLY A O   1 
ATOM   662  N N   . ASP A 1 93  ? -7.731  -9.332  3.561   1.00 35.56 ? 76   ASP A N   1 
ATOM   663  C CA  . ASP A 1 93  ? -8.996  -8.642  3.653   1.00 36.29 ? 76   ASP A CA  1 
ATOM   664  C C   . ASP A 1 93  ? -8.956  -7.458  4.541   1.00 35.35 ? 76   ASP A C   1 
ATOM   665  O O   . ASP A 1 93  ? -8.195  -7.410  5.518   1.00 36.40 ? 76   ASP A O   1 
ATOM   666  C CB  . ASP A 1 93  ? -10.012 -9.574  4.271   1.00 37.01 ? 76   ASP A CB  1 
ATOM   667  C CG  . ASP A 1 93  ? -10.616 -10.473 3.282   1.00 41.43 ? 76   ASP A CG  1 
ATOM   668  O OD1 . ASP A 1 93  ? -10.328 -10.315 2.071   1.00 45.01 ? 76   ASP A OD1 1 
ATOM   669  O OD2 . ASP A 1 93  ? -11.404 -11.351 3.719   1.00 49.88 ? 76   ASP A OD2 1 
ATOM   670  N N   . ASN A 1 94  ? -9.763  -6.471  4.173   1.00 34.29 ? 77   ASN A N   1 
ATOM   671  C CA  . ASN A 1 94  ? -10.080 -5.407  5.067   1.00 33.40 ? 77   ASN A CA  1 
ATOM   672  C C   . ASN A 1 94  ? -8.885  -4.594  5.593   1.00 31.88 ? 77   ASN A C   1 
ATOM   673  O O   . ASN A 1 94  ? -8.719  -4.326  6.791   1.00 32.90 ? 77   ASN A O   1 
ATOM   674  C CB  . ASN A 1 94  ? -10.917 -6.026  6.177   1.00 35.85 ? 77   ASN A CB  1 
ATOM   675  C CG  . ASN A 1 94  ? -11.714 -5.056  6.835   1.00 39.04 ? 77   ASN A CG  1 
ATOM   676  O OD1 . ASN A 1 94  ? -11.578 -4.882  8.048   1.00 45.21 ? 77   ASN A OD1 1 
ATOM   677  N ND2 . ASN A 1 94  ? -12.524 -4.323  6.062   1.00 41.89 ? 77   ASN A ND2 1 
ATOM   678  N N   . PHE A 1 95  ? -8.058  -4.171  4.663   1.00 29.26 ? 78   PHE A N   1 
ATOM   679  C CA  . PHE A 1 95  ? -6.868  -3.436  4.973   1.00 27.39 ? 78   PHE A CA  1 
ATOM   680  C C   . PHE A 1 95  ? -7.231  -1.987  5.216   1.00 27.01 ? 78   PHE A C   1 
ATOM   681  O O   . PHE A 1 95  ? -7.824  -1.322  4.373   1.00 27.26 ? 78   PHE A O   1 
ATOM   682  C CB  . PHE A 1 95  ? -5.890  -3.539  3.785   1.00 27.38 ? 78   PHE A CB  1 
ATOM   683  C CG  . PHE A 1 95  ? -4.574  -2.899  4.027   1.00 23.09 ? 78   PHE A CG  1 
ATOM   684  C CD1 . PHE A 1 95  ? -3.554  -3.615  4.619   1.00 21.42 ? 78   PHE A CD1 1 
ATOM   685  C CD2 . PHE A 1 95  ? -4.358  -1.586  3.658   1.00 20.92 ? 78   PHE A CD2 1 
ATOM   686  C CE1 . PHE A 1 95  ? -2.356  -3.060  4.806   1.00 23.53 ? 78   PHE A CE1 1 
ATOM   687  C CE2 . PHE A 1 95  ? -3.119  -1.001  3.844   1.00 20.71 ? 78   PHE A CE2 1 
ATOM   688  C CZ  . PHE A 1 95  ? -2.121  -1.737  4.408   1.00 22.05 ? 78   PHE A CZ  1 
ATOM   689  N N   . GLY A 1 96  ? -6.824  -1.490  6.357   1.00 27.33 ? 79   GLY A N   1 
ATOM   690  C CA  . GLY A 1 96  ? -7.031  -0.100  6.714   1.00 26.97 ? 79   GLY A CA  1 
ATOM   691  C C   . GLY A 1 96  ? -8.367  0.268   7.309   1.00 26.54 ? 79   GLY A C   1 
ATOM   692  O O   . GLY A 1 96  ? -8.725  1.474   7.295   1.00 24.49 ? 79   GLY A O   1 
ATOM   693  N N   . ALA A 1 97  ? -9.107  -0.715  7.836   1.00 25.48 ? 80   ALA A N   1 
ATOM   694  C CA  . ALA A 1 97  ? -10.369 -0.413  8.509   1.00 26.44 ? 80   ALA A CA  1 
ATOM   695  C C   . ALA A 1 97  ? -10.064 0.172   9.897   1.00 25.86 ? 80   ALA A C   1 
ATOM   696  O O   . ALA A 1 97  ? -8.918  0.250   10.289  1.00 24.49 ? 80   ALA A O   1 
ATOM   697  C CB  . ALA A 1 97  ? -11.306 -1.635  8.596   1.00 26.76 ? 80   ALA A CB  1 
ATOM   698  N N   . GLY A 1 98  ? -11.085 0.622   10.610  1.00 27.59 ? 81   GLY A N   1 
ATOM   699  C CA  . GLY A 1 98  ? -10.936 1.097   11.993  1.00 29.47 ? 81   GLY A CA  1 
ATOM   700  C C   . GLY A 1 98  ? -10.959 2.618   12.016  1.00 31.14 ? 81   GLY A C   1 
ATOM   701  O O   . GLY A 1 98  ? -11.531 3.242   11.112  1.00 32.95 ? 81   GLY A O   1 
ATOM   702  N N   . SER A 1 99  ? -10.367 3.220   13.044  1.00 32.36 ? 82   SER A N   1 
ATOM   703  C CA  . SER A 1 99  ? -10.364 4.694   13.176  1.00 33.95 ? 82   SER A CA  1 
ATOM   704  C C   . SER A 1 99  ? -9.779  5.316   11.921  1.00 33.54 ? 82   SER A C   1 
ATOM   705  O O   . SER A 1 99  ? -8.691  4.938   11.494  1.00 34.46 ? 82   SER A O   1 
ATOM   706  C CB  . SER A 1 99  ? -9.514  5.178   14.345  1.00 34.33 ? 82   SER A CB  1 
ATOM   707  O OG  . SER A 1 99  ? -9.838  4.499   15.539  1.00 37.90 ? 82   SER A OG  1 
ATOM   708  N N   . SER A 1 100 ? -10.515 6.264   11.372  1.00 31.94 ? 83   SER A N   1 
ATOM   709  C CA  . SER A 1 100 ? -10.120 7.117   10.263  1.00 31.57 ? 83   SER A CA  1 
ATOM   710  C C   . SER A 1 100 ? -8.822  7.868   10.596  1.00 30.26 ? 83   SER A C   1 
ATOM   711  O O   . SER A 1 100 ? -8.706  8.527   11.636  1.00 29.41 ? 83   SER A O   1 
ATOM   712  C CB  . SER A 1 100 ? -11.236 8.126   10.041  1.00 30.47 ? 83   SER A CB  1 
ATOM   713  O OG  . SER A 1 100 ? -12.375 7.434   9.568   1.00 36.32 ? 83   SER A OG  1 
ATOM   714  N N   . ARG A 1 101 ? -7.853  7.735   9.706   1.00 29.65 ? 84   ARG A N   1 
ATOM   715  C CA  . ARG A 1 101 ? -6.507  8.169   9.974   1.00 29.29 ? 84   ARG A CA  1 
ATOM   716  C C   . ARG A 1 101 ? -5.826  8.390   8.659   1.00 28.53 ? 84   ARG A C   1 
ATOM   717  O O   . ARG A 1 101 ? -5.184  7.468   8.166   1.00 26.84 ? 84   ARG A O   1 
ATOM   718  C CB  . ARG A 1 101 ? -5.756  6.984   10.593  1.00 29.84 ? 84   ARG A CB  1 
ATOM   719  C CG  . ARG A 1 101 ? -4.578  7.331   11.415  1.00 29.18 ? 84   ARG A CG  1 
ATOM   720  C CD  . ARG A 1 101 ? -5.125  7.146   12.826  1.00 36.86 ? 84   ARG A CD  1 
ATOM   721  N NE  . ARG A 1 101 ? -4.431  6.118   13.478  1.00 31.71 ? 84   ARG A NE  1 
ATOM   722  C CZ  . ARG A 1 101 ? -4.696  5.567   14.656  1.00 29.21 ? 84   ARG A CZ  1 
ATOM   723  N NH1 . ARG A 1 101 ? -5.762  5.807   15.443  1.00 24.95 ? 84   ARG A NH1 1 
ATOM   724  N NH2 . ARG A 1 101 ? -3.789  4.722   15.039  1.00 25.10 ? 84   ARG A NH2 1 
ATOM   725  N N   . GLU A 1 102 ? -5.931  9.586   8.087   1.00 28.69 ? 85   GLU A N   1 
ATOM   726  C CA  . GLU A 1 102 ? -5.204  9.900   6.863   1.00 27.53 ? 85   GLU A CA  1 
ATOM   727  C C   . GLU A 1 102 ? -3.684  9.683   6.946   1.00 26.05 ? 85   GLU A C   1 
ATOM   728  O O   . GLU A 1 102 ? -3.047  9.327   5.942   1.00 24.77 ? 85   GLU A O   1 
ATOM   729  C CB  . GLU A 1 102 ? -5.501  11.339  6.389   1.00 26.90 ? 85   GLU A CB  1 
ATOM   730  C CG  . GLU A 1 102 ? -4.882  11.608  4.986   1.00 28.48 ? 85   GLU A CG  1 
ATOM   731  C CD  . GLU A 1 102 ? -5.226  13.001  4.411   1.00 31.33 ? 85   GLU A CD  1 
ATOM   732  O OE1 . GLU A 1 102 ? -5.980  13.731  5.107   1.00 35.90 ? 85   GLU A OE1 1 
ATOM   733  O OE2 . GLU A 1 102 ? -4.718  13.358  3.294   1.00 33.98 ? 85   GLU A OE2 1 
ATOM   734  N N   . HIS A 1 103 ? -3.113  9.929   8.123   1.00 25.64 ? 86   HIS A N   1 
ATOM   735  C CA  . HIS A 1 103 ? -1.694  9.640   8.393   1.00 25.79 ? 86   HIS A CA  1 
ATOM   736  C C   . HIS A 1 103 ? -1.258  8.231   8.061   1.00 24.37 ? 86   HIS A C   1 
ATOM   737  O O   . HIS A 1 103 ? -0.084  7.999   7.952   1.00 24.33 ? 86   HIS A O   1 
ATOM   738  C CB  . HIS A 1 103 ? -1.351  9.837   9.890   1.00 26.28 ? 86   HIS A CB  1 
ATOM   739  C CG  . HIS A 1 103 ? -1.463  11.260  10.361  1.00 30.49 ? 86   HIS A CG  1 
ATOM   740  N ND1 . HIS A 1 103 ? -0.392  11.961  10.888  1.00 31.87 ? 86   HIS A ND1 1 
ATOM   741  C CD2 . HIS A 1 103 ? -2.519  12.105  10.389  1.00 28.10 ? 86   HIS A CD2 1 
ATOM   742  C CE1 . HIS A 1 103 ? -0.791  13.171  11.227  1.00 32.55 ? 86   HIS A CE1 1 
ATOM   743  N NE2 . HIS A 1 103 ? -2.066  13.289  10.912  1.00 33.08 ? 86   HIS A NE2 1 
ATOM   744  N N   . ALA A 1 104 ? -2.183  7.275   8.067   1.00 23.98 ? 87   ALA A N   1 
ATOM   745  C CA  . ALA A 1 104 ? -1.847  5.892   7.741   1.00 23.38 ? 87   ALA A CA  1 
ATOM   746  C C   . ALA A 1 104 ? -1.496  5.727   6.233   1.00 23.37 ? 87   ALA A C   1 
ATOM   747  O O   . ALA A 1 104 ? -0.536  5.025   5.893   1.00 22.57 ? 87   ALA A O   1 
ATOM   748  C CB  . ALA A 1 104 ? -2.959  4.915   8.165   1.00 21.93 ? 87   ALA A CB  1 
ATOM   749  N N   . ALA A 1 105 ? -2.266  6.359   5.350   1.00 22.49 ? 88   ALA A N   1 
ATOM   750  C CA  . ALA A 1 105 ? -1.843  6.536   3.974   1.00 22.61 ? 88   ALA A CA  1 
ATOM   751  C C   . ALA A 1 105 ? -0.496  7.299   3.797   1.00 23.62 ? 88   ALA A C   1 
ATOM   752  O O   . ALA A 1 105 ? 0.308   6.955   2.928   1.00 23.28 ? 88   ALA A O   1 
ATOM   753  C CB  . ALA A 1 105 ? -2.957  7.186   3.145   1.00 22.09 ? 88   ALA A CB  1 
ATOM   754  N N   . TRP A 1 106 ? -0.259  8.360   4.575   1.00 24.82 ? 89   TRP A N   1 
ATOM   755  C CA  . TRP A 1 106 ? 1.008   9.074   4.490   1.00 24.98 ? 89   TRP A CA  1 
ATOM   756  C C   . TRP A 1 106 ? 2.149   8.168   4.821   1.00 24.62 ? 89   TRP A C   1 
ATOM   757  O O   . TRP A 1 106 ? 3.174   8.265   4.176   1.00 24.79 ? 89   TRP A O   1 
ATOM   758  C CB  . TRP A 1 106 ? 1.088   10.251  5.464   1.00 24.63 ? 89   TRP A CB  1 
ATOM   759  C CG  . TRP A 1 106 ? 0.042   11.291  5.189   1.00 26.95 ? 89   TRP A CG  1 
ATOM   760  C CD1 . TRP A 1 106 ? -0.777  11.377  4.093   1.00 25.71 ? 89   TRP A CD1 1 
ATOM   761  C CD2 . TRP A 1 106 ? -0.305  12.396  6.043   1.00 28.07 ? 89   TRP A CD2 1 
ATOM   762  N NE1 . TRP A 1 106 ? -1.609  12.481  4.202   1.00 27.38 ? 89   TRP A NE1 1 
ATOM   763  C CE2 . TRP A 1 106 ? -1.361  13.108  5.400   1.00 26.95 ? 89   TRP A CE2 1 
ATOM   764  C CE3 . TRP A 1 106 ? 0.134   12.816  7.312   1.00 28.89 ? 89   TRP A CE3 1 
ATOM   765  C CZ2 . TRP A 1 106 ? -1.946  14.258  5.957   1.00 27.22 ? 89   TRP A CZ2 1 
ATOM   766  C CZ3 . TRP A 1 106 ? -0.455  13.946  7.876   1.00 28.78 ? 89   TRP A CZ3 1 
ATOM   767  C CH2 . TRP A 1 106 ? -1.495  14.655  7.199   1.00 28.53 ? 89   TRP A CH2 1 
ATOM   768  N N   . ALA A 1 107 ? 1.990   7.328   5.851   1.00 23.88 ? 90   ALA A N   1 
ATOM   769  C CA  . ALA A 1 107 ? 3.028   6.350   6.234   1.00 24.09 ? 90   ALA A CA  1 
ATOM   770  C C   . ALA A 1 107 ? 3.338   5.368   5.099   1.00 25.42 ? 90   ALA A C   1 
ATOM   771  O O   . ALA A 1 107 ? 4.527   5.113   4.791   1.00 26.17 ? 90   ALA A O   1 
ATOM   772  C CB  . ALA A 1 107 ? 2.623   5.584   7.528   1.00 23.40 ? 90   ALA A CB  1 
ATOM   773  N N   . LEU A 1 108 ? 2.282   4.794   4.496   1.00 24.69 ? 91   LEU A N   1 
ATOM   774  C CA  . LEU A 1 108 ? 2.425   3.880   3.386   1.00 24.76 ? 91   LEU A CA  1 
ATOM   775  C C   . LEU A 1 108 ? 3.081   4.547   2.187   1.00 25.02 ? 91   LEU A C   1 
ATOM   776  O O   . LEU A 1 108 ? 4.004   4.003   1.621   1.00 24.68 ? 91   LEU A O   1 
ATOM   777  C CB  . LEU A 1 108 ? 1.064   3.305   3.001   1.00 23.96 ? 91   LEU A CB  1 
ATOM   778  C CG  . LEU A 1 108 ? 0.451   2.297   3.997   1.00 26.17 ? 91   LEU A CG  1 
ATOM   779  C CD1 . LEU A 1 108 ? -1.108  2.280   3.891   1.00 22.66 ? 91   LEU A CD1 1 
ATOM   780  C CD2 . LEU A 1 108 ? 1.065   0.897   3.747   1.00 26.81 ? 91   LEU A CD2 1 
ATOM   781  N N   . ALA A 1 109 ? 2.597   5.730   1.799   1.00 25.50 ? 92   ALA A N   1 
ATOM   782  C CA  . ALA A 1 109 ? 3.187   6.497   0.689   1.00 24.22 ? 92   ALA A CA  1 
ATOM   783  C C   . ALA A 1 109 ? 4.640   6.869   0.965   1.00 24.75 ? 92   ALA A C   1 
ATOM   784  O O   . ALA A 1 109 ? 5.518   6.647   0.101   1.00 24.97 ? 92   ALA A O   1 
ATOM   785  C CB  . ALA A 1 109 ? 2.358   7.779   0.438   1.00 23.43 ? 92   ALA A CB  1 
ATOM   786  N N   . ASP A 1 110 ? 4.896   7.482   2.128   1.00 26.00 ? 93   ASP A N   1 
ATOM   787  C CA  . ASP A 1 110 ? 6.264   7.907   2.527   1.00 27.88 ? 93   ASP A CA  1 
ATOM   788  C C   . ASP A 1 110 ? 7.265   6.745   2.562   1.00 28.27 ? 93   ASP A C   1 
ATOM   789  O O   . ASP A 1 110 ? 8.416   6.920   2.167   1.00 28.97 ? 93   ASP A O   1 
ATOM   790  C CB  . ASP A 1 110 ? 6.299   8.627   3.882   1.00 27.56 ? 93   ASP A CB  1 
ATOM   791  C CG  . ASP A 1 110 ? 5.585   10.035  3.862   1.00 29.82 ? 93   ASP A CG  1 
ATOM   792  O OD1 . ASP A 1 110 ? 5.164   10.527  2.777   1.00 26.11 ? 93   ASP A OD1 1 
ATOM   793  O OD2 . ASP A 1 110 ? 5.441   10.623  4.951   1.00 26.59 ? 93   ASP A OD2 1 
ATOM   794  N N   . TYR A 1 111 ? 6.836   5.581   3.059   1.00 27.74 ? 94   TYR A N   1 
ATOM   795  C CA  . TYR A 1 111 ? 7.652   4.375   2.960   1.00 27.55 ? 94   TYR A CA  1 
ATOM   796  C C   . TYR A 1 111 ? 8.003   4.060   1.497   1.00 27.92 ? 94   TYR A C   1 
ATOM   797  O O   . TYR A 1 111 ? 9.154   3.676   1.217   1.00 28.08 ? 94   TYR A O   1 
ATOM   798  C CB  . TYR A 1 111 ? 6.944   3.185   3.572   1.00 27.10 ? 94   TYR A CB  1 
ATOM   799  C CG  . TYR A 1 111 ? 7.809   1.923   3.659   1.00 28.37 ? 94   TYR A CG  1 
ATOM   800  C CD1 . TYR A 1 111 ? 8.742   1.744   4.719   1.00 25.12 ? 94   TYR A CD1 1 
ATOM   801  C CD2 . TYR A 1 111 ? 7.656   0.891   2.719   1.00 28.68 ? 94   TYR A CD2 1 
ATOM   802  C CE1 . TYR A 1 111 ? 9.536   0.586   4.818   1.00 27.49 ? 94   TYR A CE1 1 
ATOM   803  C CE2 . TYR A 1 111 ? 8.452   -0.296  2.808   1.00 31.68 ? 94   TYR A CE2 1 
ATOM   804  C CZ  . TYR A 1 111 ? 9.383   -0.431  3.871   1.00 31.73 ? 94   TYR A CZ  1 
ATOM   805  O OH  . TYR A 1 111 ? 10.160  -1.582  3.971   1.00 31.53 ? 94   TYR A OH  1 
ATOM   806  N N   . GLY A 1 112 ? 7.034   4.167   0.581   1.00 26.90 ? 95   GLY A N   1 
ATOM   807  C CA  . GLY A 1 112 ? 7.321   3.936   -0.847  1.00 26.29 ? 95   GLY A CA  1 
ATOM   808  C C   . GLY A 1 112 ? 6.337   3.043   -1.593  1.00 26.58 ? 95   GLY A C   1 
ATOM   809  O O   . GLY A 1 112 ? 6.578   2.649   -2.751  1.00 26.94 ? 95   GLY A O   1 
ATOM   810  N N   . PHE A 1 113 ? 5.222   2.722   -0.946  1.00 25.74 ? 96   PHE A N   1 
ATOM   811  C CA  . PHE A 1 113 ? 4.142   1.978   -1.615  1.00 26.69 ? 96   PHE A CA  1 
ATOM   812  C C   . PHE A 1 113 ? 3.377   2.871   -2.602  1.00 26.01 ? 96   PHE A C   1 
ATOM   813  O O   . PHE A 1 113 ? 3.062   4.009   -2.303  1.00 25.54 ? 96   PHE A O   1 
ATOM   814  C CB  . PHE A 1 113 ? 3.222   1.305   -0.580  1.00 26.44 ? 96   PHE A CB  1 
ATOM   815  C CG  . PHE A 1 113 ? 3.863   0.137   0.105   1.00 29.08 ? 96   PHE A CG  1 
ATOM   816  C CD1 . PHE A 1 113 ? 4.125   0.175   1.489   1.00 27.83 ? 96   PHE A CD1 1 
ATOM   817  C CD2 . PHE A 1 113 ? 4.274   -0.996  -0.642  1.00 27.09 ? 96   PHE A CD2 1 
ATOM   818  C CE1 . PHE A 1 113 ? 4.755   -0.893  2.105   1.00 25.05 ? 96   PHE A CE1 1 
ATOM   819  C CE2 . PHE A 1 113 ? 4.910   -2.097  0.005   1.00 25.76 ? 96   PHE A CE2 1 
ATOM   820  C CZ  . PHE A 1 113 ? 5.134   -2.039  1.366   1.00 24.51 ? 96   PHE A CZ  1 
ATOM   821  N N   . LYS A 1 114 ? 3.167   2.335   -3.797  1.00 26.31 ? 97   LYS A N   1 
ATOM   822  C CA  . LYS A 1 114 ? 2.460   3.001   -4.868  1.00 26.23 ? 97   LYS A CA  1 
ATOM   823  C C   . LYS A 1 114 ? 1.177   2.251   -5.170  1.00 24.90 ? 97   LYS A C   1 
ATOM   824  O O   . LYS A 1 114 ? 0.235   2.786   -5.708  1.00 25.82 ? 97   LYS A O   1 
ATOM   825  C CB  . LYS A 1 114 ? 3.355   3.006   -6.120  1.00 26.03 ? 97   LYS A CB  1 
ATOM   826  C CG  . LYS A 1 114 ? 4.561   3.959   -6.020  1.00 30.00 ? 97   LYS A CG  1 
ATOM   827  C CD  . LYS A 1 114 ? 4.147   5.413   -5.793  1.00 33.30 ? 97   LYS A CD  1 
ATOM   828  C CE  . LYS A 1 114 ? 3.294   5.969   -6.936  1.00 36.19 ? 97   LYS A CE  1 
ATOM   829  N NZ  . LYS A 1 114 ? 2.854   7.436   -6.712  1.00 37.99 ? 97   LYS A NZ  1 
ATOM   830  N N   . VAL A 1 115 ? 1.155   0.974   -4.836  1.00 25.46 ? 98   VAL A N   1 
ATOM   831  C CA  . VAL A 1 115 ? 0.016   0.138   -5.120  1.00 24.44 ? 98   VAL A CA  1 
ATOM   832  C C   . VAL A 1 115 ? -0.228  -0.821  -3.942  1.00 25.44 ? 98   VAL A C   1 
ATOM   833  O O   . VAL A 1 115 ? 0.724   -1.387  -3.394  1.00 23.65 ? 98   VAL A O   1 
ATOM   834  C CB  . VAL A 1 115 ? 0.238   -0.718  -6.430  1.00 25.18 ? 98   VAL A CB  1 
ATOM   835  C CG1 . VAL A 1 115 ? -0.974  -1.556  -6.695  1.00 21.88 ? 98   VAL A CG1 1 
ATOM   836  C CG2 . VAL A 1 115 ? 0.541   0.150   -7.657  1.00 23.59 ? 98   VAL A CG2 1 
ATOM   837  N N   . ILE A 1 116 ? -1.490  -0.998  -3.567  1.00 25.30 ? 99   ILE A N   1 
ATOM   838  C CA  . ILE A 1 116 ? -1.864  -2.033  -2.611  1.00 24.18 ? 99   ILE A CA  1 
ATOM   839  C C   . ILE A 1 116 ? -2.963  -2.930  -3.169  1.00 23.44 ? 99   ILE A C   1 
ATOM   840  O O   . ILE A 1 116 ? -3.984  -2.446  -3.658  1.00 23.20 ? 99   ILE A O   1 
ATOM   841  C CB  . ILE A 1 116 ? -2.322  -1.399  -1.283  1.00 24.07 ? 99   ILE A CB  1 
ATOM   842  C CG1 . ILE A 1 116 ? -1.257  -0.435  -0.758  1.00 22.48 ? 99   ILE A CG1 1 
ATOM   843  C CG2 . ILE A 1 116 ? -2.624  -2.479  -0.254  1.00 23.08 ? 99   ILE A CG2 1 
ATOM   844  C CD1 . ILE A 1 116 ? -1.689  0.344   0.466   1.00 24.46 ? 99   ILE A CD1 1 
ATOM   845  N N   . VAL A 1 117 ? -2.754  -4.240  -3.091  1.00 24.75 ? 100  VAL A N   1 
ATOM   846  C CA  . VAL A 1 117 ? -3.749  -5.200  -3.560  1.00 25.63 ? 100  VAL A CA  1 
ATOM   847  C C   . VAL A 1 117 ? -4.300  -6.037  -2.410  1.00 25.57 ? 100  VAL A C   1 
ATOM   848  O O   . VAL A 1 117 ? -3.565  -6.791  -1.773  1.00 24.72 ? 100  VAL A O   1 
ATOM   849  C CB  . VAL A 1 117 ? -3.167  -6.138  -4.634  1.00 25.57 ? 100  VAL A CB  1 
ATOM   850  C CG1 . VAL A 1 117 ? -4.246  -7.062  -5.175  1.00 25.92 ? 100  VAL A CG1 1 
ATOM   851  C CG2 . VAL A 1 117 ? -2.531  -5.333  -5.757  1.00 27.31 ? 100  VAL A CG2 1 
ATOM   852  N N   . ALA A 1 118 ? -5.594  -5.893  -2.150  1.00 26.42 ? 101  ALA A N   1 
ATOM   853  C CA  . ALA A 1 118 ? -6.198  -6.442  -0.944  1.00 25.61 ? 101  ALA A CA  1 
ATOM   854  C C   . ALA A 1 118 ? -7.432  -7.268  -1.285  1.00 27.08 ? 101  ALA A C   1 
ATOM   855  O O   . ALA A 1 118 ? -7.812  -7.384  -2.450  1.00 27.98 ? 101  ALA A O   1 
ATOM   856  C CB  . ALA A 1 118 ? -6.556  -5.325  0.025   1.00 23.44 ? 101  ALA A CB  1 
ATOM   857  N N   . GLY A 1 119 ? -8.054  -7.840  -0.261  1.00 27.40 ? 102  GLY A N   1 
ATOM   858  C CA  . GLY A 1 119 ? -9.443  -8.326  -0.370  1.00 27.38 ? 102  GLY A CA  1 
ATOM   859  C C   . GLY A 1 119 ? -10.462 -7.233  -0.336  1.00 27.48 ? 102  GLY A C   1 
ATOM   860  O O   . GLY A 1 119 ? -11.496 -7.291  -0.959  1.00 27.57 ? 102  GLY A O   1 
ATOM   861  N N   . SER A 1 120 ? -10.177 -6.223  0.444   1.00 28.33 ? 103  SER A N   1 
ATOM   862  C CA  . SER A 1 120 ? -11.076 -5.102  0.627   1.00 27.62 ? 103  SER A CA  1 
ATOM   863  C C   . SER A 1 120 ? -10.282 -4.120  1.486   1.00 26.70 ? 103  SER A C   1 
ATOM   864  O O   . SER A 1 120 ? -9.222  -4.458  2.063   1.00 25.81 ? 103  SER A O   1 
ATOM   865  C CB  . SER A 1 120 ? -12.367 -5.552  1.378   1.00 28.50 ? 103  SER A CB  1 
ATOM   866  O OG  . SER A 1 120 ? -12.005 -6.211  2.569   1.00 28.46 ? 103  SER A OG  1 
ATOM   867  N N   . PHE A 1 121 ? -10.822 -2.929  1.611   1.00 26.44 ? 104  PHE A N   1 
ATOM   868  C CA  . PHE A 1 121 ? -10.184 -1.866  2.361   1.00 26.64 ? 104  PHE A CA  1 
ATOM   869  C C   . PHE A 1 121 ? -11.197 -1.183  3.331   1.00 26.94 ? 104  PHE A C   1 
ATOM   870  O O   . PHE A 1 121 ? -12.393 -1.126  3.020   1.00 28.15 ? 104  PHE A O   1 
ATOM   871  C CB  . PHE A 1 121 ? -9.722  -0.800  1.339   1.00 25.18 ? 104  PHE A CB  1 
ATOM   872  C CG  . PHE A 1 121 ? -8.629  -1.258  0.423   1.00 27.74 ? 104  PHE A CG  1 
ATOM   873  C CD1 . PHE A 1 121 ? -7.292  -1.117  0.792   1.00 25.41 ? 104  PHE A CD1 1 
ATOM   874  C CD2 . PHE A 1 121 ? -8.942  -1.798  -0.841  1.00 25.90 ? 104  PHE A CD2 1 
ATOM   875  C CE1 . PHE A 1 121 ? -6.282  -1.525  -0.045  1.00 25.01 ? 104  PHE A CE1 1 
ATOM   876  C CE2 . PHE A 1 121 ? -7.947  -2.240  -1.662  1.00 24.04 ? 104  PHE A CE2 1 
ATOM   877  C CZ  . PHE A 1 121 ? -6.620  -2.087  -1.281  1.00 26.61 ? 104  PHE A CZ  1 
ATOM   878  N N   . GLY A 1 122 ? -10.741 -0.556  4.418   1.00 27.02 ? 105  GLY A N   1 
ATOM   879  C CA  . GLY A 1 122 ? -11.569 0.485   5.030   1.00 27.69 ? 105  GLY A CA  1 
ATOM   880  C C   . GLY A 1 122 ? -11.968 1.636   4.075   1.00 28.91 ? 105  GLY A C   1 
ATOM   881  O O   . GLY A 1 122 ? -11.127 2.129   3.305   1.00 28.39 ? 105  GLY A O   1 
ATOM   882  N N   . ASP A 1 123 ? -13.218 2.101   4.156   1.00 29.88 ? 106  ASP A N   1 
ATOM   883  C CA  . ASP A 1 123 ? -13.810 3.045   3.153   1.00 30.82 ? 106  ASP A CA  1 
ATOM   884  C C   . ASP A 1 123 ? -13.017 4.335   3.089   1.00 28.60 ? 106  ASP A C   1 
ATOM   885  O O   . ASP A 1 123 ? -12.601 4.764   2.042   1.00 28.19 ? 106  ASP A O   1 
ATOM   886  C CB  . ASP A 1 123 ? -15.309 3.389   3.454   1.00 33.10 ? 106  ASP A CB  1 
ATOM   887  C CG  . ASP A 1 123 ? -16.269 2.261   3.082   1.00 40.46 ? 106  ASP A CG  1 
ATOM   888  O OD1 . ASP A 1 123 ? -17.359 2.178   3.730   1.00 46.67 ? 106  ASP A OD1 1 
ATOM   889  O OD2 . ASP A 1 123 ? -15.931 1.454   2.168   1.00 42.59 ? 106  ASP A OD2 1 
ATOM   890  N N   . ILE A 1 124 ? -12.795 4.942   4.245   1.00 28.20 ? 107  ILE A N   1 
ATOM   891  C CA  . ILE A 1 124 ? -12.015 6.191   4.336   1.00 27.51 ? 107  ILE A CA  1 
ATOM   892  C C   . ILE A 1 124 ? -10.566 5.958   3.912   1.00 25.59 ? 107  ILE A C   1 
ATOM   893  O O   . ILE A 1 124 ? -9.987  6.759   3.193   1.00 26.41 ? 107  ILE A O   1 
ATOM   894  C CB  . ILE A 1 124 ? -12.100 6.746   5.806   1.00 28.24 ? 107  ILE A CB  1 
ATOM   895  C CG1 . ILE A 1 124 ? -13.590 6.915   6.202   1.00 30.54 ? 107  ILE A CG1 1 
ATOM   896  C CG2 . ILE A 1 124 ? -11.247 8.046   6.026   1.00 25.17 ? 107  ILE A CG2 1 
ATOM   897  C CD1 . ILE A 1 124 ? -14.401 7.796   5.279   1.00 34.88 ? 107  ILE A CD1 1 
ATOM   898  N N   . HIS A 1 125 ? -9.985  4.866   4.377   1.00 24.97 ? 108  HIS A N   1 
ATOM   899  C CA  . HIS A 1 125 ? -8.589  4.569   4.074   1.00 25.54 ? 108  HIS A CA  1 
ATOM   900  C C   . HIS A 1 125 ? -8.362  4.446   2.552   1.00 25.52 ? 108  HIS A C   1 
ATOM   901  O O   . HIS A 1 125 ? -7.357  4.926   2.036   1.00 26.35 ? 108  HIS A O   1 
ATOM   902  C CB  . HIS A 1 125 ? -8.106  3.279   4.774   1.00 24.22 ? 108  HIS A CB  1 
ATOM   903  C CG  . HIS A 1 125 ? -6.734  2.865   4.327   1.00 26.00 ? 108  HIS A CG  1 
ATOM   904  N ND1 . HIS A 1 125 ? -5.593  3.564   4.682   1.00 27.01 ? 108  HIS A ND1 1 
ATOM   905  C CD2 . HIS A 1 125 ? -6.329  1.890   3.472   1.00 24.98 ? 108  HIS A CD2 1 
ATOM   906  C CE1 . HIS A 1 125 ? -4.540  2.986   4.124   1.00 25.31 ? 108  HIS A CE1 1 
ATOM   907  N NE2 . HIS A 1 125 ? -4.964  1.994   3.360   1.00 25.68 ? 108  HIS A NE2 1 
ATOM   908  N N   . TYR A 1 126 ? -9.271  3.729   1.871   1.00 25.75 ? 109  TYR A N   1 
ATOM   909  C CA  . TYR A 1 126 ? -9.325  3.658   0.406   1.00 26.48 ? 109  TYR A CA  1 
ATOM   910  C C   . TYR A 1 126 ? -9.218  5.058   -0.263  1.00 26.92 ? 109  TYR A C   1 
ATOM   911  O O   . TYR A 1 126 ? -8.362  5.269   -1.116  1.00 27.05 ? 109  TYR A O   1 
ATOM   912  C CB  . TYR A 1 126 ? -10.628 2.966   -0.009  1.00 27.55 ? 109  TYR A CB  1 
ATOM   913  C CG  . TYR A 1 126 ? -10.782 2.722   -1.495  1.00 28.87 ? 109  TYR A CG  1 
ATOM   914  C CD1 . TYR A 1 126 ? -10.204 1.575   -2.102  1.00 29.59 ? 109  TYR A CD1 1 
ATOM   915  C CD2 . TYR A 1 126 ? -11.505 3.613   -2.300  1.00 32.28 ? 109  TYR A CD2 1 
ATOM   916  C CE1 . TYR A 1 126 ? -10.338 1.338   -3.486  1.00 27.79 ? 109  TYR A CE1 1 
ATOM   917  C CE2 . TYR A 1 126 ? -11.658 3.382   -3.703  1.00 30.53 ? 109  TYR A CE2 1 
ATOM   918  C CZ  . TYR A 1 126 ? -11.064 2.249   -4.264  1.00 29.62 ? 109  TYR A CZ  1 
ATOM   919  O OH  . TYR A 1 126 ? -11.200 1.996   -5.598  1.00 30.25 ? 109  TYR A OH  1 
ATOM   920  N N   . ASN A 1 127 ? -10.085 5.996   0.120   1.00 27.10 ? 110  ASN A N   1 
ATOM   921  C CA  . ASN A 1 127 ? -10.019 7.383   -0.351  1.00 26.50 ? 110  ASN A CA  1 
ATOM   922  C C   . ASN A 1 127 ? -8.718  8.065   0.023   1.00 26.99 ? 110  ASN A C   1 
ATOM   923  O O   . ASN A 1 127 ? -8.161  8.784   -0.794  1.00 27.00 ? 110  ASN A O   1 
ATOM   924  C CB  . ASN A 1 127 ? -11.207 8.218   0.231   1.00 27.46 ? 110  ASN A CB  1 
ATOM   925  C CG  . ASN A 1 127 ? -12.586 7.660   -0.177  1.00 28.67 ? 110  ASN A CG  1 
ATOM   926  O OD1 . ASN A 1 127 ? -12.708 6.910   -1.129  1.00 34.86 ? 110  ASN A OD1 1 
ATOM   927  N ND2 . ASN A 1 127 ? -13.605 8.001   0.576   1.00 35.34 ? 110  ASN A ND2 1 
ATOM   928  N N   . ASN A 1 128 ? -8.241  7.866   1.263   1.00 25.48 ? 111  ASN A N   1 
ATOM   929  C CA  . ASN A 1 128 ? -6.980  8.493   1.730   1.00 25.07 ? 111  ASN A CA  1 
ATOM   930  C C   . ASN A 1 128 ? -5.801  8.039   0.862   1.00 24.73 ? 111  ASN A C   1 
ATOM   931  O O   . ASN A 1 128 ? -4.903  8.833   0.602   1.00 25.01 ? 111  ASN A O   1 
ATOM   932  C CB  . ASN A 1 128 ? -6.624  8.084   3.196   1.00 24.32 ? 111  ASN A CB  1 
ATOM   933  C CG  . ASN A 1 128 ? -7.585  8.638   4.252   1.00 25.22 ? 111  ASN A CG  1 
ATOM   934  O OD1 . ASN A 1 128 ? -8.188  9.705   4.105   1.00 29.13 ? 111  ASN A OD1 1 
ATOM   935  N ND2 . ASN A 1 128 ? -7.661  7.949   5.343   1.00 26.67 ? 111  ASN A ND2 1 
ATOM   936  N N   . ASP A 1 129 ? -5.769  6.738   0.528   1.00 24.80 ? 112  ASP A N   1 
ATOM   937  C CA  . ASP A 1 129 ? -4.707  6.162   -0.344  1.00 25.60 ? 112  ASP A CA  1 
ATOM   938  C C   . ASP A 1 129 ? -4.730  6.849   -1.699  1.00 25.89 ? 112  ASP A C   1 
ATOM   939  O O   . ASP A 1 129 ? -3.693  7.354   -2.170  1.00 25.06 ? 112  ASP A O   1 
ATOM   940  C CB  . ASP A 1 129 ? -4.827  4.647   -0.539  1.00 24.68 ? 112  ASP A CB  1 
ATOM   941  C CG  . ASP A 1 129 ? -4.375  3.869   0.669   1.00 24.97 ? 112  ASP A CG  1 
ATOM   942  O OD1 . ASP A 1 129 ? -3.760  4.506   1.565   1.00 24.39 ? 112  ASP A OD1 1 
ATOM   943  O OD2 . ASP A 1 129 ? -4.677  2.646   0.732   1.00 24.21 ? 112  ASP A OD2 1 
ATOM   944  N N   . LEU A 1 130 ? -5.913  6.871   -2.299  1.00 26.02 ? 113  LEU A N   1 
ATOM   945  C CA  . LEU A 1 130 ? -6.100  7.496   -3.634  1.00 28.01 ? 113  LEU A CA  1 
ATOM   946  C C   . LEU A 1 130 ? -5.748  8.979   -3.672  1.00 28.22 ? 113  LEU A C   1 
ATOM   947  O O   . LEU A 1 130 ? -5.215  9.448   -4.680  1.00 29.32 ? 113  LEU A O   1 
ATOM   948  C CB  . LEU A 1 130 ? -7.528  7.344   -4.114  1.00 27.03 ? 113  LEU A CB  1 
ATOM   949  C CG  . LEU A 1 130 ? -8.056  6.250   -5.043  1.00 30.09 ? 113  LEU A CG  1 
ATOM   950  C CD1 . LEU A 1 130 ? -7.053  5.497   -5.863  1.00 28.65 ? 113  LEU A CD1 1 
ATOM   951  C CD2 . LEU A 1 130 ? -9.034  5.358   -4.363  1.00 27.50 ? 113  LEU A CD2 1 
ATOM   952  N N   . ASN A 1 131 ? -6.025  9.691   -2.575  1.00 28.18 ? 114  ASN A N   1 
ATOM   953  C CA  . ASN A 1 131 ? -5.646  11.104  -2.388  1.00 29.31 ? 114  ASN A CA  1 
ATOM   954  C C   . ASN A 1 131 ? -4.221  11.350  -1.959  1.00 29.48 ? 114  ASN A C   1 
ATOM   955  O O   . ASN A 1 131 ? -3.807  12.497  -1.791  1.00 30.43 ? 114  ASN A O   1 
ATOM   956  C CB  . ASN A 1 131 ? -6.617  11.785  -1.398  1.00 30.05 ? 114  ASN A CB  1 
ATOM   957  C CG  . ASN A 1 131 ? -7.976  12.033  -2.015  1.00 30.89 ? 114  ASN A CG  1 
ATOM   958  O OD1 . ASN A 1 131 ? -8.057  12.470  -3.165  1.00 34.24 ? 114  ASN A OD1 1 
ATOM   959  N ND2 . ASN A 1 131 ? -9.033  11.767  -1.276  1.00 34.90 ? 114  ASN A ND2 1 
ATOM   960  N N   . ASN A 1 132 ? -3.434  10.285  -1.831  1.00 28.89 ? 115  ASN A N   1 
ATOM   961  C CA  . ASN A 1 132 ? -2.031  10.389  -1.405  1.00 28.47 ? 115  ASN A CA  1 
ATOM   962  C C   . ASN A 1 132 ? -1.070  9.538   -2.212  1.00 28.96 ? 115  ASN A C   1 
ATOM   963  O O   . ASN A 1 132 ? -0.117  9.010   -1.653  1.00 28.57 ? 115  ASN A O   1 
ATOM   964  C CB  . ASN A 1 132 ? -1.887  10.089  0.102   1.00 28.76 ? 115  ASN A CB  1 
ATOM   965  C CG  . ASN A 1 132 ? -2.466  11.205  0.950   1.00 27.73 ? 115  ASN A CG  1 
ATOM   966  O OD1 . ASN A 1 132 ? -1.823  12.230  1.121   1.00 29.66 ? 115  ASN A OD1 1 
ATOM   967  N ND2 . ASN A 1 132 ? -3.711  11.045  1.406   1.00 26.61 ? 115  ASN A ND2 1 
ATOM   968  N N   . GLY A 1 133 ? -1.325  9.454   -3.520  1.00 28.46 ? 116  GLY A N   1 
ATOM   969  C CA  . GLY A 1 133 ? -0.472  8.768   -4.471  1.00 28.98 ? 116  GLY A CA  1 
ATOM   970  C C   . GLY A 1 133 ? -0.318  7.253   -4.394  1.00 28.14 ? 116  GLY A C   1 
ATOM   971  O O   . GLY A 1 133 ? 0.707   6.720   -4.828  1.00 28.79 ? 116  GLY A O   1 
ATOM   972  N N   . ILE A 1 134 ? -1.326  6.564   -3.866  1.00 27.05 ? 117  ILE A N   1 
ATOM   973  C CA  . ILE A 1 134 ? -1.323  5.108   -3.793  1.00 26.45 ? 117  ILE A CA  1 
ATOM   974  C C   . ILE A 1 134 ? -2.501  4.667   -4.639  1.00 26.19 ? 117  ILE A C   1 
ATOM   975  O O   . ILE A 1 134 ? -3.583  5.252   -4.576  1.00 25.61 ? 117  ILE A O   1 
ATOM   976  C CB  . ILE A 1 134 ? -1.464  4.590   -2.325  1.00 26.04 ? 117  ILE A CB  1 
ATOM   977  C CG1 . ILE A 1 134 ? -0.186  4.942   -1.505  1.00 28.51 ? 117  ILE A CG1 1 
ATOM   978  C CG2 . ILE A 1 134 ? -1.732  3.094   -2.287  1.00 24.75 ? 117  ILE A CG2 1 
ATOM   979  C CD1 . ILE A 1 134 ? -0.433  4.990   0.033   1.00 26.31 ? 117  ILE A CD1 1 
ATOM   980  N N   . LEU A 1 135 ? -2.296  3.643   -5.441  1.00 25.24 ? 118  LEU A N   1 
ATOM   981  C CA  . LEU A 1 135 ? -3.464  2.970   -6.009  1.00 26.08 ? 118  LEU A CA  1 
ATOM   982  C C   . LEU A 1 135 ? -3.859  1.708   -5.215  1.00 25.00 ? 118  LEU A C   1 
ATOM   983  O O   . LEU A 1 135 ? -3.165  0.684   -5.311  1.00 26.63 ? 118  LEU A O   1 
ATOM   984  C CB  . LEU A 1 135 ? -3.218  2.656   -7.488  1.00 24.18 ? 118  LEU A CB  1 
ATOM   985  C CG  . LEU A 1 135 ? -4.294  1.959   -8.291  1.00 27.84 ? 118  LEU A CG  1 
ATOM   986  C CD1 . LEU A 1 135 ? -5.708  2.642   -8.167  1.00 26.67 ? 118  LEU A CD1 1 
ATOM   987  C CD2 . LEU A 1 135 ? -3.826  1.796   -9.799  1.00 26.66 ? 118  LEU A CD2 1 
ATOM   988  N N   . PRO A 1 136 ? -4.971  1.779   -4.429  1.00 25.98 ? 119  PRO A N   1 
ATOM   989  C CA  . PRO A 1 136 ? -5.570  0.606   -3.739  1.00 25.47 ? 119  PRO A CA  1 
ATOM   990  C C   . PRO A 1 136 ? -6.337  -0.263  -4.741  1.00 26.28 ? 119  PRO A C   1 
ATOM   991  O O   . PRO A 1 136 ? -7.150  0.262   -5.517  1.00 26.35 ? 119  PRO A O   1 
ATOM   992  C CB  . PRO A 1 136 ? -6.563  1.240   -2.712  1.00 24.89 ? 119  PRO A CB  1 
ATOM   993  C CG  . PRO A 1 136 ? -6.894  2.567   -3.253  1.00 25.71 ? 119  PRO A CG  1 
ATOM   994  C CD  . PRO A 1 136 ? -5.702  3.035   -4.110  1.00 24.64 ? 119  PRO A CD  1 
ATOM   995  N N   . ILE A 1 137 ? -6.064  -1.562  -4.742  1.00 26.33 ? 120  ILE A N   1 
ATOM   996  C CA  . ILE A 1 137 ? -6.728  -2.473  -5.663  1.00 27.46 ? 120  ILE A CA  1 
ATOM   997  C C   . ILE A 1 137 ? -7.466  -3.551  -4.884  1.00 27.41 ? 120  ILE A C   1 
ATOM   998  O O   . ILE A 1 137 ? -6.937  -4.102  -3.919  1.00 26.20 ? 120  ILE A O   1 
ATOM   999  C CB  . ILE A 1 137 ? -5.705  -3.118  -6.616  1.00 27.07 ? 120  ILE A CB  1 
ATOM   1000 C CG1 . ILE A 1 137 ? -4.875  -2.040  -7.316  1.00 25.37 ? 120  ILE A CG1 1 
ATOM   1001 C CG2 . ILE A 1 137 ? -6.407  -4.001  -7.635  1.00 25.52 ? 120  ILE A CG2 1 
ATOM   1002 C CD1 . ILE A 1 137 ? -4.294  -2.481  -8.642  1.00 26.90 ? 120  ILE A CD1 1 
ATOM   1003 N N   . ILE A 1 138 ? -8.691  -3.851  -5.302  1.00 28.43 ? 121  ILE A N   1 
ATOM   1004 C CA  . ILE A 1 138 ? -9.366  -5.109  -4.841  1.00 30.17 ? 121  ILE A CA  1 
ATOM   1005 C C   . ILE A 1 138 ? -9.097  -6.258  -5.840  1.00 30.61 ? 121  ILE A C   1 
ATOM   1006 O O   . ILE A 1 138 ? -9.257  -6.058  -7.049  1.00 30.77 ? 121  ILE A O   1 
ATOM   1007 C CB  . ILE A 1 138 ? -10.890 -4.959  -4.611  1.00 29.14 ? 121  ILE A CB  1 
ATOM   1008 C CG1 . ILE A 1 138 ? -11.147 -3.985  -3.473  1.00 29.39 ? 121  ILE A CG1 1 
ATOM   1009 C CG2 . ILE A 1 138 ? -11.509 -6.358  -4.245  1.00 30.22 ? 121  ILE A CG2 1 
ATOM   1010 C CD1 . ILE A 1 138 ? -12.578 -3.528  -3.299  1.00 35.15 ? 121  ILE A CD1 1 
ATOM   1011 N N   . GLN A 1 139 ? -8.601  -7.402  -5.335  1.00 31.70 ? 122  GLN A N   1 
ATOM   1012 C CA  . GLN A 1 139 ? -8.481  -8.626  -6.119  1.00 32.50 ? 122  GLN A CA  1 
ATOM   1013 C C   . GLN A 1 139 ? -9.070  -9.792  -5.322  1.00 34.48 ? 122  GLN A C   1 
ATOM   1014 O O   . GLN A 1 139 ? -9.139  -9.726  -4.107  1.00 34.40 ? 122  GLN A O   1 
ATOM   1015 C CB  . GLN A 1 139 ? -7.023  -8.924  -6.514  1.00 32.04 ? 122  GLN A CB  1 
ATOM   1016 C CG  . GLN A 1 139 ? -6.501  -8.089  -7.730  1.00 32.39 ? 122  GLN A CG  1 
ATOM   1017 C CD  . GLN A 1 139 ? -7.279  -8.378  -9.015  1.00 30.57 ? 122  GLN A CD  1 
ATOM   1018 O OE1 . GLN A 1 139 ? -8.250  -7.704  -9.333  1.00 34.06 ? 122  GLN A OE1 1 
ATOM   1019 N NE2 . GLN A 1 139 ? -6.891  -9.404  -9.702  1.00 31.29 ? 122  GLN A NE2 1 
ATOM   1020 N N   . PRO A 1 140 ? -9.544  -10.862 -6.013  1.00 35.72 ? 123  PRO A N   1 
ATOM   1021 C CA  . PRO A 1 140 ? -9.983  -12.046 -5.229  1.00 35.44 ? 123  PRO A CA  1 
ATOM   1022 C C   . PRO A 1 140 ? -8.831  -12.740 -4.513  1.00 35.98 ? 123  PRO A C   1 
ATOM   1023 O O   . PRO A 1 140 ? -7.671  -12.558 -4.867  1.00 35.68 ? 123  PRO A O   1 
ATOM   1024 C CB  . PRO A 1 140 ? -10.608 -12.957 -6.302  1.00 35.20 ? 123  PRO A CB  1 
ATOM   1025 C CG  . PRO A 1 140 ? -10.918 -12.063 -7.460  1.00 34.20 ? 123  PRO A CG  1 
ATOM   1026 C CD  . PRO A 1 140 ? -9.818  -11.029 -7.453  1.00 34.43 ? 123  PRO A CD  1 
ATOM   1027 N N   . LYS A 1 141 ? -9.153  -13.531 -3.498  1.00 37.18 ? 124  LYS A N   1 
ATOM   1028 C CA  . LYS A 1 141 ? -8.137  -14.230 -2.718  1.00 39.06 ? 124  LYS A CA  1 
ATOM   1029 C C   . LYS A 1 141 ? -7.264  -15.155 -3.578  1.00 37.78 ? 124  LYS A C   1 
ATOM   1030 O O   . LYS A 1 141 ? -6.108  -15.333 -3.305  1.00 36.58 ? 124  LYS A O   1 
ATOM   1031 C CB  . LYS A 1 141 ? -8.787  -15.031 -1.576  1.00 39.09 ? 124  LYS A CB  1 
ATOM   1032 C CG  . LYS A 1 141 ? -7.763  -15.533 -0.536  1.00 41.21 ? 124  LYS A CG  1 
ATOM   1033 C CD  . LYS A 1 141 ? -8.457  -16.391 0.552   1.00 42.20 ? 124  LYS A CD  1 
ATOM   1034 C CE  . LYS A 1 141 ? -7.485  -16.933 1.588   1.00 43.88 ? 124  LYS A CE  1 
ATOM   1035 N NZ  . LYS A 1 141 ? -6.763  -18.128 1.029   1.00 45.81 ? 124  LYS A NZ  1 
ATOM   1036 N N   . GLU A 1 142 ? -7.845  -15.773 -4.594  1.00 38.61 ? 125  GLU A N   1 
ATOM   1037 C CA  . GLU A 1 142 ? -7.084  -16.673 -5.481  1.00 39.74 ? 125  GLU A CA  1 
ATOM   1038 C C   . GLU A 1 142 ? -5.899  -15.957 -6.160  1.00 37.62 ? 125  GLU A C   1 
ATOM   1039 O O   . GLU A 1 142 ? -4.771  -16.472 -6.192  1.00 37.40 ? 125  GLU A O   1 
ATOM   1040 C CB  . GLU A 1 142 ? -8.040  -17.290 -6.522  1.00 39.54 ? 125  GLU A CB  1 
ATOM   1041 C CG  . GLU A 1 142 ? -7.378  -18.269 -7.493  1.00 44.06 ? 125  GLU A CG  1 
ATOM   1042 C CD  . GLU A 1 142 ? -8.383  -18.824 -8.475  1.00 45.02 ? 125  GLU A CD  1 
ATOM   1043 O OE1 . GLU A 1 142 ? -8.533  -18.191 -9.548  1.00 49.40 ? 125  GLU A OE1 1 
ATOM   1044 O OE2 . GLU A 1 142 ? -9.067  -19.836 -8.137  1.00 51.78 ? 125  GLU A OE2 1 
ATOM   1045 N N   . VAL A 1 143 ? -6.140  -14.757 -6.670  1.00 37.32 ? 126  VAL A N   1 
ATOM   1046 C CA  . VAL A 1 143 ? -5.056  -13.960 -7.286  1.00 36.39 ? 126  VAL A CA  1 
ATOM   1047 C C   . VAL A 1 143 ? -4.050  -13.446 -6.279  1.00 35.90 ? 126  VAL A C   1 
ATOM   1048 O O   . VAL A 1 143 ? -2.837  -13.581 -6.480  1.00 36.30 ? 126  VAL A O   1 
ATOM   1049 C CB  . VAL A 1 143 ? -5.568  -12.897 -8.338  1.00 36.75 ? 126  VAL A CB  1 
ATOM   1050 C CG1 . VAL A 1 143 ? -6.989  -12.574 -8.155  1.00 38.75 ? 126  VAL A CG1 1 
ATOM   1051 C CG2 . VAL A 1 143 ? -4.713  -11.657 -8.415  1.00 35.75 ? 126  VAL A CG2 1 
ATOM   1052 N N   . ARG A 1 144 ? -4.541  -12.938 -5.147  1.00 35.08 ? 127  ARG A N   1 
ATOM   1053 C CA  . ARG A 1 144 ? -3.646  -12.462 -4.104  1.00 33.83 ? 127  ARG A CA  1 
ATOM   1054 C C   . ARG A 1 144 ? -2.754  -13.562 -3.619  1.00 33.70 ? 127  ARG A C   1 
ATOM   1055 O O   . ARG A 1 144 ? -1.587  -13.327 -3.383  1.00 33.61 ? 127  ARG A O   1 
ATOM   1056 C CB  . ARG A 1 144 ? -4.447  -11.825 -2.943  1.00 33.03 ? 127  ARG A CB  1 
ATOM   1057 C CG  . ARG A 1 144 ? -5.055  -10.468 -3.357  1.00 33.32 ? 127  ARG A CG  1 
ATOM   1058 C CD  . ARG A 1 144 ? -5.733  -9.791  -2.210  1.00 34.98 ? 127  ARG A CD  1 
ATOM   1059 N NE  . ARG A 1 144 ? -7.060  -10.353 -1.976  1.00 36.91 ? 127  ARG A NE  1 
ATOM   1060 C CZ  . ARG A 1 144 ? -7.375  -11.060 -0.912  1.00 33.75 ? 127  ARG A CZ  1 
ATOM   1061 N NH1 . ARG A 1 144 ? -6.483  -11.249 0.016   1.00 32.85 ? 127  ARG A NH1 1 
ATOM   1062 N NH2 . ARG A 1 144 ? -8.586  -11.553 -0.780  1.00 40.09 ? 127  ARG A NH2 1 
ATOM   1063 N N   . ASP A 1 145 ? -3.272  -14.780 -3.462  1.00 34.86 ? 128  ASP A N   1 
ATOM   1064 C CA  . ASP A 1 145 ? -2.353  -15.901 -3.104  1.00 36.49 ? 128  ASP A CA  1 
ATOM   1065 C C   . ASP A 1 145 ? -1.333  -16.223 -4.222  1.00 35.05 ? 128  ASP A C   1 
ATOM   1066 O O   . ASP A 1 145 ? -0.194  -16.586 -3.947  1.00 35.34 ? 128  ASP A O   1 
ATOM   1067 C CB  . ASP A 1 145 ? -3.131  -17.162 -2.662  1.00 37.04 ? 128  ASP A CB  1 
ATOM   1068 C CG  . ASP A 1 145 ? -3.832  -16.981 -1.295  1.00 40.42 ? 128  ASP A CG  1 
ATOM   1069 O OD1 . ASP A 1 145 ? -4.875  -17.630 -1.100  1.00 43.59 ? 128  ASP A OD1 1 
ATOM   1070 O OD2 . ASP A 1 145 ? -3.348  -16.195 -0.436  1.00 42.92 ? 128  ASP A OD2 1 
ATOM   1071 N N   . LYS A 1 146 ? -1.718  -16.026 -5.472  1.00 34.65 ? 129  LYS A N   1 
ATOM   1072 C CA  . LYS A 1 146 ? -0.724  -16.186 -6.571  1.00 34.88 ? 129  LYS A CA  1 
ATOM   1073 C C   . LYS A 1 146 ? 0.379   -15.134 -6.491  1.00 32.90 ? 129  LYS A C   1 
ATOM   1074 O O   . LYS A 1 146 ? 1.586   -15.475 -6.506  1.00 32.20 ? 129  LYS A O   1 
ATOM   1075 C CB  . LYS A 1 146 ? -1.389  -16.175 -7.951  1.00 34.89 ? 129  LYS A CB  1 
ATOM   1076 C CG  . LYS A 1 146 ? -2.061  -17.457 -8.300  1.00 36.83 ? 129  LYS A CG  1 
ATOM   1077 C CD  . LYS A 1 146 ? -3.086  -17.260 -9.370  1.00 39.11 ? 129  LYS A CD  1 
ATOM   1078 C CE  . LYS A 1 146 ? -3.548  -18.609 -9.890  1.00 42.74 ? 129  LYS A CE  1 
ATOM   1079 N NZ  . LYS A 1 146 ? -4.290  -18.373 -11.181 1.00 44.13 ? 129  LYS A NZ  1 
ATOM   1080 N N   . LEU A 1 147 ? -0.050  -13.875 -6.337  1.00 31.77 ? 130  LEU A N   1 
ATOM   1081 C CA  . LEU A 1 147 ? 0.891   -12.741 -6.154  1.00 30.55 ? 130  LEU A CA  1 
ATOM   1082 C C   . LEU A 1 147 ? 1.808   -12.865 -4.967  1.00 30.91 ? 130  LEU A C   1 
ATOM   1083 O O   . LEU A 1 147 ? 2.990   -12.447 -5.041  1.00 31.91 ? 130  LEU A O   1 
ATOM   1084 C CB  . LEU A 1 147 ? 0.125   -11.410 -6.065  1.00 29.79 ? 130  LEU A CB  1 
ATOM   1085 C CG  . LEU A 1 147 ? -0.651  -11.075 -7.338  1.00 30.77 ? 130  LEU A CG  1 
ATOM   1086 C CD1 . LEU A 1 147 ? -1.551  -9.860  -7.157  1.00 30.13 ? 130  LEU A CD1 1 
ATOM   1087 C CD2 . LEU A 1 147 ? 0.236   -10.945 -8.609  1.00 29.30 ? 130  LEU A CD2 1 
ATOM   1088 N N   . ALA A 1 148 ? 1.287   -13.398 -3.854  1.00 31.21 ? 131  ALA A N   1 
ATOM   1089 C CA  . ALA A 1 148 ? 2.085   -13.612 -2.640  1.00 33.58 ? 131  ALA A CA  1 
ATOM   1090 C C   . ALA A 1 148 ? 3.279   -14.561 -2.863  1.00 34.65 ? 131  ALA A C   1 
ATOM   1091 O O   . ALA A 1 148 ? 4.301   -14.474 -2.157  1.00 34.93 ? 131  ALA A O   1 
ATOM   1092 C CB  . ALA A 1 148 ? 1.189   -14.113 -1.456  1.00 32.79 ? 131  ALA A CB  1 
ATOM   1093 N N   . LYS A 1 149 ? 3.180   -15.420 -3.881  1.00 36.93 ? 132  LYS A N   1 
ATOM   1094 C CA  . LYS A 1 149 ? 4.259   -16.395 -4.174  1.00 38.56 ? 132  LYS A CA  1 
ATOM   1095 C C   . LYS A 1 149 ? 5.276   -15.882 -5.203  1.00 39.40 ? 132  LYS A C   1 
ATOM   1096 O O   . LYS A 1 149 ? 6.245   -16.582 -5.519  1.00 40.19 ? 132  LYS A O   1 
ATOM   1097 C CB  . LYS A 1 149 ? 3.687   -17.722 -4.649  1.00 38.70 ? 132  LYS A CB  1 
ATOM   1098 C CG  . LYS A 1 149 ? 2.819   -18.469 -3.642  1.00 42.31 ? 132  LYS A CG  1 
ATOM   1099 C CD  . LYS A 1 149 ? 2.030   -19.575 -4.385  1.00 48.16 ? 132  LYS A CD  1 
ATOM   1100 C CE  . LYS A 1 149 ? 1.118   -20.367 -3.438  1.00 51.11 ? 132  LYS A CE  1 
ATOM   1101 N NZ  . LYS A 1 149 ? 1.868   -21.416 -2.666  1.00 54.16 ? 132  LYS A NZ  1 
ATOM   1102 N N   . LEU A 1 150 ? 5.085   -14.657 -5.710  1.00 38.72 ? 133  LEU A N   1 
ATOM   1103 C CA  . LEU A 1 150 ? 6.118   -14.018 -6.530  1.00 37.22 ? 133  LEU A CA  1 
ATOM   1104 C C   . LEU A 1 150 ? 7.481   -14.073 -5.887  1.00 38.48 ? 133  LEU A C   1 
ATOM   1105 O O   . LEU A 1 150 ? 7.605   -14.202 -4.657  1.00 38.76 ? 133  LEU A O   1 
ATOM   1106 C CB  . LEU A 1 150 ? 5.733   -12.557 -6.903  1.00 37.44 ? 133  LEU A CB  1 
ATOM   1107 C CG  . LEU A 1 150 ? 4.535   -12.417 -7.845  1.00 36.29 ? 133  LEU A CG  1 
ATOM   1108 C CD1 . LEU A 1 150 ? 4.043   -10.944 -7.873  1.00 36.81 ? 133  LEU A CD1 1 
ATOM   1109 C CD2 . LEU A 1 150 ? 4.896   -12.941 -9.275  1.00 37.08 ? 133  LEU A CD2 1 
ATOM   1110 N N   . LYS A 1 151 ? 8.523   -13.989 -6.713  1.00 38.03 ? 134  LYS A N   1 
ATOM   1111 C CA  . LYS A 1 151 ? 9.855   -13.796 -6.190  1.00 38.28 ? 134  LYS A CA  1 
ATOM   1112 C C   . LYS A 1 151 ? 9.997   -12.323 -5.865  1.00 36.69 ? 134  LYS A C   1 
ATOM   1113 O O   . LYS A 1 151 ? 9.346   -11.508 -6.477  1.00 36.92 ? 134  LYS A O   1 
ATOM   1114 C CB  . LYS A 1 151 ? 10.928  -14.233 -7.197  1.00 37.37 ? 134  LYS A CB  1 
ATOM   1115 C CG  . LYS A 1 151 ? 10.793  -15.721 -7.557  1.00 39.35 ? 134  LYS A CG  1 
ATOM   1116 C CD  . LYS A 1 151 ? 12.052  -16.294 -8.221  1.00 41.90 ? 134  LYS A CD  1 
ATOM   1117 C CE  . LYS A 1 151 ? 12.528  -15.434 -9.408  1.00 43.96 ? 134  LYS A CE  1 
ATOM   1118 N NZ  . LYS A 1 151 ? 11.487  -15.359 -10.471 1.00 47.34 ? 134  LYS A NZ  1 
ATOM   1119 N N   . PRO A 1 152 ? 10.811  -11.999 -4.860  1.00 35.98 ? 135  PRO A N   1 
ATOM   1120 C CA  . PRO A 1 152 ? 11.099  -10.635 -4.454  1.00 35.65 ? 135  PRO A CA  1 
ATOM   1121 C C   . PRO A 1 152 ? 11.606  -9.741  -5.594  1.00 35.45 ? 135  PRO A C   1 
ATOM   1122 O O   . PRO A 1 152 ? 11.531  -8.521  -5.509  1.00 35.69 ? 135  PRO A O   1 
ATOM   1123 C CB  . PRO A 1 152 ? 12.199  -10.797 -3.397  1.00 34.78 ? 135  PRO A CB  1 
ATOM   1124 C CG  . PRO A 1 152 ? 12.194  -12.204 -2.994  1.00 36.54 ? 135  PRO A CG  1 
ATOM   1125 C CD  . PRO A 1 152 ? 11.436  -13.009 -3.988  1.00 35.93 ? 135  PRO A CD  1 
ATOM   1126 N N   . THR A 1 153 ? 12.174  -10.344 -6.628  1.00 35.94 ? 136  THR A N   1 
ATOM   1127 C CA  . THR A 1 153 ? 12.853  -9.621  -7.726  1.00 34.83 ? 136  THR A CA  1 
ATOM   1128 C C   . THR A 1 153 ? 11.904  -9.514  -8.894  1.00 34.93 ? 136  THR A C   1 
ATOM   1129 O O   . THR A 1 153 ? 12.157  -8.751  -9.813  1.00 35.73 ? 136  THR A O   1 
ATOM   1130 C CB  . THR A 1 153 ? 14.108  -10.389 -8.237  1.00 34.15 ? 136  THR A CB  1 
ATOM   1131 O OG1 . THR A 1 153 ? 13.770  -11.775 -8.373  1.00 35.34 ? 136  THR A OG1 1 
ATOM   1132 C CG2 . THR A 1 153 ? 15.279  -10.246 -7.310  1.00 34.19 ? 136  THR A CG2 1 
ATOM   1133 N N   . ASP A 1 154 ? 10.815  -10.274 -8.865  1.00 35.05 ? 137  ASP A N   1 
ATOM   1134 C CA  . ASP A 1 154 ? 9.778   -10.176 -9.885  1.00 36.50 ? 137  ASP A CA  1 
ATOM   1135 C C   . ASP A 1 154 ? 9.107   -8.786  -10.042 1.00 37.98 ? 137  ASP A C   1 
ATOM   1136 O O   . ASP A 1 154 ? 8.592   -8.196  -9.050  1.00 37.86 ? 137  ASP A O   1 
ATOM   1137 C CB  . ASP A 1 154 ? 8.696   -11.226 -9.630  1.00 36.84 ? 137  ASP A CB  1 
ATOM   1138 C CG  . ASP A 1 154 ? 9.099   -12.613 -10.101 1.00 38.58 ? 137  ASP A CG  1 
ATOM   1139 O OD1 . ASP A 1 154 ? 10.101  -12.713 -10.873 1.00 38.88 ? 137  ASP A OD1 1 
ATOM   1140 O OD2 . ASP A 1 154 ? 8.411   -13.585 -9.700  1.00 38.52 ? 137  ASP A OD2 1 
ATOM   1141 N N   . GLU A 1 155 ? 9.107   -8.282  -11.285 1.00 36.53 ? 138  GLU A N   1 
ATOM   1142 C CA  . GLU A 1 155 ? 8.415   -7.058  -11.623 1.00 35.85 ? 138  GLU A CA  1 
ATOM   1143 C C   . GLU A 1 155 ? 6.987   -7.290  -11.930 1.00 35.41 ? 138  GLU A C   1 
ATOM   1144 O O   . GLU A 1 155 ? 6.598   -8.327  -12.500 1.00 36.48 ? 138  GLU A O   1 
ATOM   1145 C CB  . GLU A 1 155 ? 9.085   -6.324  -12.755 1.00 36.10 ? 138  GLU A CB  1 
ATOM   1146 C CG  . GLU A 1 155 ? 10.325  -5.646  -12.241 1.00 37.17 ? 138  GLU A CG  1 
ATOM   1147 C CD  . GLU A 1 155 ? 11.161  -5.006  -13.335 1.00 43.74 ? 138  GLU A CD  1 
ATOM   1148 O OE1 . GLU A 1 155 ? 10.787  -5.081  -14.528 1.00 45.54 ? 138  GLU A OE1 1 
ATOM   1149 O OE2 . GLU A 1 155 ? 12.196  -4.409  -12.995 1.00 46.82 ? 138  GLU A OE2 1 
ATOM   1150 N N   . VAL A 1 156 ? 6.179   -6.329  -11.484 1.00 34.13 ? 139  VAL A N   1 
ATOM   1151 C CA  . VAL A 1 156 ? 4.777   -6.346  -11.708 1.00 32.26 ? 139  VAL A CA  1 
ATOM   1152 C C   . VAL A 1 156 ? 4.426   -4.979  -12.306 1.00 31.90 ? 139  VAL A C   1 
ATOM   1153 O O   . VAL A 1 156 ? 4.786   -3.945  -11.740 1.00 29.82 ? 139  VAL A O   1 
ATOM   1154 C CB  . VAL A 1 156 ? 4.011   -6.568  -10.404 1.00 32.29 ? 139  VAL A CB  1 
ATOM   1155 C CG1 . VAL A 1 156 ? 2.534   -6.347  -10.617 1.00 32.04 ? 139  VAL A CG1 1 
ATOM   1156 C CG2 . VAL A 1 156 ? 4.224   -8.028  -9.866  1.00 32.26 ? 139  VAL A CG2 1 
ATOM   1157 N N   . THR A 1 157 ? 3.685   -5.003  -13.428 1.00 30.90 ? 140  THR A N   1 
ATOM   1158 C CA  . THR A 1 157 ? 3.185   -3.783  -14.047 1.00 30.45 ? 140  THR A CA  1 
ATOM   1159 C C   . THR A 1 157 ? 1.695   -3.587  -13.848 1.00 30.72 ? 140  THR A C   1 
ATOM   1160 O O   . THR A 1 157 ? 0.928   -4.492  -14.066 1.00 31.15 ? 140  THR A O   1 
ATOM   1161 C CB  . THR A 1 157 ? 3.575   -3.697  -15.536 1.00 29.97 ? 140  THR A CB  1 
ATOM   1162 O OG1 . THR A 1 157 ? 4.995   -3.541  -15.630 1.00 29.59 ? 140  THR A OG1 1 
ATOM   1163 C CG2 . THR A 1 157 ? 2.921   -2.454  -16.219 1.00 27.98 ? 140  THR A CG2 1 
ATOM   1164 N N   . VAL A 1 158 ? 1.304   -2.378  -13.417 1.00 30.50 ? 141  VAL A N   1 
ATOM   1165 C CA  . VAL A 1 158 ? -0.084  -2.033  -13.239 1.00 31.37 ? 141  VAL A CA  1 
ATOM   1166 C C   . VAL A 1 158 ? -0.379  -0.937  -14.230 1.00 31.54 ? 141  VAL A C   1 
ATOM   1167 O O   . VAL A 1 158 ? 0.254   0.110   -14.269 1.00 30.87 ? 141  VAL A O   1 
ATOM   1168 C CB  . VAL A 1 158 ? -0.485  -1.578  -11.782 1.00 31.67 ? 141  VAL A CB  1 
ATOM   1169 C CG1 . VAL A 1 158 ? -1.946  -1.211  -11.775 1.00 31.77 ? 141  VAL A CG1 1 
ATOM   1170 C CG2 . VAL A 1 158 ? -0.143  -2.673  -10.706 1.00 30.67 ? 141  VAL A CG2 1 
ATOM   1171 N N   . ASN A 1 159 ? -1.335  -1.241  -15.088 1.00 32.41 ? 142  ASN A N   1 
ATOM   1172 C CA  . ASN A 1 159 ? -1.663  -0.356  -16.159 1.00 32.16 ? 142  ASN A CA  1 
ATOM   1173 C C   . ASN A 1 159 ? -3.062  0.068   -15.907 1.00 30.70 ? 142  ASN A C   1 
ATOM   1174 O O   . ASN A 1 159 ? -3.969  -0.727  -16.088 1.00 31.30 ? 142  ASN A O   1 
ATOM   1175 C CB  . ASN A 1 159 ? -1.551  -1.115  -17.488 1.00 32.85 ? 142  ASN A CB  1 
ATOM   1176 C CG  . ASN A 1 159 ? -1.821  -0.229  -18.678 1.00 36.21 ? 142  ASN A CG  1 
ATOM   1177 O OD1 . ASN A 1 159 ? -2.697  0.671   -18.634 1.00 32.20 ? 142  ASN A OD1 1 
ATOM   1178 N ND2 . ASN A 1 159 ? -1.026  -0.426  -19.743 1.00 37.66 ? 142  ASN A ND2 1 
ATOM   1179 N N   . LEU A 1 160 ? -3.237  1.321   -15.480 1.00 29.88 ? 143  LEU A N   1 
ATOM   1180 C CA  . LEU A 1 160 ? -4.562  1.836   -15.173 1.00 28.70 ? 143  LEU A CA  1 
ATOM   1181 C C   . LEU A 1 160 ? -5.473  2.100   -16.387 1.00 29.47 ? 143  LEU A C   1 
ATOM   1182 O O   . LEU A 1 160 ? -6.676  1.954   -16.242 1.00 28.84 ? 143  LEU A O   1 
ATOM   1183 C CB  . LEU A 1 160 ? -4.463  3.083   -14.274 1.00 29.18 ? 143  LEU A CB  1 
ATOM   1184 C CG  . LEU A 1 160 ? -5.726  3.808   -13.788 1.00 29.07 ? 143  LEU A CG  1 
ATOM   1185 C CD1 . LEU A 1 160 ? -6.681  2.810   -13.070 1.00 30.29 ? 143  LEU A CD1 1 
ATOM   1186 C CD2 . LEU A 1 160 ? -5.389  4.977   -12.907 1.00 26.40 ? 143  LEU A CD2 1 
ATOM   1187 N N   . PHE A 1 161 ? -4.926  2.525   -17.543 1.00 29.65 ? 144  PHE A N   1 
ATOM   1188 C CA  . PHE A 1 161 ? -5.722  2.553   -18.806 1.00 32.21 ? 144  PHE A CA  1 
ATOM   1189 C C   . PHE A 1 161 ? -6.449  1.216   -19.067 1.00 33.12 ? 144  PHE A C   1 
ATOM   1190 O O   . PHE A 1 161 ? -7.645  1.180   -19.321 1.00 34.61 ? 144  PHE A O   1 
ATOM   1191 C CB  . PHE A 1 161 ? -4.857  2.873   -20.042 1.00 30.95 ? 144  PHE A CB  1 
ATOM   1192 C CG  . PHE A 1 161 ? -4.185  4.190   -19.995 1.00 29.54 ? 144  PHE A CG  1 
ATOM   1193 C CD1 . PHE A 1 161 ? -4.916  5.374   -20.178 1.00 29.42 ? 144  PHE A CD1 1 
ATOM   1194 C CD2 . PHE A 1 161 ? -2.800  4.257   -19.820 1.00 27.95 ? 144  PHE A CD2 1 
ATOM   1195 C CE1 . PHE A 1 161 ? -4.248  6.653   -20.152 1.00 26.85 ? 144  PHE A CE1 1 
ATOM   1196 C CE2 . PHE A 1 161 ? -2.112  5.508   -19.775 1.00 27.30 ? 144  PHE A CE2 1 
ATOM   1197 C CZ  . PHE A 1 161 ? -2.838  6.703   -19.953 1.00 27.90 ? 144  PHE A CZ  1 
ATOM   1198 N N   . GLU A 1 162 ? -5.701  0.124   -18.996 1.00 34.61 ? 145  GLU A N   1 
ATOM   1199 C CA  . GLU A 1 162 ? -6.236  -1.211  -19.204 1.00 35.92 ? 145  GLU A CA  1 
ATOM   1200 C C   . GLU A 1 162 ? -6.924  -1.846  -17.974 1.00 35.65 ? 145  GLU A C   1 
ATOM   1201 O O   . GLU A 1 162 ? -7.691  -2.823  -18.124 1.00 34.46 ? 145  GLU A O   1 
ATOM   1202 C CB  . GLU A 1 162 ? -5.091  -2.118  -19.511 1.00 36.82 ? 145  GLU A CB  1 
ATOM   1203 C CG  . GLU A 1 162 ? -4.335  -1.759  -20.696 1.00 43.28 ? 145  GLU A CG  1 
ATOM   1204 C CD  . GLU A 1 162 ? -3.865  -3.005  -21.334 1.00 49.95 ? 145  GLU A CD  1 
ATOM   1205 O OE1 . GLU A 1 162 ? -3.069  -3.754  -20.683 1.00 50.02 ? 145  GLU A OE1 1 
ATOM   1206 O OE2 . GLU A 1 162 ? -4.378  -3.253  -22.450 1.00 54.94 ? 145  GLU A OE2 1 
ATOM   1207 N N   . GLN A 1 163 ? -6.610  -1.335  -16.770 1.00 34.16 ? 146  GLN A N   1 
ATOM   1208 C CA  . GLN A 1 163 ? -7.100  -1.930  -15.519 1.00 32.44 ? 146  GLN A CA  1 
ATOM   1209 C C   . GLN A 1 163 ? -6.679  -3.375  -15.501 1.00 32.51 ? 146  GLN A C   1 
ATOM   1210 O O   . GLN A 1 163 ? -7.497  -4.281  -15.343 1.00 32.90 ? 146  GLN A O   1 
ATOM   1211 C CB  . GLN A 1 163 ? -8.599  -1.774  -15.375 1.00 32.56 ? 146  GLN A CB  1 
ATOM   1212 C CG  . GLN A 1 163 ? -9.058  -0.320  -15.373 1.00 31.00 ? 146  GLN A CG  1 
ATOM   1213 C CD  . GLN A 1 163 ? -10.531 -0.183  -15.050 1.00 34.55 ? 146  GLN A CD  1 
ATOM   1214 O OE1 . GLN A 1 163 ? -11.155 -1.114  -14.492 1.00 37.45 ? 146  GLN A OE1 1 
ATOM   1215 N NE2 . GLN A 1 163 ? -11.117 0.970   -15.397 1.00 30.53 ? 146  GLN A NE2 1 
ATOM   1216 N N   . LYS A 1 164 ? -5.381  -3.560  -15.698 1.00 31.70 ? 147  LYS A N   1 
ATOM   1217 C CA  . LYS A 1 164 ? -4.751  -4.837  -15.714 1.00 32.76 ? 147  LYS A CA  1 
ATOM   1218 C C   . LYS A 1 164 ? -3.489  -4.813  -14.898 1.00 31.82 ? 147  LYS A C   1 
ATOM   1219 O O   . LYS A 1 164 ? -2.767  -3.820  -14.882 1.00 30.66 ? 147  LYS A O   1 
ATOM   1220 C CB  . LYS A 1 164 ? -4.388  -5.302  -17.158 1.00 33.50 ? 147  LYS A CB  1 
ATOM   1221 C CG  . LYS A 1 164 ? -5.587  -5.687  -18.016 1.00 38.85 ? 147  LYS A CG  1 
ATOM   1222 C CD  . LYS A 1 164 ? -5.428  -7.107  -18.577 1.00 48.02 ? 147  LYS A CD  1 
ATOM   1223 C CE  . LYS A 1 164 ? -6.612  -7.406  -19.517 1.00 52.07 ? 147  LYS A CE  1 
ATOM   1224 N NZ  . LYS A 1 164 ? -6.479  -8.738  -20.215 1.00 53.85 ? 147  LYS A NZ  1 
ATOM   1225 N N   . ILE A 1 165 ? -3.210  -5.958  -14.285 1.00 31.07 ? 148  ILE A N   1 
ATOM   1226 C CA  . ILE A 1 165 ? -1.956  -6.214  -13.617 1.00 32.10 ? 148  ILE A CA  1 
ATOM   1227 C C   . ILE A 1 165 ? -1.229  -7.259  -14.438 1.00 33.12 ? 148  ILE A C   1 
ATOM   1228 O O   . ILE A 1 165 ? -1.855  -8.268  -14.782 1.00 33.60 ? 148  ILE A O   1 
ATOM   1229 C CB  . ILE A 1 165 ? -2.209  -6.755  -12.152 1.00 31.65 ? 148  ILE A CB  1 
ATOM   1230 C CG1 . ILE A 1 165 ? -2.854  -5.664  -11.284 1.00 31.35 ? 148  ILE A CG1 1 
ATOM   1231 C CG2 . ILE A 1 165 ? -0.936  -7.258  -11.542 1.00 30.36 ? 148  ILE A CG2 1 
ATOM   1232 C CD1 . ILE A 1 165 ? -3.880  -6.224  -10.249 1.00 27.07 ? 148  ILE A CD1 1 
ATOM   1233 N N   . TYR A 1 166 ? 0.063   -7.047  -14.742 1.00 33.33 ? 149  TYR A N   1 
ATOM   1234 C CA  . TYR A 1 166 ? 0.881   -8.079  -15.393 1.00 34.58 ? 149  TYR A CA  1 
ATOM   1235 C C   . TYR A 1 166 ? 1.932   -8.613  -14.445 1.00 34.24 ? 149  TYR A C   1 
ATOM   1236 O O   . TYR A 1 166 ? 2.681   -7.815  -13.886 1.00 32.84 ? 149  TYR A O   1 
ATOM   1237 C CB  . TYR A 1 166 ? 1.598   -7.524  -16.641 1.00 34.52 ? 149  TYR A CB  1 
ATOM   1238 C CG  . TYR A 1 166 ? 0.634   -7.048  -17.676 1.00 36.10 ? 149  TYR A CG  1 
ATOM   1239 C CD1 . TYR A 1 166 ? 0.100   -7.951  -18.616 1.00 38.00 ? 149  TYR A CD1 1 
ATOM   1240 C CD2 . TYR A 1 166 ? 0.216   -5.710  -17.724 1.00 37.74 ? 149  TYR A CD2 1 
ATOM   1241 C CE1 . TYR A 1 166 ? -0.786  -7.522  -19.582 1.00 36.68 ? 149  TYR A CE1 1 
ATOM   1242 C CE2 . TYR A 1 166 ? -0.700  -5.279  -18.697 1.00 38.22 ? 149  TYR A CE2 1 
ATOM   1243 C CZ  . TYR A 1 166 ? -1.181  -6.197  -19.622 1.00 36.61 ? 149  TYR A CZ  1 
ATOM   1244 O OH  . TYR A 1 166 ? -2.073  -5.821  -20.615 1.00 38.40 ? 149  TYR A OH  1 
ATOM   1245 N N   . SER A 1 167 ? 2.027   -9.941  -14.295 1.00 33.75 ? 150  SER A N   1 
ATOM   1246 C CA  . SER A 1 167 ? 3.126   -10.491 -13.471 1.00 35.22 ? 150  SER A CA  1 
ATOM   1247 C C   . SER A 1 167 ? 3.634   -11.858 -13.964 1.00 34.45 ? 150  SER A C   1 
ATOM   1248 O O   . SER A 1 167 ? 2.973   -12.485 -14.747 1.00 33.82 ? 150  SER A O   1 
ATOM   1249 C CB  . SER A 1 167 ? 2.671   -10.607 -12.013 1.00 34.87 ? 150  SER A CB  1 
ATOM   1250 O OG  . SER A 1 167 ? 1.643   -11.577 -11.965 1.00 37.08 ? 150  SER A OG  1 
ATOM   1251 N N   . PRO A 1 168 ? 4.807   -12.311 -13.485 1.00 35.52 ? 151  PRO A N   1 
ATOM   1252 C CA  . PRO A 1 168 ? 5.256   -13.663 -13.799 1.00 36.53 ? 151  PRO A CA  1 
ATOM   1253 C C   . PRO A 1 168 ? 4.283   -14.779 -13.428 1.00 38.67 ? 151  PRO A C   1 
ATOM   1254 O O   . PRO A 1 168 ? 4.418   -15.881 -13.959 1.00 37.89 ? 151  PRO A O   1 
ATOM   1255 C CB  . PRO A 1 168 ? 6.529   -13.785 -12.990 1.00 36.41 ? 151  PRO A CB  1 
ATOM   1256 C CG  . PRO A 1 168 ? 7.060   -12.425 -13.017 1.00 36.73 ? 151  PRO A CG  1 
ATOM   1257 C CD  . PRO A 1 168 ? 5.863   -11.561 -12.777 1.00 34.18 ? 151  PRO A CD  1 
ATOM   1258 N N   . VAL A 1 169 ? 3.298   -14.475 -12.562 1.00 40.02 ? 152  VAL A N   1 
ATOM   1259 C CA  . VAL A 1 169 ? 2.320   -15.446 -12.058 1.00 40.78 ? 152  VAL A CA  1 
ATOM   1260 C C   . VAL A 1 169 ? 0.956   -15.306 -12.681 1.00 41.07 ? 152  VAL A C   1 
ATOM   1261 O O   . VAL A 1 169 ? 0.016   -16.015 -12.297 1.00 42.61 ? 152  VAL A O   1 
ATOM   1262 C CB  . VAL A 1 169 ? 2.187   -15.378 -10.516 1.00 42.25 ? 152  VAL A CB  1 
ATOM   1263 C CG1 . VAL A 1 169 ? 1.054   -14.372 -10.079 1.00 39.51 ? 152  VAL A CG1 1 
ATOM   1264 C CG2 . VAL A 1 169 ? 1.977   -16.785 -9.959  1.00 44.29 ? 152  VAL A CG2 1 
ATOM   1265 N N   . GLY A 1 170 ? 0.828   -14.419 -13.671 1.00 39.87 ? 153  GLY A N   1 
ATOM   1266 C CA  . GLY A 1 170 ? -0.434  -14.258 -14.317 1.00 38.13 ? 153  GLY A CA  1 
ATOM   1267 C C   . GLY A 1 170 ? -0.715  -12.808 -14.546 1.00 38.75 ? 153  GLY A C   1 
ATOM   1268 O O   . GLY A 1 170 ? -0.110  -11.924 -13.940 1.00 38.45 ? 153  GLY A O   1 
ATOM   1269 N N   . ASP A 1 171 ? -1.674  -12.563 -15.419 1.00 39.30 ? 154  ASP A N   1 
ATOM   1270 C CA  . ASP A 1 171 ? -2.070  -11.220 -15.742 1.00 40.34 ? 154  ASP A CA  1 
ATOM   1271 C C   . ASP A 1 171 ? -3.563  -11.126 -15.312 1.00 39.70 ? 154  ASP A C   1 
ATOM   1272 O O   . ASP A 1 171 ? -4.316  -12.104 -15.425 1.00 39.46 ? 154  ASP A O   1 
ATOM   1273 C CB  . ASP A 1 171 ? -1.703  -10.918 -17.232 1.00 40.97 ? 154  ASP A CB  1 
ATOM   1274 C CG  . ASP A 1 171 ? -0.276  -11.559 -17.661 1.00 43.18 ? 154  ASP A CG  1 
ATOM   1275 O OD1 . ASP A 1 171 ? 0.817   -11.078 -17.233 1.00 40.97 ? 154  ASP A OD1 1 
ATOM   1276 O OD2 . ASP A 1 171 ? -0.239  -12.597 -18.399 1.00 46.10 ? 154  ASP A OD2 1 
ATOM   1277 N N   . PHE A 1 172 ? -3.966  -10.010 -14.695 1.00 39.12 ? 155  PHE A N   1 
ATOM   1278 C CA  . PHE A 1 172 ? -5.303  -9.930  -14.007 1.00 37.87 ? 155  PHE A CA  1 
ATOM   1279 C C   . PHE A 1 172 ? -5.987  -8.589  -14.192 1.00 37.66 ? 155  PHE A C   1 
ATOM   1280 O O   . PHE A 1 172 ? -5.339  -7.581  -14.079 1.00 39.12 ? 155  PHE A O   1 
ATOM   1281 C CB  . PHE A 1 172 ? -5.148  -10.155 -12.480 1.00 35.98 ? 155  PHE A CB  1 
ATOM   1282 C CG  . PHE A 1 172 ? -4.278  -11.348 -12.100 1.00 34.81 ? 155  PHE A CG  1 
ATOM   1283 C CD1 . PHE A 1 172 ? -4.831  -12.642 -12.023 1.00 35.41 ? 155  PHE A CD1 1 
ATOM   1284 C CD2 . PHE A 1 172 ? -2.919  -11.174 -11.809 1.00 30.56 ? 155  PHE A CD2 1 
ATOM   1285 C CE1 . PHE A 1 172 ? -4.024  -13.774 -11.652 1.00 37.03 ? 155  PHE A CE1 1 
ATOM   1286 C CE2 . PHE A 1 172 ? -2.095  -12.274 -11.460 1.00 33.61 ? 155  PHE A CE2 1 
ATOM   1287 C CZ  . PHE A 1 172 ? -2.641  -13.593 -11.374 1.00 33.38 ? 155  PHE A CZ  1 
ATOM   1288 N N   . SER A 1 173 ? -7.302  -8.580  -14.392 1.00 37.55 ? 156  SER A N   1 
ATOM   1289 C CA  . SER A 1 173 ? -8.097  -7.362  -14.471 1.00 37.17 ? 156  SER A CA  1 
ATOM   1290 C C   . SER A 1 173 ? -8.614  -6.892  -13.117 1.00 36.71 ? 156  SER A C   1 
ATOM   1291 O O   . SER A 1 173 ? -8.839  -7.702  -12.208 1.00 36.64 ? 156  SER A O   1 
ATOM   1292 C CB  . SER A 1 173 ? -9.290  -7.592  -15.395 1.00 37.16 ? 156  SER A CB  1 
ATOM   1293 O OG  . SER A 1 173 ? -8.835  -8.308  -16.522 1.00 39.45 ? 156  SER A OG  1 
ATOM   1294 N N   . PHE A 1 174 ? -8.860  -5.589  -12.988 1.00 35.67 ? 157  PHE A N   1 
ATOM   1295 C CA  . PHE A 1 174 ? -9.447  -5.075  -11.736 1.00 35.01 ? 157  PHE A CA  1 
ATOM   1296 C C   . PHE A 1 174 ? -10.459 -4.017  -12.049 1.00 35.60 ? 157  PHE A C   1 
ATOM   1297 O O   . PHE A 1 174 ? -10.441 -3.449  -13.141 1.00 35.65 ? 157  PHE A O   1 
ATOM   1298 C CB  . PHE A 1 174 ? -8.360  -4.544  -10.762 1.00 33.22 ? 157  PHE A CB  1 
ATOM   1299 C CG  . PHE A 1 174 ? -7.556  -3.359  -11.287 1.00 30.18 ? 157  PHE A CG  1 
ATOM   1300 C CD1 . PHE A 1 174 ? -7.972  -2.061  -11.036 1.00 27.28 ? 157  PHE A CD1 1 
ATOM   1301 C CD2 . PHE A 1 174 ? -6.355  -3.556  -11.973 1.00 28.72 ? 157  PHE A CD2 1 
ATOM   1302 C CE1 . PHE A 1 174 ? -7.215  -0.955  -11.485 1.00 26.14 ? 157  PHE A CE1 1 
ATOM   1303 C CE2 . PHE A 1 174 ? -5.571  -2.453  -12.423 1.00 27.13 ? 157  PHE A CE2 1 
ATOM   1304 C CZ  . PHE A 1 174 ? -6.023  -1.150  -12.189 1.00 27.90 ? 157  PHE A CZ  1 
ATOM   1305 N N   . ASP A 1 175 ? -11.350 -3.765  -11.094 1.00 36.34 ? 158  ASP A N   1 
ATOM   1306 C CA  . ASP A 1 175 ? -12.327 -2.697  -11.202 1.00 37.35 ? 158  ASP A CA  1 
ATOM   1307 C C   . ASP A 1 175 ? -11.852 -1.466  -10.467 1.00 36.96 ? 158  ASP A C   1 
ATOM   1308 O O   . ASP A 1 175 ? -11.137 -1.561  -9.445  1.00 36.81 ? 158  ASP A O   1 
ATOM   1309 C CB  . ASP A 1 175 ? -13.669 -3.112  -10.577 1.00 37.89 ? 158  ASP A CB  1 
ATOM   1310 C CG  . ASP A 1 175 ? -14.253 -4.368  -11.221 1.00 43.43 ? 158  ASP A CG  1 
ATOM   1311 O OD1 . ASP A 1 175 ? -14.942 -5.122  -10.492 1.00 49.63 ? 158  ASP A OD1 1 
ATOM   1312 O OD2 . ASP A 1 175 ? -14.013 -4.600  -12.445 1.00 46.77 ? 158  ASP A OD2 1 
ATOM   1313 N N   . ILE A 1 176 ? -12.290 -0.315  -10.969 1.00 36.21 ? 159  ILE A N   1 
ATOM   1314 C CA  . ILE A 1 176 ? -12.135 0.957   -10.277 1.00 35.77 ? 159  ILE A CA  1 
ATOM   1315 C C   . ILE A 1 176 ? -13.218 1.906   -10.791 1.00 36.08 ? 159  ILE A C   1 
ATOM   1316 O O   . ILE A 1 176 ? -13.584 1.865   -11.972 1.00 36.30 ? 159  ILE A O   1 
ATOM   1317 C CB  . ILE A 1 176 ? -10.687 1.575   -10.420 1.00 35.26 ? 159  ILE A CB  1 
ATOM   1318 C CG1 . ILE A 1 176 ? -10.525 2.813   -9.527  1.00 34.20 ? 159  ILE A CG1 1 
ATOM   1319 C CG2 . ILE A 1 176 ? -10.313 1.912   -11.889 1.00 34.65 ? 159  ILE A CG2 1 
ATOM   1320 C CD1 . ILE A 1 176 ? -9.071  3.190   -9.221  1.00 35.07 ? 159  ILE A CD1 1 
ATOM   1321 N N   . ASP A 1 177 ? -13.720 2.754   -9.910  1.00 36.54 ? 160  ASP A N   1 
ATOM   1322 C CA  . ASP A 1 177 ? -14.751 3.725   -10.283 1.00 37.94 ? 160  ASP A CA  1 
ATOM   1323 C C   . ASP A 1 177 ? -14.195 4.699   -11.294 1.00 37.35 ? 160  ASP A C   1 
ATOM   1324 O O   . ASP A 1 177 ? -13.063 5.168   -11.150 1.00 37.33 ? 160  ASP A O   1 
ATOM   1325 C CB  . ASP A 1 177 ? -15.293 4.493   -9.061  1.00 37.87 ? 160  ASP A CB  1 
ATOM   1326 C CG  . ASP A 1 177 ? -16.459 5.421   -9.417  1.00 42.61 ? 160  ASP A CG  1 
ATOM   1327 O OD1 . ASP A 1 177 ? -16.251 6.641   -9.570  1.00 48.34 ? 160  ASP A OD1 1 
ATOM   1328 O OD2 . ASP A 1 177 ? -17.595 4.945   -9.563  1.00 46.61 ? 160  ASP A OD2 1 
ATOM   1329 N N   . GLY A 1 178 ? -15.022 5.015   -12.301 1.00 37.35 ? 161  GLY A N   1 
ATOM   1330 C CA  . GLY A 1 178 ? -14.651 5.893   -13.395 1.00 36.38 ? 161  GLY A CA  1 
ATOM   1331 C C   . GLY A 1 178 ? -14.170 7.254   -12.969 1.00 36.11 ? 161  GLY A C   1 
ATOM   1332 O O   . GLY A 1 178 ? -13.356 7.852   -13.635 1.00 36.57 ? 161  GLY A O   1 
ATOM   1333 N N   . GLU A 1 179 ? -14.668 7.755   -11.855 1.00 36.13 ? 162  GLU A N   1 
ATOM   1334 C CA  . GLU A 1 179 ? -14.265 9.060   -11.354 1.00 36.39 ? 162  GLU A CA  1 
ATOM   1335 C C   . GLU A 1 179 ? -12.856 9.042   -10.758 1.00 34.06 ? 162  GLU A C   1 
ATOM   1336 O O   . GLU A 1 179 ? -12.111 9.987   -10.912 1.00 32.50 ? 162  GLU A O   1 
ATOM   1337 C CB  . GLU A 1 179 ? -15.276 9.549   -10.307 1.00 36.75 ? 162  GLU A CB  1 
ATOM   1338 C CG  . GLU A 1 179 ? -16.709 9.653   -10.890 1.00 41.38 ? 162  GLU A CG  1 
ATOM   1339 C CD  . GLU A 1 179 ? -17.750 10.098  -9.872  1.00 41.78 ? 162  GLU A CD  1 
ATOM   1340 O OE1 . GLU A 1 179 ? -17.370 10.418  -8.710  1.00 49.04 ? 162  GLU A OE1 1 
ATOM   1341 O OE2 . GLU A 1 179 ? -18.940 10.131  -10.253 1.00 47.67 ? 162  GLU A OE2 1 
ATOM   1342 N N   . TRP A 1 180 ? -12.532 7.972   -10.026 1.00 32.95 ? 163  TRP A N   1 
ATOM   1343 C CA  . TRP A 1 180 ? -11.169 7.775   -9.529  1.00 32.40 ? 163  TRP A CA  1 
ATOM   1344 C C   . TRP A 1 180 ? -10.236 7.596   -10.724 1.00 31.68 ? 163  TRP A C   1 
ATOM   1345 O O   . TRP A 1 180 ? -9.196  8.225   -10.765 1.00 32.96 ? 163  TRP A O   1 
ATOM   1346 C CB  . TRP A 1 180 ? -11.086 6.574   -8.563  1.00 31.15 ? 163  TRP A CB  1 
ATOM   1347 C CG  . TRP A 1 180 ? -11.617 6.923   -7.216  1.00 30.82 ? 163  TRP A CG  1 
ATOM   1348 C CD1 . TRP A 1 180 ? -12.618 6.290   -6.529  1.00 30.33 ? 163  TRP A CD1 1 
ATOM   1349 C CD2 . TRP A 1 180 ? -11.189 8.022   -6.397  1.00 29.21 ? 163  TRP A CD2 1 
ATOM   1350 N NE1 . TRP A 1 180 ? -12.820 6.906   -5.312  1.00 32.24 ? 163  TRP A NE1 1 
ATOM   1351 C CE2 . TRP A 1 180 ? -11.945 7.967   -5.199  1.00 32.78 ? 163  TRP A CE2 1 
ATOM   1352 C CE3 . TRP A 1 180 ? -10.191 9.014   -6.533  1.00 29.76 ? 163  TRP A CE3 1 
ATOM   1353 C CZ2 . TRP A 1 180 ? -11.767 8.897   -4.155  1.00 31.33 ? 163  TRP A CZ2 1 
ATOM   1354 C CZ3 . TRP A 1 180 ? -10.000 9.916   -5.493  1.00 31.08 ? 163  TRP A CZ3 1 
ATOM   1355 C CH2 . TRP A 1 180 ? -10.813 9.866   -4.322  1.00 30.09 ? 163  TRP A CH2 1 
ATOM   1356 N N   . LYS A 1 181 ? -10.614 6.747   -11.678 1.00 31.13 ? 164  LYS A N   1 
ATOM   1357 C CA  . LYS A 1 181 ? -9.832  6.598   -12.925 1.00 31.67 ? 164  LYS A CA  1 
ATOM   1358 C C   . LYS A 1 181 ? -9.474  7.963   -13.549 1.00 31.32 ? 164  LYS A C   1 
ATOM   1359 O O   . LYS A 1 181 ? -8.313  8.226   -13.815 1.00 32.66 ? 164  LYS A O   1 
ATOM   1360 C CB  . LYS A 1 181 ? -10.580 5.703   -13.937 1.00 31.37 ? 164  LYS A CB  1 
ATOM   1361 C CG  . LYS A 1 181 ? -9.709  5.287   -15.099 1.00 30.18 ? 164  LYS A CG  1 
ATOM   1362 C CD  . LYS A 1 181 ? -10.403 4.257   -15.972 1.00 32.11 ? 164  LYS A CD  1 
ATOM   1363 C CE  . LYS A 1 181 ? -9.414  3.801   -17.016 1.00 29.96 ? 164  LYS A CE  1 
ATOM   1364 N NZ  . LYS A 1 181 ? -9.826  2.545   -17.652 1.00 34.33 ? 164  LYS A NZ  1 
ATOM   1365 N N   . HIS A 1 182 ? -10.474 8.829   -13.753 1.00 31.44 ? 165  HIS A N   1 
ATOM   1366 C CA  . HIS A 1 182 ? -10.290 10.172  -14.321 1.00 30.30 ? 165  HIS A CA  1 
ATOM   1367 C C   . HIS A 1 182 ? -9.335  11.007  -13.481 1.00 30.89 ? 165  HIS A C   1 
ATOM   1368 O O   . HIS A 1 182 ? -8.449  11.658  -14.016 1.00 31.08 ? 165  HIS A O   1 
ATOM   1369 C CB  . HIS A 1 182 ? -11.664 10.881  -14.453 1.00 30.50 ? 165  HIS A CB  1 
ATOM   1370 C CG  . HIS A 1 182 ? -11.572 12.326  -14.887 1.00 29.69 ? 165  HIS A CG  1 
ATOM   1371 N ND1 . HIS A 1 182 ? -11.748 12.736  -16.196 1.00 27.44 ? 165  HIS A ND1 1 
ATOM   1372 C CD2 . HIS A 1 182 ? -11.325 13.452  -14.173 1.00 32.22 ? 165  HIS A CD2 1 
ATOM   1373 C CE1 . HIS A 1 182 ? -11.601 14.051  -16.263 1.00 30.53 ? 165  HIS A CE1 1 
ATOM   1374 N NE2 . HIS A 1 182 ? -11.339 14.512  -15.049 1.00 29.49 ? 165  HIS A NE2 1 
ATOM   1375 N N   . LYS A 1 183 ? -9.531  11.036  -12.156 1.00 31.56 ? 166  LYS A N   1 
ATOM   1376 C CA  . LYS A 1 183 ? -8.600  11.759  -11.280 1.00 31.75 ? 166  LYS A CA  1 
ATOM   1377 C C   . LYS A 1 183 ? -7.181  11.209  -11.309 1.00 31.00 ? 166  LYS A C   1 
ATOM   1378 O O   . LYS A 1 183 ? -6.221  12.000  -11.392 1.00 29.71 ? 166  LYS A O   1 
ATOM   1379 C CB  . LYS A 1 183 ? -9.091  11.842  -9.836  1.00 31.81 ? 166  LYS A CB  1 
ATOM   1380 C CG  . LYS A 1 183 ? -10.419 12.605  -9.708  1.00 35.01 ? 166  LYS A CG  1 
ATOM   1381 C CD  . LYS A 1 183 ? -10.831 12.840  -8.262  1.00 35.79 ? 166  LYS A CD  1 
ATOM   1382 C CE  . LYS A 1 183 ? -12.240 12.325  -8.067  1.00 43.72 ? 166  LYS A CE  1 
ATOM   1383 N NZ  . LYS A 1 183 ? -12.740 12.387  -6.627  1.00 50.92 ? 166  LYS A NZ  1 
ATOM   1384 N N   . LEU A 1 184 ? -7.021  9.885   -11.233 1.00 30.90 ? 167  LEU A N   1 
ATOM   1385 C CA  . LEU A 1 184 ? -5.652  9.306   -11.209 1.00 31.58 ? 167  LEU A CA  1 
ATOM   1386 C C   . LEU A 1 184 ? -4.951  9.541   -12.555 1.00 31.60 ? 167  LEU A C   1 
ATOM   1387 O O   . LEU A 1 184 ? -3.839  10.049  -12.573 1.00 32.39 ? 167  LEU A O   1 
ATOM   1388 C CB  . LEU A 1 184 ? -5.645  7.815   -10.859 1.00 32.29 ? 167  LEU A CB  1 
ATOM   1389 C CG  . LEU A 1 184 ? -6.032  7.201   -9.475  1.00 36.18 ? 167  LEU A CG  1 
ATOM   1390 C CD1 . LEU A 1 184 ? -4.914  6.379   -8.801  1.00 32.33 ? 167  LEU A CD1 1 
ATOM   1391 C CD2 . LEU A 1 184 ? -6.738  8.195   -8.479  1.00 34.15 ? 167  LEU A CD2 1 
ATOM   1392 N N   . LEU A 1 185 ? -5.617  9.236   -13.666 1.00 31.22 ? 168  LEU A N   1 
ATOM   1393 C CA  . LEU A 1 185 ? -4.966  9.317   -14.998 1.00 32.62 ? 168  LEU A CA  1 
ATOM   1394 C C   . LEU A 1 185 ? -4.528  10.740  -15.349 1.00 34.13 ? 168  LEU A C   1 
ATOM   1395 O O   . LEU A 1 185 ? -3.516  10.947  -16.037 1.00 34.28 ? 168  LEU A O   1 
ATOM   1396 C CB  . LEU A 1 185 ? -5.846  8.743   -16.115 1.00 31.51 ? 168  LEU A CB  1 
ATOM   1397 C CG  . LEU A 1 185 ? -6.102  7.251   -16.131 1.00 31.40 ? 168  LEU A CG  1 
ATOM   1398 C CD1 . LEU A 1 185 ? -7.074  6.932   -17.284 1.00 32.56 ? 168  LEU A CD1 1 
ATOM   1399 C CD2 . LEU A 1 185 ? -4.779  6.479   -16.318 1.00 32.65 ? 168  LEU A CD2 1 
ATOM   1400 N N   . ASN A 1 186 ? -5.270  11.718  -14.847 1.00 35.79 ? 169  ASN A N   1 
ATOM   1401 C CA  . ASN A 1 186 ? -4.945  13.113  -15.071 1.00 37.65 ? 169  ASN A CA  1 
ATOM   1402 C C   . ASN A 1 186 ? -4.240  13.648  -13.841 1.00 40.66 ? 169  ASN A C   1 
ATOM   1403 O O   . ASN A 1 186 ? -4.026  12.925  -12.853 1.00 41.10 ? 169  ASN A O   1 
ATOM   1404 C CB  . ASN A 1 186 ? -6.212  13.890  -15.494 1.00 36.15 ? 169  ASN A CB  1 
ATOM   1405 C CG  . ASN A 1 186 ? -6.818  13.342  -16.790 1.00 34.41 ? 169  ASN A CG  1 
ATOM   1406 O OD1 . ASN A 1 186 ? -7.842  12.639  -16.774 1.00 33.30 ? 169  ASN A OD1 1 
ATOM   1407 N ND2 . ASN A 1 186 ? -6.142  13.578  -17.905 1.00 30.99 ? 169  ASN A ND2 1 
ATOM   1408 N N   . GLY A 1 187 ? -3.792  14.881  -13.844 1.00 44.44 ? 170  GLY A N   1 
ATOM   1409 C CA  . GLY A 1 187 ? -3.056  15.250  -12.601 1.00 50.04 ? 170  GLY A CA  1 
ATOM   1410 C C   . GLY A 1 187 ? -3.936  15.881  -11.511 1.00 52.50 ? 170  GLY A C   1 
ATOM   1411 O O   . GLY A 1 187 ? -3.527  16.885  -10.914 1.00 53.38 ? 170  GLY A O   1 
ATOM   1412 N N   . LEU A 1 188 ? -5.120  15.297  -11.241 1.00 54.57 ? 171  LEU A N   1 
ATOM   1413 C CA  . LEU A 1 188 ? -6.311  16.122  -10.888 1.00 56.61 ? 171  LEU A CA  1 
ATOM   1414 C C   . LEU A 1 188 ? -6.921  16.075  -9.474  1.00 58.64 ? 171  LEU A C   1 
ATOM   1415 O O   . LEU A 1 188 ? -7.685  15.148  -9.162  1.00 59.35 ? 171  LEU A O   1 
ATOM   1416 C CB  . LEU A 1 188 ? -7.428  15.952  -11.939 1.00 56.04 ? 171  LEU A CB  1 
ATOM   1417 C CG  . LEU A 1 188 ? -7.400  16.692  -13.300 1.00 55.12 ? 171  LEU A CG  1 
ATOM   1418 C CD1 . LEU A 1 188 ? -8.782  16.619  -13.929 1.00 53.84 ? 171  LEU A CD1 1 
ATOM   1419 C CD2 . LEU A 1 188 ? -6.904  18.176  -13.286 1.00 54.90 ? 171  LEU A CD2 1 
ATOM   1420 N N   . ASP A 1 189 ? -6.621  17.090  -8.645  1.00 60.45 ? 172  ASP A N   1 
ATOM   1421 C CA  . ASP A 1 189 ? -7.301  17.263  -7.332  1.00 62.04 ? 172  ASP A CA  1 
ATOM   1422 C C   . ASP A 1 189 ? -8.110  18.568  -7.253  1.00 63.64 ? 172  ASP A C   1 
ATOM   1423 O O   . ASP A 1 189 ? -7.657  19.587  -6.683  1.00 64.70 ? 172  ASP A O   1 
ATOM   1424 C CB  . ASP A 1 189 ? -6.331  17.133  -6.128  1.00 62.11 ? 172  ASP A CB  1 
ATOM   1425 C CG  . ASP A 1 189 ? -5.179  18.147  -6.163  1.00 61.59 ? 172  ASP A CG  1 
ATOM   1426 O OD1 . ASP A 1 189 ? -5.368  19.299  -5.721  1.00 61.60 ? 172  ASP A OD1 1 
ATOM   1427 O OD2 . ASP A 1 189 ? -4.074  17.789  -6.616  1.00 61.13 ? 172  ASP A OD2 1 
HETATM 1428 S S   . SO4 B 2 .   ? 10.383  8.911   6.312   1.00 49.01 ? 1001 SO4 A S   1 
HETATM 1429 O O1  . SO4 B 2 .   ? 9.140   9.239   5.552   1.00 44.11 ? 1001 SO4 A O1  1 
HETATM 1430 O O2  . SO4 B 2 .   ? 11.054  7.810   5.552   1.00 47.56 ? 1001 SO4 A O2  1 
HETATM 1431 O O3  . SO4 B 2 .   ? 10.202  8.499   7.747   1.00 44.18 ? 1001 SO4 A O3  1 
HETATM 1432 O O4  . SO4 B 2 .   ? 11.188  10.151  6.364   1.00 47.75 ? 1001 SO4 A O4  1 
HETATM 1433 S S   . SO4 C 2 .   ? -12.772 -14.178 -3.046  1.00 80.79 ? 1002 SO4 A S   1 
HETATM 1434 O O1  . SO4 C 2 .   ? -12.626 -12.867 -3.665  1.00 81.76 ? 1002 SO4 A O1  1 
HETATM 1435 O O2  . SO4 C 2 .   ? -14.190 -14.430 -2.811  1.00 79.05 ? 1002 SO4 A O2  1 
HETATM 1436 O O3  . SO4 C 2 .   ? -12.023 -14.298 -1.790  1.00 80.07 ? 1002 SO4 A O3  1 
HETATM 1437 O O4  . SO4 C 2 .   ? -12.224 -15.123 -4.025  1.00 81.56 ? 1002 SO4 A O4  1 
HETATM 1438 S S   . SO4 D 2 .   ? -4.722  -13.694 9.515   1.00 69.86 ? 1003 SO4 A S   1 
HETATM 1439 O O1  . SO4 D 2 .   ? -5.838  -14.447 10.111  1.00 71.84 ? 1003 SO4 A O1  1 
HETATM 1440 O O2  . SO4 D 2 .   ? -3.582  -14.611 9.340   1.00 69.40 ? 1003 SO4 A O2  1 
HETATM 1441 O O3  . SO4 D 2 .   ? -4.329  -12.598 10.422  1.00 66.79 ? 1003 SO4 A O3  1 
HETATM 1442 O O4  . SO4 D 2 .   ? -5.245  -13.223 8.237   1.00 67.25 ? 1003 SO4 A O4  1 
HETATM 1443 O O   . HOH E 3 .   ? -5.445  -6.505  5.868   1.00 21.71 ? 1004 HOH A O   1 
HETATM 1444 O O   . HOH E 3 .   ? 2.148   -1.058  14.362  1.00 29.72 ? 1005 HOH A O   1 
HETATM 1445 O O   . HOH E 3 .   ? -8.640  -3.371  9.105   1.00 30.23 ? 1006 HOH A O   1 
HETATM 1446 O O   . HOH E 3 .   ? 7.872   -9.228  -6.582  1.00 24.37 ? 1007 HOH A O   1 
HETATM 1447 O O   . HOH E 3 .   ? -2.838  11.283  -5.082  1.00 35.99 ? 1008 HOH A O   1 
HETATM 1448 O O   . HOH E 3 .   ? -7.407  8.222   13.915  1.00 31.73 ? 1009 HOH A O   1 
HETATM 1449 O O   . HOH E 3 .   ? -4.766  11.019  10.485  1.00 35.98 ? 1010 HOH A O   1 
HETATM 1450 O O   . HOH E 3 .   ? 11.274  4.057   6.155   1.00 31.92 ? 1011 HOH A O   1 
HETATM 1451 O O   . HOH E 3 .   ? -13.495 2.678   -6.912  1.00 29.30 ? 1012 HOH A O   1 
HETATM 1452 O O   . HOH E 3 .   ? -8.615  5.825   7.495   1.00 26.95 ? 1013 HOH A O   1 
HETATM 1453 O O   . HOH E 3 .   ? 10.237  -6.955  -3.640  1.00 27.80 ? 1014 HOH A O   1 
HETATM 1454 O O   . HOH E 3 .   ? -7.237  11.722  9.281   1.00 30.58 ? 1015 HOH A O   1 
HETATM 1455 O O   . HOH E 3 .   ? -10.383 -2.210  -7.023  1.00 28.32 ? 1016 HOH A O   1 
HETATM 1456 O O   . HOH E 3 .   ? -14.179 -0.884  -13.547 1.00 31.85 ? 1017 HOH A O   1 
HETATM 1457 O O   . HOH E 3 .   ? 4.693   6.128   -2.405  1.00 25.85 ? 1018 HOH A O   1 
HETATM 1458 O O   . HOH E 3 .   ? 17.782  -6.772  14.297  1.00 28.41 ? 1019 HOH A O   1 
HETATM 1459 O O   . HOH E 3 .   ? 16.070  -6.581  9.770   1.00 28.11 ? 1020 HOH A O   1 
HETATM 1460 O O   . HOH E 3 .   ? -9.641  0.294   -6.755  1.00 36.36 ? 1021 HOH A O   1 
HETATM 1461 O O   . HOH E 3 .   ? -1.592  11.617  -17.830 1.00 35.31 ? 1022 HOH A O   1 
HETATM 1462 O O   . HOH E 3 .   ? 4.851   10.486  0.052   1.00 35.08 ? 1023 HOH A O   1 
HETATM 1463 O O   . HOH E 3 .   ? 4.698   -10.960 -3.315  1.00 33.05 ? 1024 HOH A O   1 
HETATM 1464 O O   . HOH E 3 .   ? -10.200 3.618   7.460   1.00 31.02 ? 1025 HOH A O   1 
HETATM 1465 O O   . HOH E 3 .   ? 6.690   -10.646 8.381   1.00 30.44 ? 1026 HOH A O   1 
HETATM 1466 O O   . HOH E 3 .   ? -3.223  13.219  19.334  1.00 27.87 ? 1027 HOH A O   1 
HETATM 1467 O O   . HOH E 3 .   ? 7.012   -12.218 -2.754  1.00 27.62 ? 1028 HOH A O   1 
HETATM 1468 O O   . HOH E 3 .   ? 7.021   2.695   -13.108 1.00 34.63 ? 1029 HOH A O   1 
HETATM 1469 O O   . HOH E 3 .   ? 4.551   -12.497 4.407   1.00 29.62 ? 1030 HOH A O   1 
HETATM 1470 O O   . HOH E 3 .   ? 12.768  -4.316  -5.522  1.00 32.99 ? 1031 HOH A O   1 
HETATM 1471 O O   . HOH E 3 .   ? -8.675  11.408  1.732   1.00 36.13 ? 1032 HOH A O   1 
HETATM 1472 O O   . HOH E 3 .   ? -13.102 6.614   12.720  1.00 34.91 ? 1033 HOH A O   1 
HETATM 1473 O O   . HOH E 3 .   ? 9.697   11.596  10.783  1.00 41.40 ? 1034 HOH A O   1 
HETATM 1474 O O   . HOH E 3 .   ? -5.830  6.078   5.846   1.00 30.08 ? 1035 HOH A O   1 
HETATM 1475 O O   . HOH E 3 .   ? -13.280 -2.496  -0.041  1.00 36.00 ? 1036 HOH A O   1 
HETATM 1476 O O   . HOH E 3 .   ? 2.202   -13.067 4.606   1.00 36.95 ? 1037 HOH A O   1 
HETATM 1477 O O   . HOH E 3 .   ? -4.175  -8.049  11.347  1.00 30.06 ? 1038 HOH A O   1 
HETATM 1478 O O   . HOH E 3 .   ? 5.783   -8.831  -15.278 1.00 35.18 ? 1039 HOH A O   1 
HETATM 1479 O O   . HOH E 3 .   ? -1.485  8.468   -7.822  1.00 33.15 ? 1040 HOH A O   1 
HETATM 1480 O O   . HOH E 3 .   ? 10.607  14.325  9.246   1.00 47.41 ? 1041 HOH A O   1 
HETATM 1481 O O   . HOH E 3 .   ? -2.014  -14.260 -18.731 1.00 36.21 ? 1042 HOH A O   1 
HETATM 1482 O O   . HOH E 3 .   ? -15.302 3.925   -5.481  1.00 37.14 ? 1043 HOH A O   1 
HETATM 1483 O O   . HOH E 3 .   ? 2.164   5.970   -13.099 1.00 27.30 ? 1044 HOH A O   1 
HETATM 1484 O O   . HOH E 3 .   ? 9.497   12.112  13.347  1.00 37.13 ? 1045 HOH A O   1 
HETATM 1485 O O   . HOH E 3 .   ? -10.394 -16.430 -4.707  1.00 45.54 ? 1046 HOH A O   1 
HETATM 1486 O O   . HOH E 3 .   ? -6.462  14.300  -4.113  1.00 40.97 ? 1047 HOH A O   1 
HETATM 1487 O O   . HOH E 3 .   ? 18.302  -2.478  13.520  1.00 33.95 ? 1048 HOH A O   1 
HETATM 1488 O O   . HOH E 3 .   ? 9.608   -1.657  -6.344  1.00 32.41 ? 1049 HOH A O   1 
HETATM 1489 O O   . HOH E 3 .   ? -17.119 3.386   -13.262 1.00 42.89 ? 1050 HOH A O   1 
HETATM 1490 O O   . HOH E 3 .   ? -11.130 -5.306  -8.587  1.00 28.24 ? 1051 HOH A O   1 
HETATM 1491 O O   . HOH E 3 .   ? -4.675  -2.145  16.577  1.00 41.92 ? 1052 HOH A O   1 
HETATM 1492 O O   . HOH E 3 .   ? 8.155   -6.303  16.320  1.00 30.81 ? 1053 HOH A O   1 
HETATM 1493 O O   . HOH E 3 .   ? 0.352   4.497   20.014  1.00 38.21 ? 1054 HOH A O   1 
HETATM 1494 O O   . HOH E 3 .   ? 2.842   1.639   19.192  1.00 34.09 ? 1055 HOH A O   1 
HETATM 1495 O O   . HOH E 3 .   ? -2.628  -16.966 -13.327 1.00 44.85 ? 1056 HOH A O   1 
HETATM 1496 O O   . HOH E 3 .   ? 11.175  -0.718  -8.373  1.00 35.15 ? 1057 HOH A O   1 
HETATM 1497 O O   . HOH E 3 .   ? -3.439  7.727   -5.992  1.00 32.18 ? 1058 HOH A O   1 
HETATM 1498 O O   . HOH E 3 .   ? -7.689  1.866   13.791  1.00 28.53 ? 1059 HOH A O   1 
HETATM 1499 O O   . HOH E 3 .   ? -0.646  -11.843 -21.125 1.00 35.29 ? 1060 HOH A O   1 
HETATM 1500 O O   . HOH E 3 .   ? 14.751  -8.049  -4.620  1.00 37.70 ? 1061 HOH A O   1 
HETATM 1501 O O   . HOH E 3 .   ? 13.199  -5.004  -2.946  1.00 33.78 ? 1062 HOH A O   1 
HETATM 1502 O O   . HOH E 3 .   ? -4.284  -18.963 -5.522  1.00 38.69 ? 1063 HOH A O   1 
HETATM 1503 O O   . HOH E 3 .   ? 1.086   7.873   -8.648  1.00 34.57 ? 1064 HOH A O   1 
HETATM 1504 O O   . HOH E 3 .   ? 18.170  -7.147  11.471  1.00 33.14 ? 1065 HOH A O   1 
HETATM 1505 O O   . HOH E 3 .   ? 5.984   0.935   -15.860 1.00 37.95 ? 1066 HOH A O   1 
HETATM 1506 O O   . HOH E 3 .   ? 11.702  -11.428 15.691  1.00 35.63 ? 1067 HOH A O   1 
HETATM 1507 O O   . HOH E 3 .   ? 11.842  8.769   16.426  1.00 45.95 ? 1068 HOH A O   1 
HETATM 1508 O O   . HOH E 3 .   ? -8.956  3.866   -20.200 1.00 46.40 ? 1069 HOH A O   1 
HETATM 1509 O O   . HOH E 3 .   ? 1.358   14.468  -10.617 1.00 41.01 ? 1070 HOH A O   1 
HETATM 1510 O O   . HOH E 3 .   ? 7.742   -17.526 -7.838  1.00 43.51 ? 1071 HOH A O   1 
HETATM 1511 O O   . HOH E 3 .   ? 15.503  0.630   10.113  1.00 32.41 ? 1072 HOH A O   1 
HETATM 1512 O O   . HOH E 3 .   ? 2.524   6.137   -10.416 1.00 39.23 ? 1073 HOH A O   1 
HETATM 1513 O O   . HOH E 3 .   ? 8.397   -0.498  20.459  1.00 45.67 ? 1074 HOH A O   1 
HETATM 1514 O O   . HOH E 3 .   ? 8.234   4.025   -4.181  1.00 38.78 ? 1075 HOH A O   1 
HETATM 1515 O O   . HOH E 3 .   ? 16.857  1.248   12.438  1.00 38.43 ? 1076 HOH A O   1 
HETATM 1516 O O   . HOH E 3 .   ? -13.008 2.453   -14.613 1.00 40.08 ? 1077 HOH A O   1 
HETATM 1517 O O   . HOH E 3 .   ? -6.168  3.956   17.890  1.00 36.14 ? 1078 HOH A O   1 
HETATM 1518 O O   . HOH E 3 .   ? -8.828  -11.418 -13.815 1.00 41.09 ? 1079 HOH A O   1 
HETATM 1519 O O   . HOH E 3 .   ? -6.776  13.605  1.585   1.00 43.12 ? 1080 HOH A O   1 
HETATM 1520 O O   . HOH E 3 .   ? 8.036   -2.497  19.356  1.00 39.07 ? 1081 HOH A O   1 
HETATM 1521 O O   . HOH E 3 .   ? 7.750   -15.958 -10.162 1.00 31.38 ? 1082 HOH A O   1 
HETATM 1522 O O   . HOH E 3 .   ? 1.241   17.322  18.617  1.00 26.67 ? 1083 HOH A O   1 
HETATM 1523 O O   . HOH E 3 .   ? 12.711  -1.113  9.364   1.00 36.26 ? 1084 HOH A O   1 
HETATM 1524 O O   . HOH E 3 .   ? 0.539   -17.937 -1.075  1.00 41.11 ? 1085 HOH A O   1 
HETATM 1525 O O   . HOH E 3 .   ? -12.815 2.656   -18.882 1.00 42.67 ? 1086 HOH A O   1 
HETATM 1526 O O   . HOH E 3 .   ? 0.575   0.419   18.890  1.00 38.47 ? 1087 HOH A O   1 
HETATM 1527 O O   . HOH E 3 .   ? 11.096  1.125   -4.512  1.00 43.29 ? 1088 HOH A O   1 
HETATM 1528 O O   . HOH E 3 .   ? 13.516  0.473   7.321   1.00 39.26 ? 1089 HOH A O   1 
HETATM 1529 O O   . HOH E 3 .   ? 17.418  -7.461  7.552   1.00 39.01 ? 1090 HOH A O   1 
HETATM 1530 O O   . HOH E 3 .   ? -13.520 -4.711  -7.337  1.00 45.39 ? 1091 HOH A O   1 
HETATM 1531 O O   . HOH E 3 .   ? -4.170  16.267  3.066   1.00 43.93 ? 1092 HOH A O   1 
HETATM 1532 O O   . HOH E 3 .   ? -12.773 10.538  2.819   1.00 39.97 ? 1093 HOH A O   1 
HETATM 1533 O O   . HOH E 3 .   ? 11.739  1.617   1.706   1.00 47.32 ? 1094 HOH A O   1 
HETATM 1534 O O   . HOH E 3 .   ? 6.335   -8.861  12.551  1.00 43.06 ? 1095 HOH A O   1 
HETATM 1535 O O   . HOH E 3 .   ? 14.375  -6.426  -6.596  1.00 39.45 ? 1096 HOH A O   1 
HETATM 1536 O O   . HOH E 3 .   ? 2.083   6.350   23.657  1.00 46.10 ? 1097 HOH A O   1 
HETATM 1537 O O   . HOH E 3 .   ? 13.657  -6.834  -9.359  1.00 45.30 ? 1098 HOH A O   1 
HETATM 1538 O O   . HOH E 3 .   ? -0.333  -20.523 -7.030  1.00 45.83 ? 1099 HOH A O   1 
HETATM 1539 O O   . HOH E 3 .   ? -0.403  -4.071  16.906  1.00 51.97 ? 1100 HOH A O   1 
HETATM 1540 O O   . HOH E 3 .   ? -13.269 -2.471  -6.488  1.00 41.89 ? 1101 HOH A O   1 
HETATM 1541 O O   . HOH E 3 .   ? 7.168   -4.379  19.854  1.00 43.60 ? 1102 HOH A O   1 
HETATM 1542 O O   . HOH E 3 .   ? 1.194   -6.374  16.900  1.00 46.28 ? 1103 HOH A O   1 
HETATM 1543 O O   . HOH E 3 .   ? -10.374 13.744  -4.427  1.00 41.54 ? 1104 HOH A O   1 
HETATM 1544 O O   . HOH E 3 .   ? 11.005  -0.496  23.973  1.00 47.41 ? 1105 HOH A O   1 
HETATM 1545 O O   . HOH E 3 .   ? 13.381  -4.186  -10.052 1.00 46.34 ? 1106 HOH A O   1 
HETATM 1546 O O   . HOH E 3 .   ? -14.072 4.549   -16.503 1.00 36.71 ? 1107 HOH A O   1 
HETATM 1547 O O   . HOH E 3 .   ? -14.661 4.695   -0.450  1.00 50.88 ? 1108 HOH A O   1 
HETATM 1548 O O   . HOH E 3 .   ? 4.760   16.582  3.313   1.00 48.15 ? 1109 HOH A O   1 
HETATM 1549 O O   . HOH E 3 .   ? 2.830   20.133  8.421   1.00 38.17 ? 1110 HOH A O   1 
HETATM 1550 O O   . HOH E 3 .   ? 0.059   -0.724  16.501  1.00 39.63 ? 1111 HOH A O   1 
HETATM 1551 O O   . HOH E 3 .   ? -13.260 5.955   15.235  1.00 42.19 ? 1112 HOH A O   1 
HETATM 1552 O O   . HOH E 3 .   ? -1.797  -19.707 -4.959  1.00 43.23 ? 1113 HOH A O   1 
HETATM 1553 O O   . HOH E 3 .   ? -16.198 -0.028  -9.714  1.00 46.66 ? 1114 HOH A O   1 
HETATM 1554 O O   . HOH E 3 .   ? -13.320 0.376   -1.790  1.00 54.74 ? 1115 HOH A O   1 
HETATM 1555 O O   . HOH E 3 .   ? -14.435 -0.029  -7.719  1.00 39.57 ? 1116 HOH A O   1 
HETATM 1556 O O   . HOH E 3 .   ? 2.938   -15.201 1.592   1.00 42.12 ? 1117 HOH A O   1 
HETATM 1557 O O   . HOH E 3 .   ? 9.362   1.280   -9.840  1.00 42.88 ? 1118 HOH A O   1 
HETATM 1558 O O   . HOH E 3 .   ? -9.713  -13.504 -10.889 1.00 39.59 ? 1119 HOH A O   1 
HETATM 1559 O O   . HOH E 3 .   ? 13.482  4.124   7.865   1.00 51.78 ? 1120 HOH A O   1 
# 
